data_9H7Z
#
_entry.id   9H7Z
#
_cell.length_a   85.219
_cell.length_b   82.251
_cell.length_c   103.300
_cell.angle_alpha   90.000
_cell.angle_beta   106.267
_cell.angle_gamma   90.000
#
_symmetry.space_group_name_H-M   'P 1 21 1'
#
loop_
_entity.id
_entity.type
_entity.pdbx_description
1 polymer 'Glucose oxidase'
2 branched alpha-D-mannopyranose-(1-2)-alpha-D-mannopyranose-(1-3)-[alpha-D-mannopyranose-(1-6)]beta-D-mannopyranose-(1-4)-2-acetamido-2-deoxy-beta-D-glucopyranose-(1-4)-2-acetamido-2-deoxy-beta-D-glucopyranose
3 branched 2-acetamido-2-deoxy-beta-D-glucopyranose-(1-4)-2-acetamido-2-deoxy-beta-D-glucopyranose
4 branched alpha-D-mannopyranose-(1-2)-alpha-D-mannopyranose-(1-3)-[alpha-D-mannopyranose-(1-3)-[alpha-D-mannopyranose-(1-6)]beta-D-mannopyranose-(1-6)]beta-D-mannopyranose-(1-4)-2-acetamido-2-deoxy-beta-D-glucopyranose-(1-4)-2-acetamido-2-deoxy-beta-D-glucopyranose
5 non-polymer 1,2-ETHANEDIOL
6 non-polymer alpha-D-mannopyranose
7 non-polymer 2-acetamido-2-deoxy-beta-D-glucopyranose
8 non-polymer 'FLAVIN-ADENINE DINUCLEOTIDE'
9 non-polymer 'CHLORIDE ION'
10 non-polymer 'SODIUM ION'
11 non-polymer 'BARIUM ION'
12 non-polymer 'BROMIDE ION'
13 water water
#
_entity_poly.entity_id   1
_entity_poly.type   'polypeptide(L)'
_entity_poly.pdbx_seq_one_letter_code
;MQTLLVSSLVVSLAAALPHYIRSNGIEASLLTDPKDVSGRTVDYIIAGGGLTGLTTAARLTENPNISVLVIESGSYESDR
GPIIEDLNAYGDIFGSSVDHAYETVELATNNQTALIRSGNGLGGSTLVNGGTWTRPHKAQVDSWETVFGNEGWNWDNVAA
YSLQAERARAPNAKQIAAGHYFNASCHGVNGTVHAGPRDTGDDYSPIVKALMSAVEDRGVPTKKDFGCGDPHGVSMFPNT
LHEDQVRSDAAREWLLPNYQRPNLQVLTGQYVGKVLLSQNGTTPRAVGVEFGTHKGNTHNVYAKHEVLLAAGSAVSPTIL
EYSGIGMKSILEPLGIDTVVDLPVGLNLQDQTTATVRSRITSAGAGQGQAAWFATFNETFGDYSEKAHELLNTKLEQWAE
EAVARGGFHNTTALLIQYENYRDWIVNHNVAYSELFLDTAGVASFDVWDLLPFTRGYVHILDKDPYLHHFAYDPQYFLNE
LDLLGQAAATQLARNISNSGAMQTYFAGETIPGDNLAYDADLSAWTEYIPYHFRPNYHGVGTCSMMPKEMGGVVDNAARV
YGVQGLRVIDGSIPPTQMSSHVMTVFYAMALKISDAILEDYASMQ
;
_entity_poly.pdbx_strand_id   A,M
#
loop_
_chem_comp.id
_chem_comp.type
_chem_comp.name
_chem_comp.formula
BA non-polymer 'BARIUM ION' 'Ba 2'
BMA D-saccharide, beta linking beta-D-mannopyranose 'C6 H12 O6'
BR non-polymer 'BROMIDE ION' 'Br -1'
CL non-polymer 'CHLORIDE ION' 'Cl -1'
EDO non-polymer 1,2-ETHANEDIOL 'C2 H6 O2'
FAD non-polymer 'FLAVIN-ADENINE DINUCLEOTIDE' 'C27 H33 N9 O15 P2'
MAN D-saccharide, alpha linking alpha-D-mannopyranose 'C6 H12 O6'
NA non-polymer 'SODIUM ION' 'Na 1'
NAG D-saccharide, beta linking 2-acetamido-2-deoxy-beta-D-glucopyranose 'C8 H15 N O6'
#
# COMPACT_ATOMS: atom_id res chain seq x y z
N GLY A 25 -30.93 14.64 3.65
CA GLY A 25 -29.59 14.56 4.23
C GLY A 25 -28.50 14.65 3.18
N ILE A 26 -27.26 14.88 3.60
CA ILE A 26 -26.19 15.09 2.63
C ILE A 26 -25.98 13.83 1.80
N GLU A 27 -26.05 12.66 2.45
CA GLU A 27 -25.75 11.42 1.73
C GLU A 27 -26.66 11.25 0.53
N ALA A 28 -27.96 11.51 0.70
CA ALA A 28 -28.89 11.36 -0.41
C ALA A 28 -28.65 12.39 -1.51
N SER A 29 -28.00 13.52 -1.21
CA SER A 29 -27.77 14.55 -2.22
C SER A 29 -26.57 14.24 -3.09
N LEU A 30 -25.70 13.32 -2.65
CA LEU A 30 -24.48 13.02 -3.38
C LEU A 30 -24.81 12.16 -4.60
N LEU A 31 -24.11 12.41 -5.70
CA LEU A 31 -24.27 11.61 -6.91
C LEU A 31 -23.27 10.46 -6.91
N THR A 32 -23.72 9.30 -7.38
CA THR A 32 -22.87 8.13 -7.55
C THR A 32 -22.90 7.57 -8.96
N ASP A 33 -23.90 7.93 -9.77
CA ASP A 33 -24.07 7.36 -11.09
C ASP A 33 -23.44 8.28 -12.11
N PRO A 34 -22.41 7.82 -12.83
CA PRO A 34 -21.79 8.70 -13.85
C PRO A 34 -22.76 9.24 -14.88
N LYS A 35 -23.84 8.51 -15.16
CA LYS A 35 -24.81 8.98 -16.15
C LYS A 35 -25.54 10.23 -15.69
N ASP A 36 -25.44 10.60 -14.42
CA ASP A 36 -26.12 11.82 -13.98
C ASP A 36 -25.44 13.07 -14.53
N VAL A 37 -24.15 13.00 -14.86
CA VAL A 37 -23.41 14.16 -15.32
C VAL A 37 -22.80 13.96 -16.70
N SER A 38 -22.75 12.73 -17.21
CA SER A 38 -22.09 12.45 -18.48
C SER A 38 -22.67 13.31 -19.60
N GLY A 39 -21.77 13.94 -20.36
CA GLY A 39 -22.18 14.75 -21.50
C GLY A 39 -22.69 16.12 -21.17
N ARG A 40 -22.80 16.47 -19.89
CA ARG A 40 -23.35 17.76 -19.53
C ARG A 40 -22.24 18.80 -19.43
N THR A 41 -22.64 20.06 -19.32
CA THR A 41 -21.73 21.18 -19.17
C THR A 41 -22.07 21.93 -17.89
N VAL A 42 -21.06 22.22 -17.08
CA VAL A 42 -21.18 23.08 -15.91
C VAL A 42 -20.16 24.21 -16.08
N ASP A 43 -20.26 25.20 -15.19
CA ASP A 43 -19.33 26.33 -15.26
C ASP A 43 -17.93 25.93 -14.83
N TYR A 44 -17.81 25.23 -13.70
CA TYR A 44 -16.53 24.82 -13.16
C TYR A 44 -16.56 23.34 -12.77
N ILE A 45 -15.49 22.63 -13.14
CA ILE A 45 -15.27 21.26 -12.69
C ILE A 45 -14.10 21.29 -11.73
N ILE A 46 -14.26 20.71 -10.55
CA ILE A 46 -13.21 20.59 -9.54
C ILE A 46 -12.88 19.11 -9.42
N ALA A 47 -11.63 18.76 -9.72
CA ALA A 47 -11.13 17.39 -9.61
C ALA A 47 -10.55 17.21 -8.21
N GLY A 48 -11.27 16.49 -7.35
CA GLY A 48 -10.83 16.27 -5.99
C GLY A 48 -11.67 17.04 -4.98
N GLY A 49 -12.39 16.34 -4.10
CA GLY A 49 -13.16 17.01 -3.07
C GLY A 49 -12.47 17.00 -1.72
N GLY A 50 -11.24 17.49 -1.66
CA GLY A 50 -10.46 17.57 -0.45
C GLY A 50 -10.50 18.96 0.15
N LEU A 51 -9.44 19.34 0.84
CA LEU A 51 -9.39 20.63 1.53
C LEU A 51 -9.58 21.80 0.55
N THR A 52 -8.70 21.91 -0.45
CA THR A 52 -8.79 23.06 -1.32
C THR A 52 -9.99 22.95 -2.26
N GLY A 53 -10.34 21.74 -2.67
CA GLY A 53 -11.44 21.57 -3.60
C GLY A 53 -12.79 21.94 -3.00
N LEU A 54 -13.05 21.48 -1.79
CA LEU A 54 -14.35 21.79 -1.19
C LEU A 54 -14.41 23.22 -0.71
N THR A 55 -13.30 23.79 -0.23
CA THR A 55 -13.31 25.23 0.10
C THR A 55 -13.68 26.05 -1.13
N THR A 56 -13.08 25.72 -2.27
CA THR A 56 -13.31 26.46 -3.49
C THR A 56 -14.71 26.21 -4.02
N ALA A 57 -15.18 24.96 -3.94
CA ALA A 57 -16.56 24.67 -4.36
C ALA A 57 -17.58 25.52 -3.59
N ALA A 58 -17.35 25.65 -2.28
CA ALA A 58 -18.26 26.46 -1.47
C ALA A 58 -18.20 27.93 -1.87
N ARG A 59 -16.99 28.47 -2.04
CA ARG A 59 -16.88 29.89 -2.39
C ARG A 59 -17.54 30.18 -3.73
N LEU A 60 -17.33 29.30 -4.73
CA LEU A 60 -17.84 29.56 -6.08
C LEU A 60 -19.36 29.48 -6.13
N THR A 61 -19.97 28.57 -5.36
CA THR A 61 -21.41 28.37 -5.43
C THR A 61 -22.19 29.34 -4.54
N GLU A 62 -21.53 30.25 -3.83
CA GLU A 62 -22.25 31.30 -3.10
C GLU A 62 -23.06 32.15 -4.07
N ASN A 63 -22.56 32.30 -5.29
CA ASN A 63 -23.36 32.88 -6.37
C ASN A 63 -24.25 31.78 -6.94
N PRO A 64 -25.58 31.88 -6.80
CA PRO A 64 -26.44 30.77 -7.24
C PRO A 64 -26.41 30.53 -8.72
N ASN A 65 -25.88 31.48 -9.50
CA ASN A 65 -25.85 31.34 -10.94
C ASN A 65 -24.61 30.62 -11.45
N ILE A 66 -23.67 30.29 -10.57
CA ILE A 66 -22.45 29.58 -10.94
C ILE A 66 -22.63 28.12 -10.56
N SER A 67 -22.49 27.22 -11.55
CA SER A 67 -22.62 25.80 -11.30
C SER A 67 -21.24 25.17 -11.17
N VAL A 68 -21.10 24.29 -10.18
CA VAL A 68 -19.84 23.61 -9.90
C VAL A 68 -20.12 22.11 -9.78
N LEU A 69 -19.28 21.31 -10.39
CA LEU A 69 -19.28 19.86 -10.18
C LEU A 69 -17.96 19.47 -9.54
N VAL A 70 -18.03 18.89 -8.35
CA VAL A 70 -16.86 18.27 -7.70
C VAL A 70 -16.88 16.79 -8.04
N ILE A 71 -15.73 16.26 -8.46
CA ILE A 71 -15.57 14.83 -8.70
C ILE A 71 -14.52 14.32 -7.73
N GLU A 72 -14.92 13.40 -6.85
CA GLU A 72 -14.08 12.90 -5.75
C GLU A 72 -14.01 11.38 -5.83
N SER A 73 -12.81 10.84 -5.61
CA SER A 73 -12.61 9.40 -5.72
C SER A 73 -13.26 8.64 -4.57
N GLY A 74 -13.31 9.23 -3.38
CA GLY A 74 -13.90 8.60 -2.22
C GLY A 74 -15.34 9.04 -2.00
N SER A 75 -15.80 8.86 -0.75
CA SER A 75 -17.17 9.22 -0.42
C SER A 75 -17.26 10.04 0.85
N TYR A 76 -18.48 10.22 1.38
CA TYR A 76 -18.68 10.99 2.60
C TYR A 76 -18.34 10.13 3.81
N GLU A 77 -17.46 10.65 4.67
CA GLU A 77 -16.99 9.88 5.82
C GLU A 77 -17.14 10.62 7.15
N SER A 78 -17.59 11.88 7.13
CA SER A 78 -17.54 12.71 8.31
C SER A 78 -18.48 12.25 9.42
N ASP A 79 -19.46 11.42 9.11
CA ASP A 79 -20.40 10.89 10.08
C ASP A 79 -20.09 9.45 10.47
N ARG A 80 -18.94 8.92 10.07
CA ARG A 80 -18.67 7.49 10.25
C ARG A 80 -18.60 7.11 11.73
N GLY A 81 -18.06 7.99 12.57
CA GLY A 81 -17.82 7.66 13.95
C GLY A 81 -16.44 8.06 14.40
N PRO A 82 -16.02 7.57 15.58
CA PRO A 82 -14.77 8.08 16.18
C PRO A 82 -13.53 7.93 15.31
N ILE A 83 -13.47 6.87 14.49
CA ILE A 83 -12.28 6.65 13.67
C ILE A 83 -12.01 7.88 12.79
N ILE A 84 -13.05 8.63 12.44
CA ILE A 84 -12.89 9.88 11.73
C ILE A 84 -13.03 11.09 12.67
N GLU A 85 -14.03 11.07 13.55
CA GLU A 85 -14.42 12.28 14.24
C GLU A 85 -13.61 12.58 15.48
N ASP A 86 -12.88 11.62 16.01
CA ASP A 86 -12.07 11.78 17.21
C ASP A 86 -10.61 11.94 16.81
N LEU A 87 -10.04 13.12 17.04
CA LEU A 87 -8.64 13.32 16.70
C LEU A 87 -7.71 12.40 17.49
N ASN A 88 -8.15 11.91 18.65
CA ASN A 88 -7.33 11.01 19.44
C ASN A 88 -7.24 9.62 18.86
N ALA A 89 -8.07 9.29 17.88
CA ALA A 89 -7.94 8.03 17.14
C ALA A 89 -7.01 8.16 15.94
N TYR A 90 -6.32 9.28 15.80
CA TYR A 90 -5.41 9.52 14.68
C TYR A 90 -4.56 8.28 14.38
N GLY A 91 -4.57 7.86 13.12
CA GLY A 91 -3.78 6.75 12.65
C GLY A 91 -4.55 5.44 12.50
N ASP A 92 -5.65 5.28 13.25
CA ASP A 92 -6.45 4.06 13.14
C ASP A 92 -6.98 3.87 11.72
N ILE A 93 -7.26 4.97 11.02
CA ILE A 93 -7.84 4.88 9.68
C ILE A 93 -6.83 4.43 8.63
N PHE A 94 -5.54 4.46 8.95
CA PHE A 94 -4.53 4.17 7.94
C PHE A 94 -4.72 2.75 7.43
N GLY A 95 -4.50 2.55 6.14
CA GLY A 95 -4.63 1.26 5.50
C GLY A 95 -6.02 0.89 5.09
N SER A 96 -7.01 1.71 5.42
CA SER A 96 -8.40 1.45 5.11
C SER A 96 -8.74 2.03 3.74
N SER A 97 -10.01 1.92 3.36
CA SER A 97 -10.45 2.51 2.10
C SER A 97 -10.41 4.04 2.12
N VAL A 98 -10.24 4.66 3.29
CA VAL A 98 -10.18 6.12 3.41
C VAL A 98 -8.73 6.60 3.32
N ASP A 99 -7.80 5.69 3.04
CA ASP A 99 -6.39 6.02 2.92
C ASP A 99 -5.90 5.56 1.56
N HIS A 100 -5.45 6.50 0.74
CA HIS A 100 -4.95 6.12 -0.58
C HIS A 100 -3.70 5.26 -0.49
N ALA A 101 -2.88 5.48 0.53
CA ALA A 101 -1.64 4.71 0.78
C ALA A 101 -0.80 4.60 -0.49
N TYR A 102 -0.47 5.75 -1.05
CA TYR A 102 0.36 5.80 -2.26
C TYR A 102 1.74 5.22 -1.97
N GLU A 103 2.20 4.31 -2.82
CA GLU A 103 3.50 3.68 -2.63
CA GLU A 103 3.50 3.67 -2.64
C GLU A 103 4.59 4.44 -3.36
N THR A 104 5.70 4.68 -2.67
CA THR A 104 6.86 5.31 -3.28
C THR A 104 7.62 4.31 -4.16
N VAL A 105 8.60 4.83 -4.90
CA VAL A 105 9.57 3.96 -5.55
C VAL A 105 10.38 3.26 -4.45
N GLU A 106 11.22 2.30 -4.84
CA GLU A 106 12.21 1.76 -3.93
C GLU A 106 13.20 2.89 -3.60
N LEU A 107 13.16 3.38 -2.38
CA LEU A 107 13.97 4.55 -2.01
C LEU A 107 15.44 4.20 -2.02
N ALA A 108 16.24 5.13 -2.53
CA ALA A 108 17.69 4.91 -2.61
C ALA A 108 18.34 4.90 -1.24
N THR A 109 17.76 5.60 -0.26
CA THR A 109 18.40 5.71 1.05
C THR A 109 18.41 4.40 1.82
N ASN A 110 17.40 3.55 1.63
CA ASN A 110 17.33 2.31 2.38
C ASN A 110 16.83 1.12 1.57
N ASN A 111 16.66 1.27 0.26
CA ASN A 111 16.18 0.21 -0.62
C ASN A 111 14.88 -0.39 -0.12
N GLN A 112 14.00 0.47 0.39
CA GLN A 112 12.68 0.07 0.81
C GLN A 112 11.64 1.00 0.19
N THR A 113 10.45 0.45 0.02
CA THR A 113 9.27 1.22 -0.38
C THR A 113 8.59 1.83 0.84
N ALA A 114 8.07 3.03 0.70
CA ALA A 114 7.32 3.69 1.74
C ALA A 114 5.88 3.95 1.31
N LEU A 115 5.01 4.13 2.30
CA LEU A 115 3.59 4.39 2.06
C LEU A 115 3.29 5.84 2.39
N ILE A 116 2.59 6.53 1.49
CA ILE A 116 2.21 7.92 1.69
C ILE A 116 0.75 7.91 2.13
N ARG A 117 0.49 8.17 3.42
CA ARG A 117 -0.88 8.30 3.88
C ARG A 117 -1.52 9.51 3.23
N SER A 118 -2.75 9.35 2.75
CA SER A 118 -3.42 10.44 2.05
C SER A 118 -4.91 10.14 2.07
N GLY A 119 -5.71 11.11 2.46
CA GLY A 119 -7.12 10.86 2.70
C GLY A 119 -7.87 10.63 1.41
N ASN A 120 -8.74 9.62 1.42
CA ASN A 120 -9.59 9.28 0.28
C ASN A 120 -11.04 9.42 0.72
N GLY A 121 -11.65 10.53 0.35
CA GLY A 121 -13.03 10.83 0.69
C GLY A 121 -13.25 12.33 0.68
N LEU A 122 -14.53 12.72 0.85
CA LEU A 122 -14.86 14.15 0.95
C LEU A 122 -14.19 14.75 2.18
N GLY A 123 -13.35 15.77 1.93
CA GLY A 123 -12.47 16.33 2.94
C GLY A 123 -11.00 15.96 2.76
N GLY A 124 -10.71 14.96 1.91
CA GLY A 124 -9.34 14.62 1.65
C GLY A 124 -8.57 14.24 2.89
N SER A 125 -7.34 14.71 2.97
CA SER A 125 -6.52 14.38 4.12
C SER A 125 -6.96 15.09 5.40
N THR A 126 -7.89 16.05 5.34
CA THR A 126 -8.40 16.57 6.60
C THR A 126 -9.27 15.55 7.32
N LEU A 127 -9.64 14.46 6.66
CA LEU A 127 -10.32 13.36 7.34
C LEU A 127 -9.39 12.53 8.22
N VAL A 128 -8.09 12.53 7.94
CA VAL A 128 -7.18 11.58 8.55
C VAL A 128 -6.01 12.24 9.26
N ASN A 129 -5.95 13.57 9.28
CA ASN A 129 -4.73 14.22 9.75
C ASN A 129 -4.74 14.46 11.28
N GLY A 130 -3.63 15.00 11.76
CA GLY A 130 -3.45 15.19 13.18
C GLY A 130 -4.13 16.41 13.78
N GLY A 131 -4.73 17.25 12.97
CA GLY A 131 -5.51 18.38 13.44
C GLY A 131 -4.72 19.57 13.91
N THR A 132 -3.39 19.58 13.77
CA THR A 132 -2.60 20.67 14.30
C THR A 132 -2.79 21.94 13.47
N TRP A 133 -3.03 23.05 14.15
CA TRP A 133 -3.41 24.33 13.55
C TRP A 133 -2.35 25.35 13.92
N THR A 134 -1.38 25.57 13.02
CA THR A 134 -0.33 26.55 13.22
C THR A 134 -0.02 27.22 11.89
N ARG A 135 0.73 28.32 11.95
CA ARG A 135 1.09 29.10 10.79
C ARG A 135 2.60 29.23 10.66
N PRO A 136 3.08 29.53 9.45
CA PRO A 136 4.54 29.64 9.26
C PRO A 136 5.13 30.97 9.67
N HIS A 137 6.41 31.14 9.32
CA HIS A 137 7.12 32.39 9.62
C HIS A 137 6.83 33.41 8.54
N LYS A 138 6.60 34.66 8.97
CA LYS A 138 6.22 35.71 8.02
C LYS A 138 7.18 35.75 6.84
N ALA A 139 8.48 35.62 7.10
CA ALA A 139 9.47 35.73 6.05
C ALA A 139 9.33 34.63 5.00
N GLN A 140 8.81 33.46 5.40
CA GLN A 140 8.65 32.37 4.46
C GLN A 140 7.56 32.66 3.45
N VAL A 141 6.42 33.13 3.91
CA VAL A 141 5.34 33.48 2.99
C VAL A 141 5.73 34.71 2.16
N ASP A 142 6.41 35.67 2.79
CA ASP A 142 6.83 36.86 2.05
C ASP A 142 7.70 36.48 0.86
N SER A 143 8.55 35.45 1.02
CA SER A 143 9.45 35.07 -0.07
C SER A 143 8.68 34.57 -1.28
N TRP A 144 7.43 34.15 -1.10
CA TRP A 144 6.64 33.72 -2.26
C TRP A 144 6.46 34.87 -3.24
N GLU A 145 6.42 36.09 -2.72
CA GLU A 145 6.30 37.29 -3.55
C GLU A 145 7.66 37.81 -4.00
N THR A 146 8.64 37.85 -3.10
CA THR A 146 9.91 38.49 -3.39
C THR A 146 10.92 37.57 -4.09
N VAL A 147 10.86 36.27 -3.84
CA VAL A 147 11.76 35.32 -4.48
C VAL A 147 11.09 34.60 -5.63
N PHE A 148 9.82 34.22 -5.47
CA PHE A 148 9.13 33.39 -6.46
C PHE A 148 8.12 34.19 -7.28
N GLY A 149 8.24 35.51 -7.26
CA GLY A 149 7.54 36.35 -8.22
C GLY A 149 6.03 36.22 -8.24
N ASN A 150 5.41 35.98 -7.08
CA ASN A 150 3.97 35.85 -6.97
C ASN A 150 3.41 37.12 -6.32
N GLU A 151 3.07 38.09 -7.15
CA GLU A 151 2.55 39.35 -6.63
C GLU A 151 1.33 39.11 -5.77
N GLY A 152 1.31 39.74 -4.59
CA GLY A 152 0.20 39.61 -3.68
C GLY A 152 0.27 38.43 -2.75
N TRP A 153 1.23 37.51 -2.94
CA TRP A 153 1.36 36.35 -2.06
C TRP A 153 2.43 36.65 -1.02
N ASN A 154 2.05 37.45 -0.03
CA ASN A 154 2.91 37.80 1.08
C ASN A 154 2.17 37.48 2.37
N TRP A 155 2.91 37.53 3.49
CA TRP A 155 2.31 37.17 4.78
C TRP A 155 1.04 37.97 5.05
N ASP A 156 1.10 39.28 4.93
CA ASP A 156 -0.04 40.11 5.30
C ASP A 156 -1.30 39.67 4.54
N ASN A 157 -1.16 39.46 3.23
CA ASN A 157 -2.32 39.10 2.42
CA ASN A 157 -2.33 39.10 2.41
C ASN A 157 -2.78 37.68 2.72
N VAL A 158 -1.85 36.73 2.75
CA VAL A 158 -2.22 35.34 2.99
C VAL A 158 -2.80 35.16 4.38
N ALA A 159 -2.17 35.79 5.38
CA ALA A 159 -2.66 35.65 6.75
C ALA A 159 -4.07 36.22 6.87
N ALA A 160 -4.35 37.31 6.15
CA ALA A 160 -5.68 37.88 6.20
C ALA A 160 -6.73 36.88 5.72
N TYR A 161 -6.45 36.17 4.63
CA TYR A 161 -7.33 35.10 4.18
C TYR A 161 -7.40 33.97 5.20
N SER A 162 -6.28 33.67 5.86
CA SER A 162 -6.28 32.61 6.87
C SER A 162 -7.21 32.95 8.03
N LEU A 163 -7.11 34.18 8.55
CA LEU A 163 -8.00 34.58 9.63
C LEU A 163 -9.46 34.58 9.17
N GLN A 164 -9.70 34.99 7.91
CA GLN A 164 -11.05 34.95 7.36
C GLN A 164 -11.60 33.52 7.33
N ALA A 165 -10.75 32.53 7.04
CA ALA A 165 -11.21 31.15 7.05
C ALA A 165 -11.45 30.64 8.47
N GLU A 166 -10.81 31.24 9.46
CA GLU A 166 -10.73 30.66 10.80
C GLU A 166 -11.89 31.05 11.70
N ARG A 167 -12.30 30.09 12.55
CA ARG A 167 -13.32 30.32 13.59
C ARG A 167 -12.74 29.76 14.89
N ALA A 168 -11.85 30.52 15.52
CA ALA A 168 -11.07 30.04 16.65
C ALA A 168 -11.74 30.36 17.96
N ARG A 169 -11.50 29.49 18.94
CA ARG A 169 -11.98 29.64 20.31
C ARG A 169 -10.80 29.82 21.25
N ALA A 170 -10.88 30.82 22.13
CA ALA A 170 -9.83 31.06 23.10
C ALA A 170 -9.80 29.94 24.15
N PRO A 171 -8.63 29.63 24.69
CA PRO A 171 -8.55 28.61 25.74
C PRO A 171 -9.17 29.11 27.04
N ASN A 172 -9.71 28.16 27.81
CA ASN A 172 -10.28 28.44 29.12
C ASN A 172 -9.18 28.34 30.19
N ALA A 173 -9.56 28.49 31.46
CA ALA A 173 -8.57 28.57 32.53
C ALA A 173 -7.81 27.26 32.69
N LYS A 174 -8.52 26.12 32.62
CA LYS A 174 -7.85 24.82 32.68
C LYS A 174 -6.83 24.70 31.54
N GLN A 175 -7.22 25.14 30.34
CA GLN A 175 -6.33 24.98 29.18
C GLN A 175 -5.14 25.93 29.25
N ILE A 176 -5.36 27.15 29.76
CA ILE A 176 -4.23 28.07 29.98
C ILE A 176 -3.29 27.50 31.04
N ALA A 177 -3.83 26.94 32.12
CA ALA A 177 -2.97 26.38 33.16
C ALA A 177 -2.08 25.27 32.62
N ALA A 178 -2.58 24.51 31.65
CA ALA A 178 -1.77 23.44 31.07
C ALA A 178 -0.62 23.98 30.22
N GLY A 179 -0.72 25.22 29.72
CA GLY A 179 0.35 25.80 28.94
C GLY A 179 -0.09 26.58 27.72
N HIS A 180 -1.39 26.62 27.44
CA HIS A 180 -1.87 27.34 26.27
C HIS A 180 -1.67 28.85 26.42
N TYR A 181 -1.31 29.50 25.31
CA TYR A 181 -1.30 30.95 25.23
C TYR A 181 -1.89 31.37 23.89
N PHE A 182 -2.90 32.24 23.92
CA PHE A 182 -3.73 32.58 22.77
C PHE A 182 -3.71 34.08 22.60
N ASN A 183 -3.20 34.54 21.46
CA ASN A 183 -3.14 35.96 21.11
C ASN A 183 -4.28 36.26 20.16
N ALA A 184 -5.35 36.86 20.68
CA ALA A 184 -6.60 36.97 19.93
C ALA A 184 -6.42 37.74 18.63
N SER A 185 -5.47 38.68 18.57
CA SER A 185 -5.29 39.45 17.34
C SER A 185 -4.75 38.61 16.18
N CYS A 186 -4.24 37.41 16.45
CA CYS A 186 -3.70 36.54 15.41
C CYS A 186 -4.70 35.51 14.94
N HIS A 187 -5.97 35.63 15.31
CA HIS A 187 -6.95 34.60 15.00
C HIS A 187 -8.28 35.23 14.61
N GLY A 188 -8.92 34.63 13.60
CA GLY A 188 -10.30 34.95 13.29
C GLY A 188 -11.25 34.15 14.17
N VAL A 189 -12.39 34.77 14.51
CA VAL A 189 -13.39 34.13 15.36
C VAL A 189 -14.75 34.04 14.71
N ASN A 190 -14.91 34.58 13.49
CA ASN A 190 -16.20 34.60 12.81
C ASN A 190 -16.17 33.86 11.47
N GLY A 191 -15.18 32.99 11.28
CA GLY A 191 -14.99 32.28 10.03
C GLY A 191 -15.72 30.96 9.96
N THR A 192 -15.14 30.02 9.22
CA THR A 192 -15.80 28.76 8.86
C THR A 192 -15.18 27.54 9.51
N VAL A 193 -13.86 27.49 9.65
CA VAL A 193 -13.18 26.31 10.17
C VAL A 193 -13.09 26.44 11.69
N HIS A 194 -13.81 25.57 12.39
CA HIS A 194 -13.81 25.58 13.85
C HIS A 194 -12.46 25.09 14.38
N ALA A 195 -11.84 25.89 15.23
CA ALA A 195 -10.55 25.54 15.83
C ALA A 195 -10.52 25.97 17.29
N GLY A 196 -9.92 25.11 18.13
CA GLY A 196 -9.78 25.39 19.54
C GLY A 196 -8.92 24.33 20.20
N PRO A 197 -8.72 24.46 21.51
CA PRO A 197 -7.87 23.48 22.22
C PRO A 197 -8.48 22.10 22.22
N ARG A 198 -7.67 21.08 21.90
CA ARG A 198 -8.07 19.71 22.16
C ARG A 198 -8.24 19.53 23.66
N ASP A 199 -9.34 18.88 24.07
CA ASP A 199 -9.62 18.68 25.49
C ASP A 199 -10.46 17.42 25.61
N THR A 200 -9.81 16.31 26.00
CA THR A 200 -10.48 15.03 26.16
C THR A 200 -11.33 14.94 27.43
N GLY A 201 -11.25 15.92 28.31
CA GLY A 201 -11.93 15.86 29.59
C GLY A 201 -11.05 15.44 30.74
N ASP A 202 -9.92 14.81 30.46
CA ASP A 202 -9.01 14.38 31.51
C ASP A 202 -8.16 15.57 31.97
N ASP A 203 -7.37 15.33 33.02
CA ASP A 203 -6.41 16.33 33.45
C ASP A 203 -5.32 16.46 32.39
N TYR A 204 -4.75 17.67 32.26
CA TYR A 204 -3.63 17.88 31.36
C TYR A 204 -2.34 17.45 32.03
N SER A 205 -1.50 16.77 31.27
CA SER A 205 -0.25 16.23 31.80
C SER A 205 0.70 17.37 32.16
N PRO A 206 1.39 17.27 33.30
CA PRO A 206 2.42 18.27 33.61
C PRO A 206 3.64 18.22 32.70
N ILE A 207 3.73 17.24 31.81
CA ILE A 207 4.95 17.11 31.02
C ILE A 207 5.08 18.26 30.03
N VAL A 208 3.97 18.83 29.57
CA VAL A 208 4.06 19.96 28.65
C VAL A 208 4.84 21.11 29.29
N LYS A 209 4.47 21.48 30.51
CA LYS A 209 5.20 22.55 31.19
C LYS A 209 6.62 22.10 31.56
N ALA A 210 6.82 20.81 31.81
CA ALA A 210 8.18 20.31 32.04
C ALA A 210 9.06 20.51 30.81
N LEU A 211 8.51 20.22 29.63
CA LEU A 211 9.27 20.47 28.41
C LEU A 211 9.57 21.97 28.28
N MET A 212 8.59 22.82 28.57
CA MET A 212 8.83 24.26 28.49
C MET A 212 9.96 24.67 29.42
N SER A 213 9.96 24.15 30.65
CA SER A 213 11.04 24.48 31.58
C SER A 213 12.38 23.97 31.08
N ALA A 214 12.40 22.75 30.50
CA ALA A 214 13.66 22.17 30.05
C ALA A 214 14.30 23.03 28.96
N VAL A 215 13.51 23.52 28.00
CA VAL A 215 14.08 24.34 26.94
C VAL A 215 14.39 25.76 27.45
N GLU A 216 13.62 26.25 28.44
CA GLU A 216 13.96 27.54 29.03
C GLU A 216 15.38 27.54 29.59
N ASP A 217 15.78 26.43 30.22
CA ASP A 217 17.13 26.32 30.77
C ASP A 217 18.19 26.55 29.70
N ARG A 218 17.85 26.31 28.44
CA ARG A 218 18.77 26.43 27.32
C ARG A 218 18.56 27.69 26.50
N GLY A 219 17.77 28.63 26.99
CA GLY A 219 17.57 29.88 26.29
C GLY A 219 16.54 29.86 25.20
N VAL A 220 15.68 28.86 25.17
CA VAL A 220 14.65 28.72 24.15
C VAL A 220 13.34 29.36 24.63
N PRO A 221 12.66 30.15 23.81
CA PRO A 221 11.38 30.75 24.22
C PRO A 221 10.26 29.72 24.30
N THR A 222 9.19 30.12 24.99
CA THR A 222 8.01 29.28 25.12
C THR A 222 6.75 30.14 24.99
N LYS A 223 5.65 29.45 24.71
CA LYS A 223 4.30 30.00 24.71
C LYS A 223 4.07 31.07 23.63
N LYS A 224 4.97 31.17 22.65
CA LYS A 224 4.60 31.93 21.47
C LYS A 224 3.34 31.34 20.85
N ASP A 225 2.45 32.20 20.37
CA ASP A 225 1.28 31.77 19.63
C ASP A 225 1.73 31.48 18.21
N PHE A 226 1.70 30.20 17.83
CA PHE A 226 2.24 29.77 16.53
C PHE A 226 1.37 30.22 15.36
N GLY A 227 0.32 30.98 15.63
CA GLY A 227 -0.46 31.58 14.57
C GLY A 227 -0.07 33.00 14.21
N CYS A 228 0.93 33.58 14.89
CA CYS A 228 1.20 35.00 14.77
C CYS A 228 2.31 35.34 13.79
N GLY A 229 3.03 34.34 13.30
CA GLY A 229 4.07 34.56 12.30
C GLY A 229 5.50 34.39 12.77
N ASP A 230 5.71 33.89 13.98
CA ASP A 230 7.05 33.59 14.48
C ASP A 230 7.02 32.25 15.20
N PRO A 231 6.95 31.14 14.45
CA PRO A 231 6.90 29.81 15.07
C PRO A 231 8.26 29.37 15.58
N HIS A 232 8.49 29.57 16.87
CA HIS A 232 9.78 29.32 17.48
C HIS A 232 9.53 29.02 18.96
N GLY A 233 10.17 27.98 19.47
CA GLY A 233 10.05 27.61 20.87
C GLY A 233 9.05 26.51 21.09
N VAL A 234 8.69 26.30 22.37
CA VAL A 234 7.77 25.25 22.78
C VAL A 234 6.46 25.91 23.16
N SER A 235 5.39 25.52 22.46
CA SER A 235 4.05 26.04 22.74
C SER A 235 3.03 24.93 22.52
N MET A 236 1.85 25.11 23.11
CA MET A 236 0.67 24.37 22.71
C MET A 236 -0.02 25.10 21.56
N PHE A 237 -1.12 24.56 21.05
CA PHE A 237 -1.71 25.11 19.84
C PHE A 237 -3.15 24.67 19.74
N PRO A 238 -3.95 25.34 18.91
CA PRO A 238 -5.32 24.88 18.65
C PRO A 238 -5.32 23.65 17.75
N ASN A 239 -6.48 23.00 17.69
CA ASN A 239 -6.72 21.86 16.81
C ASN A 239 -7.97 22.16 15.99
N THR A 240 -8.09 21.49 14.82
CA THR A 240 -9.27 21.62 13.97
C THR A 240 -10.36 20.69 14.47
N LEU A 241 -11.09 21.16 15.49
CA LEU A 241 -12.24 20.44 16.02
C LEU A 241 -13.21 21.44 16.61
N HIS A 242 -14.48 21.04 16.68
CA HIS A 242 -15.51 21.80 17.37
C HIS A 242 -15.35 21.66 18.89
N GLU A 243 -16.11 22.48 19.62
CA GLU A 243 -16.01 22.44 21.08
C GLU A 243 -16.37 21.05 21.62
N ASP A 244 -17.32 20.37 21.00
CA ASP A 244 -17.62 19.00 21.42
C ASP A 244 -16.56 18.00 20.98
N GLN A 245 -15.48 18.47 20.35
CA GLN A 245 -14.27 17.72 19.99
C GLN A 245 -14.45 16.95 18.69
N VAL A 246 -15.52 17.18 17.94
CA VAL A 246 -15.67 16.54 16.64
C VAL A 246 -14.72 17.19 15.63
N ARG A 247 -14.01 16.35 14.88
CA ARG A 247 -13.06 16.82 13.86
C ARG A 247 -13.71 17.79 12.88
N SER A 248 -13.04 18.92 12.67
CA SER A 248 -13.47 19.92 11.70
C SER A 248 -12.88 19.62 10.32
N ASP A 249 -13.24 18.49 9.74
CA ASP A 249 -12.75 18.15 8.40
C ASP A 249 -13.40 19.09 7.37
N ALA A 250 -12.76 19.21 6.20
CA ALA A 250 -13.18 20.24 5.25
C ALA A 250 -14.58 19.95 4.72
N ALA A 251 -14.99 18.68 4.66
CA ALA A 251 -16.37 18.40 4.24
C ALA A 251 -17.37 18.88 5.29
N ARG A 252 -17.10 18.58 6.56
CA ARG A 252 -17.99 19.06 7.61
C ARG A 252 -18.06 20.58 7.61
N GLU A 253 -16.93 21.25 7.36
CA GLU A 253 -16.89 22.70 7.53
C GLU A 253 -17.40 23.44 6.29
N TRP A 254 -17.12 22.93 5.08
CA TRP A 254 -17.42 23.64 3.86
C TRP A 254 -18.51 23.02 3.00
N LEU A 255 -18.79 21.71 3.14
CA LEU A 255 -19.80 21.06 2.32
C LEU A 255 -21.10 20.82 3.08
N LEU A 256 -21.02 20.28 4.30
CA LEU A 256 -22.23 19.97 5.04
C LEU A 256 -23.15 21.18 5.22
N PRO A 257 -22.65 22.39 5.46
CA PRO A 257 -23.58 23.54 5.59
C PRO A 257 -24.20 23.97 4.29
N ASN A 258 -23.69 23.52 3.14
CA ASN A 258 -24.05 24.11 1.85
C ASN A 258 -24.52 23.11 0.81
N TYR A 259 -24.66 21.84 1.16
CA TYR A 259 -24.92 20.81 0.16
C TYR A 259 -26.30 20.98 -0.49
N GLN A 260 -27.18 21.76 0.11
CA GLN A 260 -28.52 21.92 -0.44
C GLN A 260 -28.55 22.85 -1.65
N ARG A 261 -27.47 23.58 -1.90
CA ARG A 261 -27.39 24.45 -3.07
C ARG A 261 -27.58 23.63 -4.35
N PRO A 262 -28.58 23.93 -5.18
CA PRO A 262 -28.75 23.16 -6.41
C PRO A 262 -27.63 23.34 -7.42
N ASN A 263 -26.89 24.45 -7.35
CA ASN A 263 -25.78 24.69 -8.26
C ASN A 263 -24.48 24.01 -7.81
N LEU A 264 -24.50 23.31 -6.69
CA LEU A 264 -23.35 22.54 -6.19
C LEU A 264 -23.64 21.06 -6.34
N GLN A 265 -22.91 20.40 -7.25
CA GLN A 265 -23.05 18.96 -7.45
C GLN A 265 -21.77 18.26 -7.01
N VAL A 266 -21.92 17.11 -6.37
CA VAL A 266 -20.78 16.32 -5.90
C VAL A 266 -20.95 14.89 -6.36
N LEU A 267 -20.04 14.43 -7.24
CA LEU A 267 -20.00 13.04 -7.68
C LEU A 267 -18.91 12.32 -6.90
N THR A 268 -19.28 11.22 -6.25
CA THR A 268 -18.35 10.45 -5.44
C THR A 268 -18.01 9.13 -6.13
N GLY A 269 -16.90 8.52 -5.69
CA GLY A 269 -16.57 7.20 -6.19
C GLY A 269 -15.95 7.16 -7.57
N GLN A 270 -15.47 8.29 -8.09
CA GLN A 270 -14.95 8.34 -9.44
C GLN A 270 -13.64 9.11 -9.47
N TYR A 271 -12.72 8.66 -10.31
CA TYR A 271 -11.43 9.32 -10.49
C TYR A 271 -11.48 10.18 -11.76
N VAL A 272 -11.03 11.43 -11.66
CA VAL A 272 -10.70 12.22 -12.85
C VAL A 272 -9.41 11.68 -13.45
N GLY A 273 -9.48 11.29 -14.72
CA GLY A 273 -8.37 10.68 -15.40
C GLY A 273 -7.50 11.69 -16.13
N LYS A 274 -8.12 12.61 -16.87
CA LYS A 274 -7.35 13.61 -17.59
C LYS A 274 -8.23 14.80 -17.92
N VAL A 275 -7.59 15.88 -18.32
CA VAL A 275 -8.25 17.09 -18.75
C VAL A 275 -8.46 17.02 -20.27
N LEU A 276 -9.67 17.32 -20.71
CA LEU A 276 -9.97 17.39 -22.14
C LEU A 276 -9.53 18.75 -22.66
N LEU A 277 -8.75 18.75 -23.73
CA LEU A 277 -8.15 19.96 -24.25
C LEU A 277 -8.65 20.22 -25.66
N SER A 278 -8.89 21.49 -25.95
CA SER A 278 -9.20 21.95 -27.29
C SER A 278 -8.01 22.76 -27.79
N GLN A 279 -7.40 22.30 -28.89
CA GLN A 279 -6.33 23.03 -29.56
C GLN A 279 -6.88 23.79 -30.77
N ASN A 280 -8.17 24.08 -30.76
CA ASN A 280 -8.80 24.83 -31.84
C ASN A 280 -8.30 26.27 -31.89
N GLY A 281 -7.88 26.80 -30.75
CA GLY A 281 -7.30 28.13 -30.68
C GLY A 281 -5.80 28.12 -30.89
N THR A 282 -5.20 29.30 -30.72
CA THR A 282 -3.74 29.42 -30.79
C THR A 282 -3.08 28.81 -29.56
N THR A 283 -3.80 28.71 -28.44
CA THR A 283 -3.34 28.13 -27.20
C THR A 283 -4.35 27.09 -26.76
N PRO A 284 -3.90 25.96 -26.21
CA PRO A 284 -4.85 24.95 -25.74
C PRO A 284 -5.77 25.50 -24.67
N ARG A 285 -7.01 24.97 -24.65
CA ARG A 285 -8.02 25.36 -23.67
C ARG A 285 -8.61 24.11 -23.02
N ALA A 286 -8.76 24.14 -21.70
CA ALA A 286 -9.39 23.05 -20.97
C ALA A 286 -10.91 23.17 -21.12
N VAL A 287 -11.53 22.18 -21.75
CA VAL A 287 -12.97 22.22 -22.01
C VAL A 287 -13.74 21.21 -21.16
N GLY A 288 -13.06 20.37 -20.40
CA GLY A 288 -13.74 19.38 -19.59
C GLY A 288 -12.75 18.38 -19.02
N VAL A 289 -13.29 17.28 -18.49
CA VAL A 289 -12.46 16.20 -17.96
C VAL A 289 -13.07 14.86 -18.34
N GLU A 290 -12.23 13.84 -18.40
CA GLU A 290 -12.65 12.45 -18.48
C GLU A 290 -12.52 11.84 -17.09
N PHE A 291 -13.54 11.08 -16.69
CA PHE A 291 -13.52 10.46 -15.36
C PHE A 291 -14.03 9.03 -15.45
N GLY A 292 -13.70 8.25 -14.43
CA GLY A 292 -14.10 6.85 -14.39
C GLY A 292 -13.32 6.10 -13.32
N THR A 293 -13.41 4.76 -13.38
CA THR A 293 -12.61 3.93 -12.49
C THR A 293 -11.78 2.90 -13.25
N HIS A 294 -12.06 2.65 -14.52
CA HIS A 294 -11.31 1.66 -15.28
C HIS A 294 -11.32 2.04 -16.75
N LYS A 295 -10.21 1.74 -17.43
CA LYS A 295 -10.13 1.97 -18.86
C LYS A 295 -11.28 1.26 -19.55
N GLY A 296 -11.81 1.90 -20.59
CA GLY A 296 -12.87 1.33 -21.39
C GLY A 296 -14.27 1.67 -20.96
N ASN A 297 -14.44 2.24 -19.76
CA ASN A 297 -15.74 2.67 -19.27
C ASN A 297 -15.57 4.08 -18.68
N THR A 298 -15.18 5.02 -19.52
CA THR A 298 -14.94 6.39 -19.10
C THR A 298 -16.10 7.28 -19.54
N HIS A 299 -16.14 8.48 -18.97
CA HIS A 299 -17.19 9.43 -19.24
CA HIS A 299 -17.20 9.43 -19.25
C HIS A 299 -16.59 10.82 -19.34
N ASN A 300 -17.25 11.67 -20.13
CA ASN A 300 -16.83 13.06 -20.31
C ASN A 300 -17.83 14.00 -19.66
N VAL A 301 -17.31 15.07 -19.07
CA VAL A 301 -18.14 16.18 -18.59
C VAL A 301 -17.38 17.47 -18.89
N TYR A 302 -18.11 18.52 -19.22
CA TYR A 302 -17.53 19.71 -19.82
C TYR A 302 -17.69 20.93 -18.91
N ALA A 303 -16.72 21.84 -19.00
CA ALA A 303 -16.69 23.05 -18.21
C ALA A 303 -16.82 24.25 -19.13
N LYS A 304 -17.81 25.11 -18.87
CA LYS A 304 -17.99 26.31 -19.65
C LYS A 304 -16.89 27.32 -19.36
N HIS A 305 -16.43 27.38 -18.11
CA HIS A 305 -15.46 28.39 -17.67
C HIS A 305 -14.10 27.76 -17.42
N GLU A 306 -13.94 26.94 -16.39
CA GLU A 306 -12.60 26.47 -16.06
C GLU A 306 -12.63 25.07 -15.42
N VAL A 307 -11.52 24.36 -15.59
CA VAL A 307 -11.23 23.11 -14.88
C VAL A 307 -10.22 23.43 -13.79
N LEU A 308 -10.48 22.94 -12.57
CA LEU A 308 -9.66 23.22 -11.39
C LEU A 308 -9.20 21.89 -10.80
N LEU A 309 -7.90 21.67 -10.78
CA LEU A 309 -7.34 20.42 -10.24
C LEU A 309 -7.04 20.58 -8.76
N ALA A 310 -7.62 19.70 -7.95
CA ALA A 310 -7.49 19.74 -6.50
C ALA A 310 -7.38 18.33 -5.93
N ALA A 311 -6.71 17.43 -6.65
CA ALA A 311 -6.64 16.02 -6.30
C ALA A 311 -5.48 15.71 -5.38
N GLY A 312 -4.71 16.70 -4.96
CA GLY A 312 -3.58 16.51 -4.06
C GLY A 312 -2.26 16.54 -4.79
N SER A 313 -1.20 16.87 -4.04
CA SER A 313 0.11 17.03 -4.64
C SER A 313 0.62 15.76 -5.32
N ALA A 314 0.16 14.59 -4.88
CA ALA A 314 0.63 13.37 -5.54
C ALA A 314 -0.11 13.07 -6.83
N VAL A 315 -1.23 13.73 -7.10
CA VAL A 315 -2.17 13.32 -8.15
C VAL A 315 -2.34 14.41 -9.19
N SER A 316 -2.58 15.65 -8.77
CA SER A 316 -2.79 16.72 -9.74
C SER A 316 -1.72 16.77 -10.83
N PRO A 317 -0.43 16.67 -10.53
CA PRO A 317 0.56 16.60 -11.63
C PRO A 317 0.34 15.39 -12.54
N THR A 318 -0.07 14.23 -12.01
CA THR A 318 -0.27 13.08 -12.91
C THR A 318 -1.45 13.33 -13.85
N ILE A 319 -2.49 14.01 -13.36
CA ILE A 319 -3.63 14.34 -14.23
C ILE A 319 -3.17 15.20 -15.39
N LEU A 320 -2.32 16.19 -15.10
CA LEU A 320 -1.75 17.00 -16.18
C LEU A 320 -0.98 16.12 -17.16
N GLU A 321 -0.10 15.23 -16.65
CA GLU A 321 0.70 14.40 -17.53
C GLU A 321 -0.17 13.50 -18.40
N TYR A 322 -1.20 12.88 -17.81
CA TYR A 322 -2.11 12.05 -18.60
C TYR A 322 -2.79 12.86 -19.70
N SER A 323 -2.92 14.18 -19.51
CA SER A 323 -3.58 15.06 -20.45
C SER A 323 -2.67 15.57 -21.55
N GLY A 324 -1.37 15.26 -21.47
CA GLY A 324 -0.42 15.80 -22.41
C GLY A 324 0.26 17.08 -21.97
N ILE A 325 0.20 17.41 -20.69
CA ILE A 325 0.82 18.60 -20.13
C ILE A 325 1.95 18.13 -19.20
N GLY A 326 3.18 18.32 -19.63
CA GLY A 326 4.31 17.81 -18.89
C GLY A 326 5.52 17.72 -19.81
N MET A 327 6.53 16.99 -19.35
CA MET A 327 7.82 16.96 -20.04
C MET A 327 7.83 15.92 -21.13
N LYS A 328 8.25 16.33 -22.33
CA LYS A 328 8.28 15.41 -23.45
C LYS A 328 9.11 14.19 -23.13
N SER A 329 10.23 14.36 -22.43
CA SER A 329 11.07 13.23 -22.07
C SER A 329 10.31 12.18 -21.27
N ILE A 330 9.25 12.58 -20.56
CA ILE A 330 8.42 11.65 -19.80
C ILE A 330 7.28 11.14 -20.65
N LEU A 331 6.62 12.03 -21.39
CA LEU A 331 5.37 11.68 -22.05
C LEU A 331 5.59 10.89 -23.35
N GLU A 332 6.59 11.26 -24.14
CA GLU A 332 6.75 10.60 -25.43
C GLU A 332 7.02 9.11 -25.31
N PRO A 333 7.92 8.65 -24.42
CA PRO A 333 8.15 7.19 -24.32
C PRO A 333 6.89 6.42 -23.94
N LEU A 334 5.90 7.07 -23.34
CA LEU A 334 4.64 6.44 -22.98
C LEU A 334 3.61 6.52 -24.10
N GLY A 335 3.93 7.20 -25.20
CA GLY A 335 2.98 7.36 -26.27
C GLY A 335 2.02 8.50 -26.08
N ILE A 336 2.39 9.51 -25.30
CA ILE A 336 1.52 10.66 -25.02
C ILE A 336 2.09 11.87 -25.73
N ASP A 337 1.28 12.50 -26.58
CA ASP A 337 1.72 13.70 -27.27
C ASP A 337 1.85 14.84 -26.26
N THR A 338 2.99 15.55 -26.30
CA THR A 338 3.20 16.69 -25.41
C THR A 338 2.51 17.89 -26.03
N VAL A 339 1.36 18.27 -25.45
CA VAL A 339 0.63 19.44 -25.91
C VAL A 339 1.24 20.72 -25.37
N VAL A 340 1.61 20.73 -24.11
CA VAL A 340 2.31 21.82 -23.45
C VAL A 340 3.45 21.21 -22.67
N ASP A 341 4.67 21.64 -22.96
CA ASP A 341 5.86 21.12 -22.29
C ASP A 341 6.15 21.99 -21.07
N LEU A 342 6.02 21.41 -19.88
CA LEU A 342 6.27 22.06 -18.61
C LEU A 342 6.90 21.04 -17.67
N PRO A 343 7.71 21.50 -16.68
CA PRO A 343 8.31 20.56 -15.71
C PRO A 343 7.32 20.09 -14.64
N VAL A 344 6.21 19.49 -15.10
CA VAL A 344 5.20 18.97 -14.20
C VAL A 344 5.78 17.80 -13.42
N GLY A 345 5.47 17.76 -12.11
CA GLY A 345 5.87 16.67 -11.26
C GLY A 345 7.22 16.82 -10.60
N LEU A 346 8.00 17.82 -10.97
CA LEU A 346 9.28 18.04 -10.31
C LEU A 346 9.10 18.90 -9.07
N ASN A 347 10.19 19.06 -8.31
CA ASN A 347 10.24 19.95 -7.16
C ASN A 347 9.41 19.43 -5.99
N LEU A 348 9.23 18.11 -5.92
CA LEU A 348 8.50 17.51 -4.80
C LEU A 348 9.30 17.66 -3.51
N GLN A 349 8.66 18.20 -2.47
CA GLN A 349 9.32 18.44 -1.20
C GLN A 349 8.46 17.85 -0.08
N ASP A 350 8.90 16.74 0.49
CA ASP A 350 8.29 16.18 1.68
C ASP A 350 9.38 16.04 2.74
N GLN A 351 8.96 15.95 3.99
CA GLN A 351 9.87 15.85 5.13
C GLN A 351 9.96 14.41 5.62
N THR A 352 11.01 14.14 6.39
CA THR A 352 11.25 12.84 7.01
C THR A 352 10.97 12.92 8.51
N THR A 353 10.36 11.88 9.06
CA THR A 353 9.97 11.86 10.47
C THR A 353 10.51 10.63 11.18
N ALA A 354 11.07 10.84 12.36
CA ALA A 354 11.55 9.77 13.22
C ALA A 354 10.95 9.97 14.61
N THR A 355 10.98 8.91 15.42
CA THR A 355 10.31 8.88 16.70
C THR A 355 11.30 8.61 17.84
N VAL A 356 11.12 9.34 18.94
CA VAL A 356 11.77 9.05 20.22
C VAL A 356 10.64 8.96 21.24
N ARG A 357 10.57 7.83 21.95
CA ARG A 357 9.49 7.54 22.88
C ARG A 357 10.06 7.04 24.19
N SER A 358 9.49 7.52 25.30
CA SER A 358 9.91 7.12 26.64
C SER A 358 8.70 6.88 27.52
N ARG A 359 8.80 5.90 28.42
CA ARG A 359 7.79 5.73 29.45
C ARG A 359 7.89 6.87 30.46
N ILE A 360 6.78 7.12 31.18
CA ILE A 360 6.70 8.21 32.15
C ILE A 360 6.32 7.66 33.52
N THR A 361 6.56 8.47 34.53
CA THR A 361 6.06 8.18 35.87
C THR A 361 4.56 8.42 35.93
N SER A 362 3.92 7.82 36.94
CA SER A 362 2.48 8.00 37.11
C SER A 362 2.13 9.48 37.26
N ALA A 363 3.04 10.28 37.83
CA ALA A 363 2.78 11.69 38.03
C ALA A 363 2.69 12.48 36.72
N GLY A 364 3.19 11.91 35.63
CA GLY A 364 3.11 12.56 34.34
C GLY A 364 1.84 12.31 33.58
N ALA A 365 0.90 11.58 34.18
CA ALA A 365 -0.33 11.21 33.49
C ALA A 365 -1.09 12.45 33.03
N GLY A 366 -1.92 12.26 32.02
CA GLY A 366 -2.81 13.29 31.53
C GLY A 366 -2.69 13.47 30.03
N GLN A 367 -3.59 14.30 29.50
CA GLN A 367 -3.63 14.62 28.08
C GLN A 367 -2.71 15.80 27.76
N GLY A 368 -2.41 15.95 26.48
CA GLY A 368 -1.73 17.16 26.04
C GLY A 368 -0.73 16.95 24.92
N GLN A 369 -0.69 17.89 23.98
CA GLN A 369 0.31 17.92 22.93
C GLN A 369 1.03 19.26 22.95
N ALA A 370 2.27 19.28 22.45
CA ALA A 370 3.04 20.51 22.33
C ALA A 370 4.07 20.27 21.25
N ALA A 371 4.72 21.35 20.81
CA ALA A 371 5.73 21.22 19.78
C ALA A 371 6.85 22.21 20.04
N TRP A 372 8.09 21.77 19.81
CA TRP A 372 9.27 22.63 19.79
C TRP A 372 9.60 22.92 18.33
N PHE A 373 9.40 24.17 17.91
CA PHE A 373 9.89 24.65 16.62
C PHE A 373 11.30 25.17 16.85
N ALA A 374 12.29 24.38 16.44
CA ALA A 374 13.68 24.59 16.80
C ALA A 374 14.47 25.20 15.64
N THR A 375 15.28 26.22 15.96
CA THR A 375 16.11 26.85 14.96
C THR A 375 17.23 25.92 14.49
N PHE A 376 17.92 26.36 13.43
CA PHE A 376 19.07 25.61 12.91
C PHE A 376 20.09 25.33 14.01
N ASN A 377 20.46 26.37 14.77
CA ASN A 377 21.48 26.19 15.79
C ASN A 377 20.97 25.41 17.00
N GLU A 378 19.69 25.59 17.35
CA GLU A 378 19.09 24.76 18.39
C GLU A 378 19.11 23.29 17.99
N THR A 379 18.85 23.01 16.70
CA THR A 379 18.83 21.64 16.23
C THR A 379 20.22 21.02 16.28
N PHE A 380 21.23 21.74 15.80
CA PHE A 380 22.54 21.15 15.62
C PHE A 380 23.46 21.29 16.83
N GLY A 381 23.20 22.22 17.74
CA GLY A 381 24.03 22.32 18.92
C GLY A 381 25.49 22.53 18.54
N ASP A 382 26.36 21.70 19.13
CA ASP A 382 27.80 21.85 18.91
C ASP A 382 28.21 21.52 17.48
N TYR A 383 27.31 20.95 16.68
CA TYR A 383 27.56 20.72 15.25
C TYR A 383 27.16 21.93 14.41
N SER A 384 26.75 23.04 15.04
CA SER A 384 26.26 24.20 14.29
C SER A 384 27.35 24.76 13.37
N GLU A 385 28.57 24.85 13.88
CA GLU A 385 29.66 25.35 13.04
C GLU A 385 29.82 24.43 11.82
N LYS A 386 29.83 23.13 12.06
CA LYS A 386 30.01 22.18 10.97
C LYS A 386 28.86 22.29 9.95
N ALA A 387 27.63 22.40 10.43
CA ALA A 387 26.46 22.42 9.54
C ALA A 387 26.41 23.71 8.72
N HIS A 388 26.74 24.84 9.34
CA HIS A 388 26.76 26.10 8.61
C HIS A 388 27.79 26.11 7.50
N GLU A 389 28.94 25.45 7.71
CA GLU A 389 29.97 25.43 6.68
C GLU A 389 29.46 24.74 5.42
N LEU A 390 28.73 23.63 5.59
CA LEU A 390 28.12 22.96 4.46
C LEU A 390 27.13 23.88 3.76
N LEU A 391 26.25 24.51 4.53
CA LEU A 391 25.24 25.40 3.97
C LEU A 391 25.87 26.55 3.20
N ASN A 392 27.06 26.99 3.59
CA ASN A 392 27.69 28.14 2.96
C ASN A 392 28.49 27.78 1.71
N THR A 393 28.81 26.49 1.49
CA THR A 393 29.76 26.12 0.45
C THR A 393 29.25 25.13 -0.60
N LYS A 394 28.20 24.36 -0.31
CA LYS A 394 27.83 23.24 -1.18
C LYS A 394 26.51 23.43 -1.94
N LEU A 395 25.89 24.60 -1.88
CA LEU A 395 24.56 24.73 -2.46
C LEU A 395 24.57 24.43 -3.95
N GLU A 396 25.59 24.88 -4.67
CA GLU A 396 25.64 24.64 -6.11
C GLU A 396 25.84 23.16 -6.41
N GLN A 397 26.77 22.49 -5.70
CA GLN A 397 26.95 21.06 -5.89
C GLN A 397 25.67 20.29 -5.60
N TRP A 398 25.01 20.63 -4.50
CA TRP A 398 23.77 19.96 -4.14
C TRP A 398 22.71 20.13 -5.23
N ALA A 399 22.62 21.34 -5.79
CA ALA A 399 21.58 21.60 -6.80
C ALA A 399 21.86 20.78 -8.06
N GLU A 400 23.13 20.69 -8.46
CA GLU A 400 23.50 19.85 -9.58
C GLU A 400 23.08 18.41 -9.33
N GLU A 401 23.29 17.92 -8.10
CA GLU A 401 23.03 16.52 -7.78
C GLU A 401 21.53 16.23 -7.78
N ALA A 402 20.72 17.15 -7.23
CA ALA A 402 19.28 16.98 -7.27
C ALA A 402 18.75 16.98 -8.70
N VAL A 403 19.28 17.88 -9.54
CA VAL A 403 18.89 17.93 -10.93
C VAL A 403 19.27 16.63 -11.63
N ALA A 404 20.47 16.11 -11.35
CA ALA A 404 20.91 14.85 -11.96
C ALA A 404 20.00 13.68 -11.59
N ARG A 405 19.40 13.72 -10.39
CA ARG A 405 18.49 12.67 -9.95
C ARG A 405 17.08 12.86 -10.48
N GLY A 406 16.80 13.93 -11.21
CA GLY A 406 15.48 14.16 -11.75
C GLY A 406 14.51 14.85 -10.82
N GLY A 407 15.00 15.42 -9.72
CA GLY A 407 14.11 16.16 -8.83
C GLY A 407 13.78 17.57 -9.28
N PHE A 408 14.52 18.08 -10.26
CA PHE A 408 14.35 19.42 -10.80
C PHE A 408 15.09 19.44 -12.14
N HIS A 409 14.79 20.45 -12.95
CA HIS A 409 15.32 20.47 -14.31
C HIS A 409 16.39 21.53 -14.54
N ASN A 410 16.42 22.60 -13.75
CA ASN A 410 17.26 23.76 -14.01
C ASN A 410 18.06 24.10 -12.76
N THR A 411 19.38 23.86 -12.82
CA THR A 411 20.20 23.99 -11.63
C THR A 411 20.24 25.42 -11.13
N THR A 412 20.37 26.40 -12.03
CA THR A 412 20.39 27.79 -11.61
C THR A 412 19.12 28.16 -10.85
N ALA A 413 17.97 27.69 -11.36
CA ALA A 413 16.71 28.00 -10.70
C ALA A 413 16.61 27.30 -9.34
N LEU A 414 17.08 26.06 -9.24
CA LEU A 414 17.04 25.40 -7.94
C LEU A 414 17.95 26.12 -6.94
N LEU A 415 19.10 26.62 -7.40
CA LEU A 415 20.00 27.33 -6.50
C LEU A 415 19.32 28.53 -5.85
N ILE A 416 18.39 29.18 -6.57
CA ILE A 416 17.65 30.29 -5.99
C ILE A 416 16.83 29.82 -4.80
N GLN A 417 16.23 28.62 -4.90
CA GLN A 417 15.51 28.05 -3.77
C GLN A 417 16.45 27.81 -2.59
N TYR A 418 17.63 27.24 -2.88
CA TYR A 418 18.58 26.92 -1.82
C TYR A 418 19.06 28.17 -1.11
N GLU A 419 19.40 29.22 -1.88
CA GLU A 419 19.81 30.47 -1.25
C GLU A 419 18.69 31.12 -0.47
N ASN A 420 17.44 30.92 -0.91
CA ASN A 420 16.30 31.40 -0.12
C ASN A 420 16.25 30.71 1.24
N TYR A 421 16.43 29.38 1.25
CA TYR A 421 16.46 28.66 2.53
C TYR A 421 17.62 29.14 3.39
N ARG A 422 18.81 29.33 2.80
CA ARG A 422 19.93 29.83 3.58
C ARG A 422 19.59 31.18 4.21
N ASP A 423 18.99 32.08 3.43
CA ASP A 423 18.58 33.38 3.95
C ASP A 423 17.61 33.21 5.12
N TRP A 424 16.62 32.32 4.97
CA TRP A 424 15.70 32.06 6.07
C TRP A 424 16.44 31.68 7.34
N ILE A 425 17.46 30.83 7.21
CA ILE A 425 18.15 30.25 8.37
C ILE A 425 19.08 31.25 9.02
N VAL A 426 19.92 31.92 8.23
CA VAL A 426 20.96 32.76 8.81
C VAL A 426 20.45 34.15 9.16
N ASN A 427 19.59 34.73 8.32
CA ASN A 427 19.18 36.12 8.51
C ASN A 427 17.87 36.26 9.26
N HIS A 428 16.95 35.30 9.14
CA HIS A 428 15.70 35.34 9.88
C HIS A 428 15.64 34.28 10.98
N ASN A 429 16.56 33.32 10.99
CA ASN A 429 16.59 32.29 12.02
C ASN A 429 15.24 31.62 12.19
N VAL A 430 14.66 31.18 11.07
CA VAL A 430 13.39 30.46 11.12
C VAL A 430 13.62 29.09 11.73
N ALA A 431 12.52 28.49 12.20
CA ALA A 431 12.58 27.14 12.73
C ALA A 431 12.98 26.18 11.61
N TYR A 432 13.93 25.30 11.92
CA TYR A 432 14.49 24.32 11.00
C TYR A 432 13.99 22.90 11.23
N SER A 433 13.64 22.56 12.46
CA SER A 433 13.07 21.25 12.77
C SER A 433 11.90 21.45 13.72
N GLU A 434 11.03 20.44 13.77
CA GLU A 434 9.89 20.40 14.68
C GLU A 434 9.97 19.13 15.51
N LEU A 435 9.93 19.27 16.83
CA LEU A 435 9.84 18.14 17.75
C LEU A 435 8.44 18.18 18.35
N PHE A 436 7.59 17.25 17.93
CA PHE A 436 6.18 17.25 18.27
C PHE A 436 5.94 16.25 19.40
N LEU A 437 5.45 16.75 20.53
CA LEU A 437 5.26 15.96 21.73
C LEU A 437 3.82 15.49 21.87
N ASP A 438 3.64 14.19 22.06
CA ASP A 438 2.41 13.58 22.52
C ASP A 438 2.65 13.04 23.92
N THR A 439 1.63 13.14 24.79
CA THR A 439 1.73 12.55 26.13
C THR A 439 0.69 11.44 26.27
N ALA A 440 -0.33 11.65 27.08
CA ALA A 440 -1.41 10.67 27.22
C ALA A 440 -0.87 9.28 27.57
N GLY A 441 0.04 9.22 28.54
CA GLY A 441 0.53 7.97 29.10
C GLY A 441 1.98 7.67 28.78
N VAL A 442 2.57 8.41 27.85
CA VAL A 442 3.98 8.27 27.51
C VAL A 442 4.51 9.67 27.23
N ALA A 443 5.79 9.74 26.85
CA ALA A 443 6.40 10.97 26.33
C ALA A 443 6.96 10.59 24.96
N SER A 444 6.26 10.97 23.89
CA SER A 444 6.60 10.52 22.53
C SER A 444 6.79 11.72 21.61
N PHE A 445 7.96 11.77 20.98
CA PHE A 445 8.29 12.82 20.03
C PHE A 445 8.29 12.26 18.60
N ASP A 446 7.51 12.87 17.72
CA ASP A 446 7.70 12.76 16.27
C ASP A 446 8.52 13.97 15.84
N VAL A 447 9.58 13.73 15.09
CA VAL A 447 10.59 14.74 14.83
C VAL A 447 10.84 14.82 13.34
N TRP A 448 10.83 16.03 12.78
CA TRP A 448 11.16 16.17 11.37
C TRP A 448 11.90 17.46 11.07
N ASP A 449 12.88 17.32 10.16
CA ASP A 449 13.54 18.44 9.50
C ASP A 449 12.51 19.14 8.62
N LEU A 450 12.24 20.41 8.92
CA LEU A 450 11.18 21.13 8.23
C LEU A 450 11.57 21.61 6.83
N LEU A 451 12.87 21.82 6.58
CA LEU A 451 13.36 22.46 5.37
C LEU A 451 14.33 21.53 4.64
N PRO A 452 13.83 20.47 4.00
CA PRO A 452 14.70 19.59 3.23
C PRO A 452 15.21 20.27 1.96
N PHE A 453 16.48 20.05 1.66
CA PHE A 453 17.08 20.50 0.41
C PHE A 453 16.91 19.48 -0.73
N THR A 454 16.66 18.22 -0.40
CA THR A 454 16.40 17.25 -1.45
C THR A 454 15.16 17.68 -2.24
N ARG A 455 15.14 17.34 -3.52
CA ARG A 455 13.98 17.54 -4.38
C ARG A 455 13.67 16.22 -5.09
N GLY A 456 12.38 15.86 -5.11
CA GLY A 456 11.95 14.65 -5.74
C GLY A 456 11.01 14.87 -6.90
N TYR A 457 10.33 13.81 -7.33
CA TYR A 457 9.42 13.93 -8.45
C TYR A 457 8.30 12.93 -8.32
N VAL A 458 7.23 13.16 -9.06
CA VAL A 458 6.21 12.17 -9.35
C VAL A 458 5.94 12.20 -10.85
N HIS A 459 5.98 11.03 -11.48
CA HIS A 459 5.70 10.92 -12.91
C HIS A 459 4.84 9.68 -13.18
N ILE A 460 3.92 9.82 -14.14
CA ILE A 460 3.18 8.65 -14.60
C ILE A 460 4.13 7.66 -15.27
N LEU A 461 3.77 6.37 -15.21
CA LEU A 461 4.53 5.31 -15.84
C LEU A 461 3.72 4.58 -16.89
N ASP A 462 2.54 5.07 -17.22
CA ASP A 462 1.63 4.42 -18.15
C ASP A 462 0.69 5.48 -18.70
N LYS A 463 0.08 5.17 -19.84
CA LYS A 463 -0.83 6.13 -20.47
C LYS A 463 -2.24 6.05 -19.89
N ASP A 464 -2.60 4.94 -19.25
CA ASP A 464 -3.93 4.76 -18.70
C ASP A 464 -4.04 5.39 -17.32
N PRO A 465 -4.80 6.48 -17.17
CA PRO A 465 -4.89 7.11 -15.86
C PRO A 465 -5.45 6.19 -14.78
N TYR A 466 -6.35 5.29 -15.15
CA TYR A 466 -7.07 4.48 -14.17
C TYR A 466 -6.28 3.27 -13.71
N LEU A 467 -5.12 3.02 -14.31
CA LEU A 467 -4.20 2.01 -13.78
C LEU A 467 -3.44 2.48 -12.55
N HIS A 468 -3.35 3.80 -12.35
CA HIS A 468 -2.67 4.39 -11.21
C HIS A 468 -1.26 3.84 -11.07
N HIS A 469 -0.52 3.84 -12.19
CA HIS A 469 0.85 3.32 -12.28
C HIS A 469 1.76 4.52 -12.38
N PHE A 470 2.46 4.85 -11.29
CA PHE A 470 3.24 6.08 -11.23
C PHE A 470 4.46 5.84 -10.37
N ALA A 471 5.43 6.73 -10.53
CA ALA A 471 6.68 6.72 -9.77
C ALA A 471 6.72 7.99 -8.92
N TYR A 472 6.61 7.82 -7.61
CA TYR A 472 6.58 8.90 -6.63
C TYR A 472 7.86 8.74 -5.81
N ASP A 473 8.80 9.66 -5.98
CA ASP A 473 10.11 9.56 -5.34
C ASP A 473 10.51 10.85 -4.65
N PRO A 474 10.24 10.96 -3.34
CA PRO A 474 10.64 12.18 -2.62
C PRO A 474 12.12 12.32 -2.39
N GLN A 475 12.90 11.29 -2.67
CA GLN A 475 14.36 11.32 -2.57
C GLN A 475 14.82 11.68 -1.16
N TYR A 476 14.14 11.11 -0.17
CA TYR A 476 14.50 11.33 1.23
C TYR A 476 15.97 11.01 1.49
N PHE A 477 16.63 11.92 2.18
CA PHE A 477 18.00 11.75 2.67
C PHE A 477 19.04 11.67 1.55
N LEU A 478 18.69 12.02 0.32
CA LEU A 478 19.69 12.03 -0.74
C LEU A 478 20.47 13.33 -0.79
N ASN A 479 20.11 14.30 0.07
CA ASN A 479 20.92 15.47 0.36
C ASN A 479 21.55 15.28 1.74
N GLU A 480 22.86 15.53 1.82
CA GLU A 480 23.59 15.20 3.04
C GLU A 480 23.18 16.06 4.22
N LEU A 481 22.80 17.32 3.98
CA LEU A 481 22.36 18.15 5.09
C LEU A 481 21.02 17.70 5.64
N ASP A 482 20.11 17.18 4.78
CA ASP A 482 18.83 16.69 5.26
C ASP A 482 19.02 15.52 6.24
N LEU A 483 19.98 14.63 5.94
CA LEU A 483 20.24 13.51 6.83
C LEU A 483 20.89 13.97 8.12
N LEU A 484 21.88 14.85 8.03
CA LEU A 484 22.51 15.38 9.24
C LEU A 484 21.50 16.12 10.10
N GLY A 485 20.64 16.94 9.48
CA GLY A 485 19.66 17.69 10.25
C GLY A 485 18.63 16.81 10.92
N GLN A 486 18.14 15.79 10.20
CA GLN A 486 17.20 14.85 10.81
C GLN A 486 17.85 14.14 12.00
N ALA A 487 19.08 13.63 11.80
CA ALA A 487 19.78 12.95 12.88
C ALA A 487 19.97 13.86 14.09
N ALA A 488 20.36 15.11 13.85
CA ALA A 488 20.58 16.04 14.95
C ALA A 488 19.29 16.35 15.68
N ALA A 489 18.19 16.53 14.94
CA ALA A 489 16.91 16.84 15.57
C ALA A 489 16.41 15.66 16.40
N THR A 490 16.59 14.44 15.90
CA THR A 490 16.08 13.29 16.63
C THR A 490 16.93 13.02 17.86
N GLN A 491 18.25 13.19 17.72
CA GLN A 491 19.12 13.12 18.89
C GLN A 491 18.73 14.17 19.93
N LEU A 492 18.35 15.36 19.48
CA LEU A 492 17.90 16.41 20.40
C LEU A 492 16.66 15.98 21.17
N ALA A 493 15.74 15.27 20.52
CA ALA A 493 14.52 14.83 21.19
C ALA A 493 14.83 13.85 22.32
N ARG A 494 15.75 12.91 22.08
CA ARG A 494 16.21 12.06 23.18
C ARG A 494 16.83 12.91 24.28
N ASN A 495 17.69 13.86 23.90
CA ASN A 495 18.38 14.68 24.90
C ASN A 495 17.38 15.44 25.77
N ILE A 496 16.42 16.13 25.13
CA ILE A 496 15.51 16.95 25.91
C ILE A 496 14.55 16.09 26.73
N SER A 497 14.30 14.85 26.31
CA SER A 497 13.41 13.96 27.06
C SER A 497 13.94 13.64 28.45
N ASN A 498 15.24 13.81 28.67
CA ASN A 498 15.87 13.49 29.95
C ASN A 498 16.74 14.65 30.41
N SER A 499 16.25 15.87 30.23
CA SER A 499 16.97 17.09 30.63
C SER A 499 16.07 17.92 31.54
N GLY A 500 16.69 18.51 32.56
CA GLY A 500 15.95 19.43 33.41
C GLY A 500 14.68 18.83 33.97
N ALA A 501 13.59 19.58 33.89
CA ALA A 501 12.33 19.14 34.50
C ALA A 501 11.78 17.86 33.88
N MET A 502 12.17 17.55 32.64
CA MET A 502 11.71 16.29 32.05
C MET A 502 12.27 15.09 32.79
N GLN A 503 13.41 15.24 33.47
CA GLN A 503 13.97 14.12 34.23
C GLN A 503 13.00 13.61 35.28
N THR A 504 12.22 14.52 35.87
CA THR A 504 11.27 14.13 36.91
C THR A 504 10.34 13.02 36.42
N TYR A 505 10.03 13.01 35.12
CA TYR A 505 9.03 12.11 34.56
C TYR A 505 9.63 10.99 33.73
N PHE A 506 10.93 11.00 33.46
CA PHE A 506 11.54 9.99 32.59
C PHE A 506 11.56 8.63 33.27
N ALA A 507 11.06 7.62 32.58
CA ALA A 507 10.99 6.25 33.10
C ALA A 507 11.51 5.25 32.08
N GLY A 508 12.49 5.66 31.28
CA GLY A 508 13.13 4.74 30.36
C GLY A 508 12.69 4.90 28.91
N GLU A 509 13.66 4.92 28.00
CA GLU A 509 13.36 5.05 26.57
C GLU A 509 12.93 3.71 26.00
N THR A 510 11.88 3.75 25.17
CA THR A 510 11.41 2.56 24.46
C THR A 510 11.69 2.60 22.97
N ILE A 511 11.83 3.79 22.38
CA ILE A 511 12.19 3.95 20.97
C ILE A 511 13.20 5.09 20.90
N PRO A 512 14.38 4.90 20.32
CA PRO A 512 14.93 3.67 19.73
C PRO A 512 15.07 2.54 20.73
N GLY A 513 15.31 2.87 21.99
CA GLY A 513 15.53 1.83 23.00
C GLY A 513 16.72 0.99 22.63
N ASP A 514 16.54 -0.33 22.66
CA ASP A 514 17.61 -1.27 22.36
C ASP A 514 18.16 -1.16 20.93
N ASN A 515 17.46 -0.46 20.04
CA ASN A 515 17.86 -0.39 18.64
C ASN A 515 18.93 0.66 18.37
N LEU A 516 19.25 1.52 19.35
CA LEU A 516 20.34 2.49 19.21
C LEU A 516 20.87 2.81 20.60
N ALA A 517 22.17 2.63 20.80
CA ALA A 517 22.77 2.90 22.10
C ALA A 517 22.37 4.29 22.59
N TYR A 518 22.09 4.40 23.89
CA TYR A 518 21.55 5.63 24.44
C TYR A 518 22.55 6.78 24.35
N ASP A 519 23.85 6.48 24.32
CA ASP A 519 24.88 7.51 24.22
C ASP A 519 25.35 7.72 22.78
N ALA A 520 24.56 7.32 21.81
CA ALA A 520 24.97 7.43 20.41
C ALA A 520 25.32 8.87 20.06
N ASP A 521 26.40 9.04 19.30
CA ASP A 521 26.79 10.33 18.79
C ASP A 521 26.09 10.59 17.45
N LEU A 522 26.35 11.76 16.87
CA LEU A 522 25.61 12.15 15.67
C LEU A 522 25.84 11.17 14.53
N SER A 523 27.08 10.68 14.38
CA SER A 523 27.37 9.77 13.29
C SER A 523 26.58 8.47 13.42
N ALA A 524 26.42 7.96 14.64
CA ALA A 524 25.60 6.78 14.85
C ALA A 524 24.14 7.06 14.49
N TRP A 525 23.65 8.24 14.82
CA TRP A 525 22.28 8.60 14.45
C TRP A 525 22.12 8.65 12.94
N THR A 526 23.12 9.18 12.23
CA THR A 526 22.97 9.28 10.78
C THR A 526 22.91 7.89 10.12
N GLU A 527 23.60 6.88 10.69
CA GLU A 527 23.48 5.52 10.15
C GLU A 527 22.18 4.84 10.57
N TYR A 528 21.61 5.24 11.71
CA TYR A 528 20.35 4.66 12.18
C TYR A 528 19.16 5.22 11.41
N ILE A 529 19.15 6.53 11.14
CA ILE A 529 17.92 7.20 10.71
C ILE A 529 17.36 6.67 9.40
N PRO A 530 18.17 6.34 8.38
CA PRO A 530 17.58 5.87 7.12
C PRO A 530 16.75 4.62 7.27
N TYR A 531 16.93 3.86 8.33
CA TYR A 531 16.19 2.61 8.52
C TYR A 531 15.12 2.72 9.59
N HIS A 532 14.85 3.93 10.10
CA HIS A 532 13.91 4.15 11.18
C HIS A 532 13.22 5.50 10.98
N PHE A 533 12.60 5.70 9.83
CA PHE A 533 11.88 6.94 9.56
C PHE A 533 10.64 6.64 8.72
N ARG A 534 9.74 7.61 8.67
CA ARG A 534 8.57 7.54 7.82
C ARG A 534 8.43 8.85 7.06
N PRO A 535 7.73 8.84 5.93
CA PRO A 535 7.32 10.11 5.32
C PRO A 535 6.51 10.94 6.31
N ASN A 536 6.59 12.25 6.16
CA ASN A 536 5.76 13.15 6.96
C ASN A 536 4.41 13.44 6.31
N TYR A 537 4.24 13.08 5.03
CA TYR A 537 2.98 13.29 4.30
C TYR A 537 2.63 14.77 4.14
N HIS A 538 3.63 15.64 4.04
CA HIS A 538 3.44 17.08 3.81
C HIS A 538 3.94 17.49 2.42
N GLY A 539 3.80 16.61 1.43
CA GLY A 539 4.43 16.84 0.15
C GLY A 539 3.80 18.00 -0.59
N VAL A 540 4.65 18.91 -1.08
CA VAL A 540 4.23 20.06 -1.86
C VAL A 540 5.17 20.23 -3.04
N GLY A 541 4.75 21.07 -4.00
CA GLY A 541 5.66 21.59 -5.01
C GLY A 541 5.59 20.97 -6.39
N THR A 542 4.79 19.94 -6.60
CA THR A 542 4.80 19.21 -7.86
C THR A 542 4.16 19.99 -9.02
N CYS A 543 3.44 21.09 -8.73
CA CYS A 543 3.01 22.05 -9.75
C CYS A 543 3.32 23.47 -9.26
N SER A 544 4.61 23.74 -9.06
CA SER A 544 5.03 24.89 -8.27
C SER A 544 4.54 26.21 -8.86
N MET A 545 4.05 27.08 -7.98
CA MET A 545 3.63 28.44 -8.32
C MET A 545 4.85 29.35 -8.28
N MET A 546 5.48 29.50 -9.43
CA MET A 546 6.59 30.42 -9.63
CA MET A 546 6.60 30.42 -9.62
C MET A 546 6.75 30.67 -11.11
N PRO A 547 7.51 31.69 -11.50
CA PRO A 547 7.64 31.99 -12.94
C PRO A 547 8.08 30.76 -13.73
N LYS A 548 7.58 30.69 -14.96
CA LYS A 548 7.99 29.61 -15.86
C LYS A 548 9.52 29.54 -15.97
N GLU A 549 10.19 30.69 -15.92
CA GLU A 549 11.65 30.75 -16.02
C GLU A 549 12.37 30.15 -14.82
N MET A 550 11.71 30.06 -13.67
CA MET A 550 12.24 29.46 -12.46
C MET A 550 11.85 27.98 -12.34
N GLY A 551 11.20 27.42 -13.36
CA GLY A 551 10.72 26.05 -13.29
C GLY A 551 9.29 25.90 -12.82
N GLY A 552 8.52 26.97 -12.81
CA GLY A 552 7.15 26.90 -12.32
C GLY A 552 6.19 26.32 -13.31
N VAL A 553 5.02 25.97 -12.80
CA VAL A 553 3.96 25.34 -13.59
C VAL A 553 2.71 26.21 -13.63
N VAL A 554 2.47 27.02 -12.58
CA VAL A 554 1.31 27.90 -12.52
C VAL A 554 1.74 29.31 -12.14
N ASP A 555 0.92 30.29 -12.54
CA ASP A 555 1.19 31.69 -12.27
C ASP A 555 0.56 32.08 -10.93
N ASN A 556 0.60 33.37 -10.57
CA ASN A 556 0.16 33.80 -9.26
C ASN A 556 -1.36 33.77 -9.09
N ALA A 557 -2.11 33.37 -10.11
CA ALA A 557 -3.52 33.06 -9.97
C ALA A 557 -3.79 31.56 -10.15
N ALA A 558 -2.74 30.74 -10.06
CA ALA A 558 -2.83 29.28 -10.10
C ALA A 558 -3.13 28.73 -11.49
N ARG A 559 -2.96 29.54 -12.52
CA ARG A 559 -3.25 29.12 -13.89
C ARG A 559 -2.03 28.43 -14.50
N VAL A 560 -2.27 27.26 -15.09
CA VAL A 560 -1.21 26.53 -15.77
C VAL A 560 -0.72 27.31 -16.98
N TYR A 561 0.60 27.46 -17.09
CA TYR A 561 1.18 28.22 -18.18
C TYR A 561 0.86 27.57 -19.52
N GLY A 562 0.46 28.40 -20.49
CA GLY A 562 0.21 27.93 -21.83
C GLY A 562 -1.11 27.23 -22.03
N VAL A 563 -2.00 27.24 -21.04
CA VAL A 563 -3.30 26.59 -21.14
C VAL A 563 -4.34 27.58 -20.63
N GLN A 564 -5.46 27.68 -21.34
CA GLN A 564 -6.56 28.54 -20.95
C GLN A 564 -7.57 27.73 -20.14
N GLY A 565 -8.15 28.37 -19.13
CA GLY A 565 -9.20 27.74 -18.35
C GLY A 565 -8.79 26.57 -17.49
N LEU A 566 -7.55 26.55 -17.04
CA LEU A 566 -7.06 25.43 -16.24
C LEU A 566 -6.22 25.95 -15.09
N ARG A 567 -6.57 25.53 -13.88
CA ARG A 567 -5.81 25.89 -12.70
C ARG A 567 -5.51 24.65 -11.86
N VAL A 568 -4.45 24.73 -11.06
CA VAL A 568 -4.16 23.77 -10.00
C VAL A 568 -4.18 24.56 -8.70
N ILE A 569 -5.00 24.13 -7.73
CA ILE A 569 -5.34 24.98 -6.59
C ILE A 569 -4.99 24.33 -5.25
N ASP A 570 -4.25 23.22 -5.25
CA ASP A 570 -4.04 22.38 -4.08
C ASP A 570 -2.59 22.44 -3.63
N GLY A 571 -2.20 21.48 -2.79
CA GLY A 571 -0.85 21.41 -2.23
C GLY A 571 0.24 21.16 -3.24
N SER A 572 -0.14 20.95 -4.50
CA SER A 572 0.85 20.88 -5.57
C SER A 572 1.59 22.21 -5.75
N ILE A 573 0.97 23.33 -5.40
CA ILE A 573 1.47 24.62 -5.90
C ILE A 573 2.40 25.38 -4.98
N PRO A 574 2.37 25.22 -3.67
CA PRO A 574 3.37 25.91 -2.84
C PRO A 574 4.78 25.60 -3.34
N PRO A 575 5.57 26.63 -3.64
CA PRO A 575 6.93 26.39 -4.17
C PRO A 575 7.96 26.03 -3.10
N THR A 576 7.65 26.24 -1.82
CA THR A 576 8.58 25.94 -0.74
C THR A 576 7.86 25.16 0.35
N GLN A 577 8.64 24.51 1.21
CA GLN A 577 8.11 24.06 2.48
C GLN A 577 7.99 25.28 3.40
N MET A 578 7.47 25.04 4.60
CA MET A 578 7.23 26.11 5.56
C MET A 578 7.31 25.54 6.96
N SER A 579 7.68 26.41 7.91
CA SER A 579 7.89 25.98 9.28
C SER A 579 6.56 25.98 10.00
N SER A 580 5.68 25.08 9.58
CA SER A 580 4.36 25.02 10.17
CA SER A 580 4.34 25.04 10.17
C SER A 580 3.58 23.83 9.60
N HIS A 581 2.41 23.61 10.16
CA HIS A 581 1.40 22.71 9.63
C HIS A 581 0.60 23.50 8.61
N VAL A 582 0.17 22.84 7.55
CA VAL A 582 -0.17 23.58 6.33
C VAL A 582 -1.64 23.95 6.19
N MET A 583 -2.53 23.40 7.01
CA MET A 583 -3.96 23.69 6.83
C MET A 583 -4.24 25.19 6.85
N THR A 584 -3.64 25.93 7.80
CA THR A 584 -3.91 27.36 7.88
C THR A 584 -3.59 28.07 6.56
N VAL A 585 -2.56 27.61 5.87
CA VAL A 585 -2.12 28.21 4.61
C VAL A 585 -2.99 27.73 3.46
N PHE A 586 -3.34 26.45 3.46
CA PHE A 586 -4.08 25.87 2.33
C PHE A 586 -5.51 26.39 2.29
N TYR A 587 -6.15 26.58 3.46
CA TYR A 587 -7.48 27.21 3.46
C TYR A 587 -7.39 28.62 2.92
N ALA A 588 -6.36 29.37 3.34
CA ALA A 588 -6.17 30.72 2.85
C ALA A 588 -5.90 30.73 1.36
N MET A 589 -5.05 29.81 0.90
CA MET A 589 -4.74 29.66 -0.51
C MET A 589 -6.00 29.46 -1.33
N ALA A 590 -6.87 28.56 -0.87
CA ALA A 590 -8.10 28.28 -1.60
C ALA A 590 -9.00 29.52 -1.67
N LEU A 591 -9.12 30.26 -0.57
CA LEU A 591 -9.95 31.46 -0.60
C LEU A 591 -9.38 32.50 -1.56
N LYS A 592 -8.05 32.65 -1.55
CA LYS A 592 -7.40 33.66 -2.39
C LYS A 592 -7.55 33.33 -3.87
N ILE A 593 -7.33 32.07 -4.23
CA ILE A 593 -7.53 31.63 -5.61
C ILE A 593 -9.00 31.76 -5.98
N SER A 594 -9.91 31.44 -5.06
CA SER A 594 -11.33 31.58 -5.34
C SER A 594 -11.69 33.02 -5.71
N ASP A 595 -11.11 34.00 -5.01
CA ASP A 595 -11.36 35.40 -5.34
C ASP A 595 -10.88 35.74 -6.75
N ALA A 596 -9.70 35.22 -7.12
CA ALA A 596 -9.20 35.45 -8.47
C ALA A 596 -10.13 34.84 -9.51
N ILE A 597 -10.60 33.62 -9.26
CA ILE A 597 -11.52 32.98 -10.19
C ILE A 597 -12.79 33.79 -10.35
N LEU A 598 -13.36 34.25 -9.22
CA LEU A 598 -14.62 34.99 -9.28
C LEU A 598 -14.45 36.38 -9.92
N GLU A 599 -13.31 37.04 -9.68
CA GLU A 599 -13.05 38.31 -10.34
C GLU A 599 -12.98 38.14 -11.85
N ASP A 600 -12.31 37.07 -12.31
CA ASP A 600 -12.27 36.80 -13.74
C ASP A 600 -13.66 36.51 -14.29
N TYR A 601 -14.46 35.73 -13.55
CA TYR A 601 -15.83 35.48 -13.95
C TYR A 601 -16.59 36.78 -14.15
N ALA A 602 -16.52 37.66 -13.15
CA ALA A 602 -17.29 38.92 -13.23
C ALA A 602 -16.79 39.82 -14.34
N SER A 603 -15.46 39.90 -14.51
CA SER A 603 -14.88 40.78 -15.52
C SER A 603 -15.21 40.31 -16.92
N MET A 604 -15.32 38.99 -17.12
CA MET A 604 -15.53 38.40 -18.43
C MET A 604 -17.00 38.37 -18.84
N GLN A 605 -17.94 38.58 -17.91
CA GLN A 605 -19.36 38.59 -18.28
C GLN A 605 -19.66 39.79 -19.16
N ASN B 24 -19.28 -8.71 -29.82
CA ASN B 24 -18.60 -7.41 -29.60
C ASN B 24 -17.45 -7.54 -28.61
N GLY B 25 -17.08 -8.78 -28.30
CA GLY B 25 -15.93 -9.05 -27.47
C GLY B 25 -16.27 -9.22 -26.00
N ILE B 26 -15.29 -9.76 -25.25
CA ILE B 26 -15.53 -10.11 -23.86
C ILE B 26 -15.84 -8.86 -23.03
N GLU B 27 -15.13 -7.76 -23.29
CA GLU B 27 -15.32 -6.55 -22.49
C GLU B 27 -16.78 -6.08 -22.54
N ALA B 28 -17.39 -6.09 -23.73
CA ALA B 28 -18.77 -5.66 -23.85
C ALA B 28 -19.72 -6.59 -23.12
N SER B 29 -19.33 -7.85 -22.90
CA SER B 29 -20.18 -8.80 -22.21
C SER B 29 -20.16 -8.62 -20.69
N LEU B 30 -19.17 -7.93 -20.16
CA LEU B 30 -19.03 -7.78 -18.71
C LEU B 30 -20.02 -6.77 -18.18
N LEU B 31 -20.58 -7.05 -17.01
CA LEU B 31 -21.52 -6.16 -16.36
C LEU B 31 -20.77 -5.21 -15.42
N THR B 32 -21.21 -3.96 -15.40
CA THR B 32 -20.66 -2.96 -14.50
C THR B 32 -21.71 -2.27 -13.64
N ASP B 33 -22.99 -2.37 -13.98
CA ASP B 33 -24.05 -1.67 -13.28
C ASP B 33 -24.68 -2.58 -12.24
N PRO B 34 -24.59 -2.26 -10.95
CA PRO B 34 -25.21 -3.16 -9.95
C PRO B 34 -26.69 -3.41 -10.18
N LYS B 35 -27.40 -2.47 -10.83
CA LYS B 35 -28.82 -2.61 -11.06
C LYS B 35 -29.16 -3.74 -12.01
N ASP B 36 -28.17 -4.27 -12.73
CA ASP B 36 -28.42 -5.38 -13.64
C ASP B 36 -28.70 -6.68 -12.89
N VAL B 37 -28.18 -6.82 -11.67
CA VAL B 37 -28.36 -8.04 -10.89
C VAL B 37 -29.06 -7.82 -9.58
N SER B 38 -29.20 -6.58 -9.11
CA SER B 38 -29.81 -6.32 -7.81
C SER B 38 -31.19 -6.95 -7.72
N GLY B 39 -31.43 -7.66 -6.62
CA GLY B 39 -32.71 -8.29 -6.37
C GLY B 39 -32.99 -9.57 -7.12
N ARG B 40 -32.10 -9.98 -8.02
CA ARG B 40 -32.32 -11.19 -8.80
C ARG B 40 -31.75 -12.42 -8.10
N THR B 41 -32.13 -13.58 -8.62
CA THR B 41 -31.70 -14.87 -8.09
C THR B 41 -31.01 -15.65 -9.19
N VAL B 42 -29.84 -16.19 -8.89
CA VAL B 42 -29.12 -17.10 -9.76
C VAL B 42 -28.88 -18.40 -8.97
N ASP B 43 -28.39 -19.41 -9.67
CA ASP B 43 -28.13 -20.68 -8.99
C ASP B 43 -26.93 -20.56 -8.06
N TYR B 44 -25.82 -20.01 -8.55
CA TYR B 44 -24.61 -19.87 -7.77
C TYR B 44 -24.02 -18.47 -7.89
N ILE B 45 -23.62 -17.91 -6.76
CA ILE B 45 -22.88 -16.66 -6.70
C ILE B 45 -21.45 -16.99 -6.31
N ILE B 46 -20.49 -16.50 -7.09
CA ILE B 46 -19.07 -16.68 -6.80
C ILE B 46 -18.49 -15.31 -6.46
N ALA B 47 -17.99 -15.17 -5.24
CA ALA B 47 -17.36 -13.95 -4.79
C ALA B 47 -15.87 -14.02 -5.11
N GLY B 48 -15.44 -13.28 -6.13
CA GLY B 48 -14.06 -13.28 -6.55
C GLY B 48 -13.84 -13.98 -7.86
N GLY B 49 -13.41 -13.22 -8.87
CA GLY B 49 -13.17 -13.80 -10.18
C GLY B 49 -11.70 -14.05 -10.44
N GLY B 50 -11.06 -14.77 -9.53
CA GLY B 50 -9.67 -15.11 -9.64
C GLY B 50 -9.46 -16.52 -10.16
N LEU B 51 -8.37 -17.14 -9.72
CA LEU B 51 -8.02 -18.48 -10.21
C LEU B 51 -9.13 -19.49 -9.92
N THR B 52 -9.45 -19.70 -8.63
CA THR B 52 -10.45 -20.73 -8.33
C THR B 52 -11.85 -20.28 -8.72
N GLY B 53 -12.12 -18.98 -8.65
CA GLY B 53 -13.46 -18.50 -8.97
C GLY B 53 -13.81 -18.68 -10.43
N LEU B 54 -12.88 -18.33 -11.32
CA LEU B 54 -13.18 -18.42 -12.75
C LEU B 54 -13.11 -19.87 -13.24
N THR B 55 -12.21 -20.67 -12.68
CA THR B 55 -12.19 -22.09 -13.02
C THR B 55 -13.53 -22.74 -12.66
N THR B 56 -14.05 -22.43 -11.47
CA THR B 56 -15.30 -23.01 -11.02
C THR B 56 -16.47 -22.47 -11.82
N ALA B 57 -16.49 -21.16 -12.10
CA ALA B 57 -17.55 -20.58 -12.91
C ALA B 57 -17.63 -21.22 -14.30
N ALA B 58 -16.46 -21.48 -14.91
CA ALA B 58 -16.44 -22.13 -16.20
C ALA B 58 -16.97 -23.56 -16.08
N ARG B 59 -16.52 -24.28 -15.06
CA ARG B 59 -16.93 -25.68 -14.91
C ARG B 59 -18.44 -25.78 -14.70
N LEU B 60 -19.00 -24.90 -13.85
CA LEU B 60 -20.42 -25.01 -13.53
C LEU B 60 -21.29 -24.64 -14.72
N THR B 61 -20.88 -23.65 -15.51
CA THR B 61 -21.72 -23.17 -16.62
C THR B 61 -21.61 -24.04 -17.87
N GLU B 62 -20.83 -25.13 -17.83
CA GLU B 62 -20.87 -26.09 -18.93
C GLU B 62 -22.27 -26.69 -19.09
N ASN B 63 -22.99 -26.85 -17.98
CA ASN B 63 -24.40 -27.22 -18.03
C ASN B 63 -25.24 -25.98 -18.31
N PRO B 64 -25.99 -25.93 -19.42
CA PRO B 64 -26.72 -24.69 -19.75
C PRO B 64 -27.81 -24.33 -18.74
N ASN B 65 -28.24 -25.26 -17.90
CA ASN B 65 -29.29 -24.98 -16.93
C ASN B 65 -28.77 -24.40 -15.61
N ILE B 66 -27.46 -24.31 -15.43
CA ILE B 66 -26.88 -23.75 -14.22
C ILE B 66 -26.47 -22.31 -14.51
N SER B 67 -27.03 -21.38 -13.75
CA SER B 67 -26.70 -19.97 -13.87
C SER B 67 -25.68 -19.60 -12.81
N VAL B 68 -24.66 -18.84 -13.21
CA VAL B 68 -23.59 -18.41 -12.31
C VAL B 68 -23.40 -16.91 -12.44
N LEU B 69 -23.26 -16.23 -11.30
CA LEU B 69 -22.86 -14.84 -11.25
C LEU B 69 -21.52 -14.75 -10.52
N VAL B 70 -20.50 -14.26 -11.22
CA VAL B 70 -19.22 -13.93 -10.61
C VAL B 70 -19.22 -12.43 -10.29
N ILE B 71 -18.84 -12.10 -9.05
CA ILE B 71 -18.67 -10.72 -8.63
C ILE B 71 -17.20 -10.51 -8.30
N GLU B 72 -16.56 -9.61 -9.03
CA GLU B 72 -15.12 -9.36 -8.92
C GLU B 72 -14.88 -7.89 -8.62
N SER B 73 -13.94 -7.61 -7.72
CA SER B 73 -13.65 -6.25 -7.35
C SER B 73 -12.93 -5.48 -8.45
N GLY B 74 -12.13 -6.16 -9.27
CA GLY B 74 -11.42 -5.53 -10.35
C GLY B 74 -12.13 -5.72 -11.68
N SER B 75 -11.38 -5.56 -12.76
CA SER B 75 -11.96 -5.63 -14.09
C SER B 75 -11.13 -6.51 -15.02
N TYR B 76 -11.40 -6.44 -16.32
CA TYR B 76 -10.69 -7.25 -17.32
C TYR B 76 -9.34 -6.62 -17.63
N GLU B 77 -8.28 -7.42 -17.51
CA GLU B 77 -6.93 -6.93 -17.68
C GLU B 77 -6.11 -7.72 -18.69
N SER B 78 -6.63 -8.83 -19.23
CA SER B 78 -5.79 -9.74 -19.99
C SER B 78 -5.30 -9.15 -21.30
N ASP B 79 -6.00 -8.14 -21.85
CA ASP B 79 -5.63 -7.49 -23.09
C ASP B 79 -4.87 -6.19 -22.88
N ARG B 80 -4.43 -5.90 -21.65
CA ARG B 80 -3.87 -4.58 -21.37
C ARG B 80 -2.58 -4.34 -22.15
N GLY B 81 -1.77 -5.38 -22.29
CA GLY B 81 -0.47 -5.26 -22.90
C GLY B 81 0.58 -5.99 -22.08
N PRO B 82 1.86 -5.74 -22.41
CA PRO B 82 2.94 -6.53 -21.80
C PRO B 82 2.98 -6.49 -20.28
N ILE B 83 2.57 -5.39 -19.64
CA ILE B 83 2.64 -5.34 -18.19
C ILE B 83 1.88 -6.50 -17.57
N ILE B 84 0.85 -6.99 -18.26
CA ILE B 84 0.11 -8.17 -17.85
C ILE B 84 0.55 -9.41 -18.65
N GLU B 85 0.73 -9.28 -19.95
CA GLU B 85 0.86 -10.44 -20.82
C GLU B 85 2.27 -10.98 -20.94
N ASP B 86 3.28 -10.22 -20.54
CA ASP B 86 4.68 -10.63 -20.65
C ASP B 86 5.18 -11.06 -19.28
N LEU B 87 5.47 -12.36 -19.13
CA LEU B 87 5.92 -12.83 -17.80
C LEU B 87 7.24 -12.18 -17.40
N ASN B 88 8.04 -11.76 -18.39
CA ASN B 88 9.31 -11.10 -18.08
C ASN B 88 9.13 -9.70 -17.50
N ALA B 89 7.93 -9.12 -17.58
CA ALA B 89 7.61 -7.85 -16.92
C ALA B 89 7.15 -8.04 -15.48
N TYR B 90 7.25 -9.25 -14.96
CA TYR B 90 6.82 -9.57 -13.60
C TYR B 90 7.29 -8.51 -12.61
N GLY B 91 6.34 -8.01 -11.83
CA GLY B 91 6.59 -7.02 -10.81
C GLY B 91 6.28 -5.60 -11.22
N ASP B 92 6.32 -5.28 -12.52
CA ASP B 92 6.01 -3.92 -12.94
C ASP B 92 4.61 -3.49 -12.51
N ILE B 93 3.66 -4.43 -12.47
CA ILE B 93 2.29 -4.12 -12.11
C ILE B 93 2.11 -3.81 -10.63
N PHE B 94 3.10 -4.10 -9.78
CA PHE B 94 2.94 -3.91 -8.36
C PHE B 94 2.67 -2.43 -8.05
N GLY B 95 1.79 -2.18 -7.09
CA GLY B 95 1.44 -0.83 -6.69
C GLY B 95 0.37 -0.17 -7.53
N SER B 96 -0.08 -0.80 -8.60
CA SER B 96 -1.10 -0.26 -9.48
C SER B 96 -2.50 -0.67 -9.01
N SER B 97 -3.52 -0.27 -9.77
CA SER B 97 -4.88 -0.68 -9.44
C SER B 97 -5.11 -2.17 -9.57
N VAL B 98 -4.20 -2.90 -10.22
CA VAL B 98 -4.34 -4.34 -10.42
C VAL B 98 -3.65 -5.10 -9.29
N ASP B 99 -3.15 -4.37 -8.28
CA ASP B 99 -2.50 -4.94 -7.11
C ASP B 99 -3.21 -4.45 -5.86
N HIS B 100 -3.82 -5.37 -5.11
CA HIS B 100 -4.52 -4.97 -3.88
C HIS B 100 -3.56 -4.38 -2.84
N ALA B 101 -2.31 -4.84 -2.84
CA ALA B 101 -1.30 -4.35 -1.91
C ALA B 101 -1.83 -4.31 -0.47
N TYR B 102 -2.30 -5.46 0.01
CA TYR B 102 -2.81 -5.53 1.38
C TYR B 102 -1.67 -5.25 2.37
N GLU B 103 -1.93 -4.38 3.35
CA GLU B 103 -0.92 -4.03 4.33
C GLU B 103 -1.05 -4.92 5.55
N THR B 104 0.09 -5.46 6.00
CA THR B 104 0.12 -6.25 7.22
C THR B 104 0.09 -5.32 8.44
N VAL B 105 -0.05 -5.91 9.63
CA VAL B 105 0.19 -5.19 10.88
C VAL B 105 1.66 -4.80 10.96
N GLU B 106 2.02 -3.99 11.95
CA GLU B 106 3.43 -3.73 12.24
C GLU B 106 4.04 -5.06 12.71
N LEU B 107 4.89 -5.66 11.90
CA LEU B 107 5.40 -7.00 12.17
C LEU B 107 6.32 -6.98 13.39
N ALA B 108 6.18 -8.01 14.24
CA ALA B 108 6.99 -8.05 15.45
C ALA B 108 8.46 -8.28 15.15
N THR B 109 8.77 -8.94 14.01
CA THR B 109 10.17 -9.28 13.77
C THR B 109 11.02 -8.05 13.48
N ASN B 110 10.43 -7.01 12.88
CA ASN B 110 11.21 -5.84 12.50
C ASN B 110 10.48 -4.51 12.69
N ASN B 111 9.31 -4.52 13.32
CA ASN B 111 8.53 -3.29 13.56
C ASN B 111 8.30 -2.50 12.26
N GLN B 112 8.05 -3.22 11.18
CA GLN B 112 7.70 -2.62 9.90
C GLN B 112 6.43 -3.25 9.37
N THR B 113 5.70 -2.47 8.57
CA THR B 113 4.54 -2.94 7.83
C THR B 113 5.03 -3.52 6.52
N ALA B 114 4.39 -4.60 6.06
CA ALA B 114 4.72 -5.19 4.77
C ALA B 114 3.49 -5.14 3.87
N LEU B 115 3.75 -5.23 2.57
CA LEU B 115 2.71 -5.19 1.54
C LEU B 115 2.54 -6.60 0.97
N ILE B 116 1.29 -7.05 0.88
CA ILE B 116 0.97 -8.35 0.31
C ILE B 116 0.47 -8.10 -1.12
N ARG B 117 1.32 -8.42 -2.09
CA ARG B 117 0.91 -8.32 -3.49
C ARG B 117 -0.19 -9.34 -3.74
N SER B 118 -1.22 -8.94 -4.47
CA SER B 118 -2.36 -9.80 -4.73
C SER B 118 -3.12 -9.21 -5.91
N GLY B 119 -3.44 -10.05 -6.89
CA GLY B 119 -4.01 -9.55 -8.14
C GLY B 119 -5.44 -9.06 -7.95
N ASN B 120 -5.74 -7.90 -8.56
CA ASN B 120 -7.06 -7.28 -8.51
C ASN B 120 -7.59 -7.18 -9.94
N GLY B 121 -8.46 -8.11 -10.31
CA GLY B 121 -8.98 -8.16 -11.66
C GLY B 121 -9.34 -9.58 -12.03
N LEU B 122 -9.99 -9.72 -13.18
CA LEU B 122 -10.36 -11.04 -13.65
C LEU B 122 -9.10 -11.86 -13.89
N GLY B 123 -9.00 -12.99 -13.18
CA GLY B 123 -7.80 -13.80 -13.13
C GLY B 123 -7.08 -13.72 -11.79
N GLY B 124 -7.41 -12.74 -10.98
CA GLY B 124 -6.81 -12.66 -9.65
C GLY B 124 -5.30 -12.57 -9.72
N SER B 125 -4.63 -13.27 -8.81
CA SER B 125 -3.17 -13.19 -8.80
C SER B 125 -2.53 -13.90 -9.98
N THR B 126 -3.29 -14.66 -10.78
CA THR B 126 -2.67 -15.18 -12.00
C THR B 126 -2.37 -14.06 -12.99
N LEU B 127 -2.90 -12.84 -12.77
CA LEU B 127 -2.57 -11.70 -13.62
C LEU B 127 -1.16 -11.19 -13.33
N VAL B 128 -0.67 -11.40 -12.10
CA VAL B 128 0.51 -10.70 -11.61
C VAL B 128 1.61 -11.65 -11.17
N ASN B 129 1.43 -12.96 -11.30
CA ASN B 129 2.36 -13.88 -10.67
C ASN B 129 3.53 -14.23 -11.61
N GLY B 130 4.46 -15.05 -11.09
CA GLY B 130 5.68 -15.40 -11.79
C GLY B 130 5.55 -16.48 -12.82
N GLY B 131 4.37 -17.10 -12.91
CA GLY B 131 4.10 -18.09 -13.93
C GLY B 131 4.70 -19.47 -13.71
N THR B 132 5.34 -19.72 -12.56
CA THR B 132 6.02 -20.99 -12.36
C THR B 132 5.02 -22.11 -12.15
N TRP B 133 5.21 -23.21 -12.89
CA TRP B 133 4.26 -24.32 -12.97
C TRP B 133 4.97 -25.57 -12.46
N THR B 134 4.76 -25.89 -11.17
CA THR B 134 5.32 -27.10 -10.57
C THR B 134 4.30 -27.67 -9.59
N ARG B 135 4.55 -28.92 -9.15
CA ARG B 135 3.69 -29.66 -8.24
C ARG B 135 4.43 -30.05 -6.97
N PRO B 136 3.69 -30.30 -5.88
CA PRO B 136 4.35 -30.67 -4.62
C PRO B 136 4.77 -32.12 -4.55
N HIS B 137 5.21 -32.53 -3.37
CA HIS B 137 5.61 -33.91 -3.12
C HIS B 137 4.38 -34.75 -2.82
N LYS B 138 4.36 -35.96 -3.37
CA LYS B 138 3.22 -36.85 -3.19
C LYS B 138 2.81 -36.97 -1.72
N ALA B 139 3.79 -37.06 -0.83
CA ALA B 139 3.47 -37.28 0.59
C ALA B 139 2.73 -36.07 1.18
N GLN B 140 2.98 -34.89 0.65
CA GLN B 140 2.33 -33.70 1.19
C GLN B 140 0.84 -33.71 0.92
N VAL B 141 0.45 -34.02 -0.33
CA VAL B 141 -0.96 -34.10 -0.65
C VAL B 141 -1.60 -35.31 0.01
N ASP B 142 -0.89 -36.45 0.07
CA ASP B 142 -1.46 -37.62 0.73
C ASP B 142 -1.87 -37.30 2.16
N SER B 143 -1.07 -36.48 2.86
CA SER B 143 -1.36 -36.17 4.25
C SER B 143 -2.65 -35.37 4.42
N TRP B 144 -3.11 -34.66 3.38
CA TRP B 144 -4.40 -34.01 3.49
C TRP B 144 -5.51 -35.01 3.77
N GLU B 145 -5.36 -36.25 3.30
CA GLU B 145 -6.33 -37.30 3.58
C GLU B 145 -6.02 -38.04 4.87
N THR B 146 -4.75 -38.38 5.11
CA THR B 146 -4.43 -39.26 6.23
C THR B 146 -4.26 -38.51 7.55
N VAL B 147 -3.84 -37.24 7.49
CA VAL B 147 -3.63 -36.44 8.69
C VAL B 147 -4.78 -35.45 8.91
N PHE B 148 -5.29 -34.84 7.83
CA PHE B 148 -6.30 -33.80 7.95
C PHE B 148 -7.69 -34.30 7.57
N GLY B 149 -7.88 -35.62 7.53
CA GLY B 149 -9.20 -36.22 7.45
C GLY B 149 -10.05 -35.79 6.28
N ASN B 150 -9.44 -35.53 5.13
CA ASN B 150 -10.15 -35.13 3.92
C ASN B 150 -10.16 -36.33 2.98
N GLU B 151 -11.20 -37.15 3.09
CA GLU B 151 -11.29 -38.36 2.27
C GLU B 151 -11.31 -37.97 0.79
N GLY B 152 -10.50 -38.68 0.00
CA GLY B 152 -10.39 -38.42 -1.42
C GLY B 152 -9.38 -37.36 -1.80
N TRP B 153 -8.79 -36.64 -0.83
CA TRP B 153 -7.79 -35.62 -1.12
C TRP B 153 -6.39 -36.21 -0.94
N ASN B 154 -5.96 -36.98 -1.92
CA ASN B 154 -4.64 -37.58 -1.95
C ASN B 154 -3.98 -37.24 -3.28
N TRP B 155 -2.67 -37.53 -3.37
CA TRP B 155 -1.92 -37.17 -4.58
C TRP B 155 -2.58 -37.72 -5.83
N ASP B 156 -2.85 -39.02 -5.87
CA ASP B 156 -3.36 -39.64 -7.08
C ASP B 156 -4.64 -38.96 -7.55
N ASN B 157 -5.54 -38.63 -6.62
CA ASN B 157 -6.79 -38.00 -6.99
CA ASN B 157 -6.80 -38.00 -6.98
C ASN B 157 -6.57 -36.55 -7.40
N VAL B 158 -5.77 -35.81 -6.64
CA VAL B 158 -5.55 -34.39 -6.94
C VAL B 158 -4.71 -34.24 -8.20
N ALA B 159 -3.70 -35.09 -8.35
CA ALA B 159 -2.86 -35.00 -9.54
C ALA B 159 -3.66 -35.26 -10.80
N ALA B 160 -4.61 -36.19 -10.75
CA ALA B 160 -5.44 -36.45 -11.93
C ALA B 160 -6.24 -35.21 -12.33
N TYR B 161 -6.80 -34.50 -11.34
CA TYR B 161 -7.48 -33.24 -11.65
C TYR B 161 -6.49 -32.22 -12.20
N SER B 162 -5.27 -32.21 -11.67
CA SER B 162 -4.26 -31.26 -12.15
C SER B 162 -3.92 -31.52 -13.61
N LEU B 163 -3.67 -32.79 -13.96
CA LEU B 163 -3.38 -33.12 -15.35
C LEU B 163 -4.56 -32.77 -16.25
N GLN B 164 -5.79 -32.98 -15.76
CA GLN B 164 -6.97 -32.64 -16.55
C GLN B 164 -7.04 -31.14 -16.85
N ALA B 165 -6.61 -30.31 -15.90
CA ALA B 165 -6.59 -28.87 -16.12
C ALA B 165 -5.48 -28.45 -17.07
N GLU B 166 -4.43 -29.27 -17.18
CA GLU B 166 -3.18 -28.84 -17.80
C GLU B 166 -3.22 -29.06 -19.30
N ARG B 167 -2.63 -28.13 -20.04
CA ARG B 167 -2.43 -28.25 -21.50
C ARG B 167 -0.97 -27.92 -21.76
N ALA B 168 -0.09 -28.89 -21.48
CA ALA B 168 1.34 -28.66 -21.49
C ALA B 168 1.95 -28.95 -22.86
N ARG B 169 3.03 -28.23 -23.16
CA ARG B 169 3.79 -28.42 -24.39
C ARG B 169 5.17 -28.94 -24.03
N ALA B 170 5.61 -30.01 -24.69
CA ALA B 170 6.93 -30.54 -24.42
C ALA B 170 7.98 -29.55 -24.92
N PRO B 171 9.14 -29.52 -24.26
CA PRO B 171 10.23 -28.63 -24.74
C PRO B 171 10.82 -29.09 -26.06
N ASN B 172 11.30 -28.12 -26.84
CA ASN B 172 11.96 -28.42 -28.11
C ASN B 172 13.45 -28.66 -27.87
N ALA B 173 14.20 -28.87 -28.95
CA ALA B 173 15.60 -29.25 -28.80
C ALA B 173 16.42 -28.11 -28.17
N LYS B 174 16.14 -26.87 -28.55
CA LYS B 174 16.81 -25.74 -27.92
C LYS B 174 16.54 -25.73 -26.42
N GLN B 175 15.30 -25.97 -26.03
CA GLN B 175 14.90 -25.87 -24.64
C GLN B 175 15.44 -27.05 -23.83
N ILE B 176 15.46 -28.24 -24.43
CA ILE B 176 16.07 -29.40 -23.78
C ILE B 176 17.57 -29.14 -23.58
N ALA B 177 18.23 -28.63 -24.62
CA ALA B 177 19.66 -28.39 -24.55
C ALA B 177 20.00 -27.40 -23.45
N ALA B 178 19.11 -26.45 -23.17
CA ALA B 178 19.35 -25.50 -22.09
C ALA B 178 19.23 -26.14 -20.70
N GLY B 179 18.54 -27.27 -20.58
CA GLY B 179 18.43 -27.95 -19.32
C GLY B 179 17.06 -28.49 -18.98
N HIS B 180 16.08 -28.26 -19.86
CA HIS B 180 14.72 -28.74 -19.60
C HIS B 180 14.65 -30.26 -19.65
N TYR B 181 13.82 -30.83 -18.77
CA TYR B 181 13.45 -32.23 -18.89
C TYR B 181 11.96 -32.39 -18.61
N PHE B 182 11.26 -33.05 -19.53
CA PHE B 182 9.80 -33.13 -19.53
C PHE B 182 9.41 -34.60 -19.62
N ASN B 183 8.72 -35.09 -18.58
CA ASN B 183 8.23 -36.46 -18.55
C ASN B 183 6.75 -36.43 -18.92
N ALA B 184 6.45 -36.84 -20.15
CA ALA B 184 5.10 -36.67 -20.69
C ALA B 184 4.05 -37.36 -19.83
N SER B 185 4.43 -38.42 -19.11
CA SER B 185 3.46 -39.12 -18.28
C SER B 185 3.02 -38.30 -17.08
N CYS B 186 3.73 -37.23 -16.73
CA CYS B 186 3.38 -36.39 -15.60
C CYS B 186 2.61 -35.14 -16.00
N HIS B 187 2.14 -35.04 -17.24
CA HIS B 187 1.53 -33.82 -17.73
C HIS B 187 0.33 -34.13 -18.60
N GLY B 188 -0.70 -33.30 -18.47
CA GLY B 188 -1.81 -33.33 -19.40
C GLY B 188 -1.50 -32.43 -20.59
N VAL B 189 -1.95 -32.84 -21.77
CA VAL B 189 -1.71 -32.11 -23.00
C VAL B 189 -3.01 -31.72 -23.70
N ASN B 190 -4.16 -32.08 -23.14
CA ASN B 190 -5.46 -31.79 -23.77
C ASN B 190 -6.37 -30.96 -22.86
N GLY B 191 -5.80 -30.28 -21.87
CA GLY B 191 -6.57 -29.51 -20.90
C GLY B 191 -6.80 -28.07 -21.31
N THR B 192 -6.89 -27.20 -20.30
CA THR B 192 -7.32 -25.82 -20.48
C THR B 192 -6.22 -24.80 -20.25
N VAL B 193 -5.35 -25.01 -19.27
CA VAL B 193 -4.33 -24.03 -18.92
C VAL B 193 -3.10 -24.30 -19.77
N HIS B 194 -2.81 -23.40 -20.71
CA HIS B 194 -1.64 -23.55 -21.56
C HIS B 194 -0.36 -23.36 -20.77
N ALA B 195 0.52 -24.36 -20.83
CA ALA B 195 1.80 -24.31 -20.12
C ALA B 195 2.92 -24.85 -21.00
N GLY B 196 4.08 -24.22 -20.91
CA GLY B 196 5.24 -24.66 -21.66
C GLY B 196 6.47 -23.86 -21.29
N PRO B 197 7.59 -24.12 -21.94
CA PRO B 197 8.83 -23.42 -21.58
C PRO B 197 8.75 -21.93 -21.92
N ARG B 198 9.16 -21.10 -20.95
CA ARG B 198 9.42 -19.71 -21.28
C ARG B 198 10.57 -19.65 -22.30
N ASP B 199 10.41 -18.84 -23.34
CA ASP B 199 11.42 -18.73 -24.40
C ASP B 199 11.29 -17.32 -24.99
N THR B 200 12.18 -16.43 -24.57
CA THR B 200 12.18 -15.05 -25.06
C THR B 200 12.73 -14.94 -26.48
N GLY B 201 13.26 -16.01 -27.03
CA GLY B 201 13.84 -16.00 -28.36
C GLY B 201 15.36 -15.92 -28.41
N ASP B 202 16.00 -15.42 -27.34
CA ASP B 202 17.45 -15.37 -27.34
C ASP B 202 18.01 -16.72 -26.89
N ASP B 203 19.34 -16.84 -26.89
CA ASP B 203 19.97 -18.05 -26.38
C ASP B 203 19.74 -18.17 -24.87
N TYR B 204 19.74 -19.42 -24.40
CA TYR B 204 19.63 -19.69 -22.98
C TYR B 204 20.99 -19.57 -22.32
N SER B 205 21.00 -19.00 -21.12
CA SER B 205 22.24 -18.78 -20.39
C SER B 205 22.86 -20.12 -19.98
N PRO B 206 24.18 -20.27 -20.11
CA PRO B 206 24.83 -21.48 -19.59
C PRO B 206 24.82 -21.57 -18.06
N ILE B 207 24.36 -20.53 -17.38
CA ILE B 207 24.43 -20.54 -15.92
C ILE B 207 23.50 -21.59 -15.33
N VAL B 208 22.39 -21.88 -16.00
CA VAL B 208 21.49 -22.92 -15.48
C VAL B 208 22.23 -24.25 -15.40
N LYS B 209 22.89 -24.63 -16.50
CA LYS B 209 23.64 -25.88 -16.46
C LYS B 209 24.82 -25.81 -15.51
N ALA B 210 25.37 -24.62 -15.29
CA ALA B 210 26.46 -24.48 -14.31
C ALA B 210 25.93 -24.71 -12.90
N LEU B 211 24.75 -24.19 -12.58
CA LEU B 211 24.16 -24.48 -11.27
C LEU B 211 23.95 -25.98 -11.09
N MET B 212 23.43 -26.65 -12.14
CA MET B 212 23.24 -28.09 -12.08
C MET B 212 24.56 -28.81 -11.80
N SER B 213 25.64 -28.43 -12.48
CA SER B 213 26.93 -29.06 -12.23
C SER B 213 27.40 -28.81 -10.80
N ALA B 214 27.21 -27.58 -10.31
CA ALA B 214 27.66 -27.22 -8.98
C ALA B 214 26.99 -28.07 -7.89
N VAL B 215 25.69 -28.32 -8.01
CA VAL B 215 25.03 -29.13 -7.00
C VAL B 215 25.34 -30.61 -7.22
N GLU B 216 25.59 -31.01 -8.48
CA GLU B 216 25.99 -32.40 -8.73
C GLU B 216 27.29 -32.73 -8.02
N ASP B 217 28.21 -31.75 -7.94
CA ASP B 217 29.45 -31.95 -7.19
C ASP B 217 29.17 -32.38 -5.76
N ARG B 218 28.01 -32.00 -5.22
CA ARG B 218 27.66 -32.26 -3.84
C ARG B 218 26.67 -33.42 -3.71
N GLY B 219 26.45 -34.17 -4.80
CA GLY B 219 25.54 -35.31 -4.73
C GLY B 219 24.07 -34.96 -4.83
N VAL B 220 23.73 -33.76 -5.30
CA VAL B 220 22.35 -33.30 -5.40
C VAL B 220 21.80 -33.60 -6.78
N PRO B 221 20.57 -34.10 -6.89
CA PRO B 221 20.02 -34.44 -8.21
C PRO B 221 19.66 -33.19 -9.01
N THR B 222 19.55 -33.40 -10.32
CA THR B 222 19.15 -32.36 -11.24
C THR B 222 18.20 -32.94 -12.28
N LYS B 223 17.44 -32.04 -12.90
CA LYS B 223 16.60 -32.34 -14.06
C LYS B 223 15.45 -33.28 -13.72
N LYS B 224 15.11 -33.45 -12.44
CA LYS B 224 13.84 -34.09 -12.13
C LYS B 224 12.70 -33.23 -12.69
N ASP B 225 11.65 -33.87 -13.19
CA ASP B 225 10.46 -33.13 -13.63
C ASP B 225 9.64 -32.79 -12.37
N PHE B 226 9.56 -31.49 -12.04
CA PHE B 226 8.90 -31.06 -10.82
C PHE B 226 7.38 -31.19 -10.87
N GLY B 227 6.82 -31.74 -11.92
CA GLY B 227 5.41 -32.08 -11.94
C GLY B 227 5.10 -33.52 -11.58
N CYS B 228 6.11 -34.33 -11.25
CA CYS B 228 5.91 -35.77 -11.10
C CYS B 228 5.70 -36.22 -9.67
N GLY B 229 5.87 -35.33 -8.68
CA GLY B 229 5.64 -35.68 -7.30
C GLY B 229 6.86 -35.85 -6.43
N ASP B 230 8.06 -35.52 -6.92
CA ASP B 230 9.27 -35.54 -6.09
C ASP B 230 10.10 -34.32 -6.43
N PRO B 231 9.66 -33.11 -5.98
CA PRO B 231 10.42 -31.88 -6.29
C PRO B 231 11.67 -31.75 -5.45
N HIS B 232 12.82 -32.09 -6.03
CA HIS B 232 14.09 -32.15 -5.32
C HIS B 232 15.19 -31.92 -6.35
N GLY B 233 16.14 -31.05 -6.01
CA GLY B 233 17.26 -30.80 -6.89
C GLY B 233 17.05 -29.56 -7.73
N VAL B 234 17.90 -29.41 -8.75
CA VAL B 234 17.89 -28.23 -9.61
C VAL B 234 17.30 -28.63 -10.95
N SER B 235 16.22 -27.96 -11.34
CA SER B 235 15.58 -28.20 -12.62
C SER B 235 15.03 -26.90 -13.16
N MET B 236 14.82 -26.88 -14.48
CA MET B 236 13.98 -25.86 -15.12
C MET B 236 12.54 -26.37 -15.07
N PHE B 237 11.60 -25.60 -15.59
CA PHE B 237 10.19 -25.93 -15.39
C PHE B 237 9.37 -25.24 -16.45
N PRO B 238 8.13 -25.69 -16.66
CA PRO B 238 7.22 -24.95 -17.54
C PRO B 238 6.71 -23.68 -16.87
N ASN B 239 6.13 -22.81 -17.70
CA ASN B 239 5.49 -21.57 -17.26
C ASN B 239 4.06 -21.54 -17.80
N THR B 240 3.21 -20.76 -17.14
CA THR B 240 1.83 -20.58 -17.58
C THR B 240 1.78 -19.49 -18.66
N LEU B 241 2.10 -19.90 -19.89
CA LEU B 241 2.00 -19.03 -21.05
C LEU B 241 1.74 -19.88 -22.29
N HIS B 242 1.14 -19.24 -23.29
CA HIS B 242 0.97 -19.86 -24.59
C HIS B 242 2.31 -19.89 -25.32
N GLU B 243 2.35 -20.62 -26.44
CA GLU B 243 3.62 -20.74 -27.17
C GLU B 243 4.10 -19.38 -27.66
N ASP B 244 3.19 -18.48 -28.01
CA ASP B 244 3.60 -17.12 -28.38
C ASP B 244 4.04 -16.28 -27.18
N GLN B 245 4.06 -16.87 -25.98
CA GLN B 245 4.59 -16.29 -24.72
C GLN B 245 3.58 -15.37 -24.03
N VAL B 246 2.33 -15.34 -24.49
CA VAL B 246 1.30 -14.60 -23.78
C VAL B 246 0.92 -15.33 -22.48
N ARG B 247 0.87 -14.58 -21.38
CA ARG B 247 0.53 -15.14 -20.07
C ARG B 247 -0.81 -15.88 -20.09
N SER B 248 -0.82 -17.07 -19.52
CA SER B 248 -2.03 -17.87 -19.41
C SER B 248 -2.79 -17.57 -18.10
N ASP B 249 -3.22 -16.33 -17.95
CA ASP B 249 -3.98 -15.99 -16.75
C ASP B 249 -5.33 -16.69 -16.77
N ALA B 250 -5.93 -16.85 -15.59
CA ALA B 250 -7.11 -17.69 -15.47
C ALA B 250 -8.30 -17.11 -16.24
N ALA B 251 -8.36 -15.79 -16.41
CA ALA B 251 -9.43 -15.23 -17.24
C ALA B 251 -9.24 -15.59 -18.71
N ARG B 252 -8.01 -15.46 -19.21
CA ARG B 252 -7.75 -15.84 -20.59
C ARG B 252 -8.05 -17.32 -20.82
N GLU B 253 -7.74 -18.16 -19.83
CA GLU B 253 -7.83 -19.60 -20.05
C GLU B 253 -9.25 -20.11 -19.82
N TRP B 254 -9.97 -19.54 -18.86
CA TRP B 254 -11.26 -20.09 -18.45
C TRP B 254 -12.46 -19.20 -18.75
N LEU B 255 -12.27 -17.89 -18.91
CA LEU B 255 -13.40 -16.99 -19.18
C LEU B 255 -13.47 -16.55 -20.64
N LEU B 256 -12.35 -16.14 -21.23
CA LEU B 256 -12.39 -15.67 -22.61
C LEU B 256 -12.98 -16.69 -23.58
N PRO B 257 -12.71 -18.00 -23.46
CA PRO B 257 -13.34 -18.96 -24.39
C PRO B 257 -14.83 -19.16 -24.17
N ASN B 258 -15.38 -18.69 -23.04
CA ASN B 258 -16.72 -19.07 -22.63
C ASN B 258 -17.62 -17.89 -22.30
N TYR B 259 -17.17 -16.66 -22.54
CA TYR B 259 -17.93 -15.51 -22.06
C TYR B 259 -19.28 -15.35 -22.75
N GLN B 260 -19.47 -15.97 -23.92
CA GLN B 260 -20.75 -15.85 -24.62
C GLN B 260 -21.85 -16.74 -24.03
N ARG B 261 -21.52 -17.63 -23.11
CA ARG B 261 -22.53 -18.46 -22.46
C ARG B 261 -23.57 -17.55 -21.79
N PRO B 262 -24.85 -17.65 -22.14
CA PRO B 262 -25.84 -16.77 -21.50
C PRO B 262 -26.03 -17.06 -20.02
N ASN B 263 -25.72 -18.27 -19.55
CA ASN B 263 -25.85 -18.61 -18.14
C ASN B 263 -24.64 -18.18 -17.31
N LEU B 264 -23.62 -17.55 -17.91
CA LEU B 264 -22.46 -17.07 -17.18
C LEU B 264 -22.46 -15.55 -17.17
N GLN B 265 -22.67 -14.96 -16.00
CA GLN B 265 -22.64 -13.52 -15.81
C GLN B 265 -21.44 -13.14 -14.95
N VAL B 266 -20.79 -12.04 -15.30
CA VAL B 266 -19.63 -11.53 -14.57
C VAL B 266 -19.84 -10.05 -14.31
N LEU B 267 -19.93 -9.68 -13.03
CA LEU B 267 -20.02 -8.30 -12.60
C LEU B 267 -18.65 -7.83 -12.10
N THR B 268 -18.15 -6.73 -12.65
CA THR B 268 -16.84 -6.20 -12.30
C THR B 268 -16.98 -4.92 -11.49
N GLY B 269 -15.87 -4.55 -10.84
CA GLY B 269 -15.80 -3.29 -10.12
C GLY B 269 -16.53 -3.24 -8.79
N GLN B 270 -16.91 -4.40 -8.22
CA GLN B 270 -17.71 -4.43 -7.00
C GLN B 270 -17.13 -5.43 -6.02
N TYR B 271 -17.17 -5.09 -4.74
CA TYR B 271 -16.71 -5.95 -3.66
C TYR B 271 -17.90 -6.67 -3.01
N VAL B 272 -17.78 -7.98 -2.84
CA VAL B 272 -18.71 -8.70 -1.97
C VAL B 272 -18.39 -8.34 -0.54
N GLY B 273 -19.40 -7.83 0.18
CA GLY B 273 -19.19 -7.38 1.55
C GLY B 273 -19.46 -8.46 2.56
N LYS B 274 -20.56 -9.17 2.43
CA LYS B 274 -20.91 -10.23 3.37
C LYS B 274 -21.90 -11.18 2.74
N VAL B 275 -22.05 -12.34 3.37
CA VAL B 275 -23.00 -13.35 2.96
C VAL B 275 -24.31 -13.10 3.69
N LEU B 276 -25.42 -13.12 2.96
CA LEU B 276 -26.75 -13.01 3.54
C LEU B 276 -27.17 -14.38 4.07
N LEU B 277 -27.58 -14.42 5.33
CA LEU B 277 -27.94 -15.67 6.00
C LEU B 277 -29.40 -15.66 6.42
N SER B 278 -30.06 -16.81 6.26
CA SER B 278 -31.41 -17.02 6.75
C SER B 278 -31.33 -17.99 7.92
N GLN B 279 -31.75 -17.53 9.09
CA GLN B 279 -31.78 -18.38 10.28
C GLN B 279 -33.16 -18.91 10.63
N ASN B 280 -34.10 -18.86 9.68
CA ASN B 280 -35.45 -19.37 9.97
C ASN B 280 -35.45 -20.89 10.10
N GLY B 281 -34.50 -21.58 9.50
CA GLY B 281 -34.41 -23.02 9.58
C GLY B 281 -33.66 -23.45 10.83
N THR B 282 -33.44 -24.77 10.93
CA THR B 282 -32.69 -25.29 12.07
C THR B 282 -31.21 -24.96 12.00
N THR B 283 -30.68 -24.76 10.79
CA THR B 283 -29.28 -24.39 10.58
C THR B 283 -29.22 -23.19 9.64
N PRO B 284 -28.33 -22.23 9.89
CA PRO B 284 -28.23 -21.09 8.97
C PRO B 284 -27.92 -21.54 7.56
N ARG B 285 -28.45 -20.80 6.58
CA ARG B 285 -28.26 -21.08 5.16
C ARG B 285 -27.89 -19.79 4.46
N ALA B 286 -26.87 -19.86 3.61
CA ALA B 286 -26.47 -18.71 2.80
C ALA B 286 -27.45 -18.57 1.63
N VAL B 287 -28.15 -17.45 1.59
CA VAL B 287 -29.18 -17.21 0.57
C VAL B 287 -28.77 -16.15 -0.44
N GLY B 288 -27.63 -15.50 -0.25
CA GLY B 288 -27.19 -14.47 -1.18
C GLY B 288 -25.99 -13.73 -0.62
N VAL B 289 -25.68 -12.60 -1.25
CA VAL B 289 -24.61 -11.74 -0.80
C VAL B 289 -25.04 -10.28 -0.92
N GLU B 290 -24.40 -9.45 -0.10
CA GLU B 290 -24.43 -8.00 -0.25
C GLU B 290 -23.13 -7.58 -0.91
N PHE B 291 -23.21 -6.68 -1.89
CA PHE B 291 -22.04 -6.19 -2.59
C PHE B 291 -22.15 -4.68 -2.82
N GLY B 292 -21.00 -4.07 -3.08
CA GLY B 292 -20.95 -2.64 -3.29
C GLY B 292 -19.52 -2.15 -3.22
N THR B 293 -19.38 -0.82 -3.11
CA THR B 293 -18.08 -0.20 -2.93
C THR B 293 -18.02 0.72 -1.72
N HIS B 294 -19.15 1.11 -1.14
CA HIS B 294 -19.14 1.99 0.02
C HIS B 294 -20.39 1.75 0.85
N LYS B 295 -20.22 1.85 2.17
CA LYS B 295 -21.36 1.73 3.09
C LYS B 295 -22.46 2.71 2.68
N GLY B 296 -23.69 2.23 2.75
CA GLY B 296 -24.83 3.07 2.41
C GLY B 296 -25.28 2.98 0.96
N ASN B 297 -24.48 2.37 0.09
CA ASN B 297 -24.84 2.17 -1.30
C ASN B 297 -24.52 0.72 -1.70
N THR B 298 -25.20 -0.21 -1.03
CA THR B 298 -25.03 -1.63 -1.26
C THR B 298 -26.23 -2.19 -2.02
N HIS B 299 -26.06 -3.42 -2.51
CA HIS B 299 -27.13 -4.13 -3.20
C HIS B 299 -27.05 -5.60 -2.84
N ASN B 300 -28.19 -6.27 -2.94
CA ASN B 300 -28.29 -7.70 -2.63
C ASN B 300 -28.55 -8.48 -3.91
N VAL B 301 -27.97 -9.68 -3.98
CA VAL B 301 -28.27 -10.63 -5.03
C VAL B 301 -28.31 -12.02 -4.38
N TYR B 302 -29.19 -12.88 -4.88
CA TYR B 302 -29.55 -14.11 -4.19
C TYR B 302 -29.17 -15.35 -4.98
N ALA B 303 -28.88 -16.42 -4.23
CA ALA B 303 -28.44 -17.68 -4.81
C ALA B 303 -29.46 -18.76 -4.49
N LYS B 304 -29.97 -19.42 -5.52
CA LYS B 304 -30.93 -20.50 -5.28
C LYS B 304 -30.25 -21.70 -4.63
N HIS B 305 -28.99 -21.96 -4.99
CA HIS B 305 -28.28 -23.16 -4.53
C HIS B 305 -27.19 -22.80 -3.52
N GLU B 306 -26.12 -22.15 -3.95
CA GLU B 306 -25.01 -21.94 -3.04
C GLU B 306 -24.28 -20.64 -3.34
N VAL B 307 -23.65 -20.09 -2.29
CA VAL B 307 -22.70 -19.00 -2.40
C VAL B 307 -21.31 -19.58 -2.26
N LEU B 308 -20.40 -19.19 -3.15
CA LEU B 308 -19.05 -19.73 -3.18
C LEU B 308 -18.07 -18.59 -3.00
N LEU B 309 -17.30 -18.63 -1.92
CA LEU B 309 -16.33 -17.58 -1.62
C LEU B 309 -14.99 -17.93 -2.25
N ALA B 310 -14.48 -17.03 -3.09
CA ALA B 310 -13.24 -17.24 -3.84
C ALA B 310 -12.45 -15.95 -3.95
N ALA B 311 -12.50 -15.14 -2.89
CA ALA B 311 -11.89 -13.82 -2.92
C ALA B 311 -10.43 -13.82 -2.51
N GLY B 312 -9.86 -14.98 -2.23
CA GLY B 312 -8.46 -15.06 -1.85
C GLY B 312 -8.27 -15.25 -0.36
N SER B 313 -7.12 -15.87 0.00
CA SER B 313 -6.90 -16.26 1.39
C SER B 313 -6.93 -15.07 2.36
N ALA B 314 -6.62 -13.87 1.87
CA ALA B 314 -6.65 -12.70 2.74
C ALA B 314 -8.05 -12.13 2.93
N VAL B 315 -9.03 -12.52 2.12
CA VAL B 315 -10.31 -11.84 2.04
C VAL B 315 -11.46 -12.76 2.39
N SER B 316 -11.49 -13.97 1.83
CA SER B 316 -12.59 -14.88 2.13
C SER B 316 -12.85 -15.05 3.63
N PRO B 317 -11.84 -15.24 4.48
CA PRO B 317 -12.15 -15.27 5.93
C PRO B 317 -12.78 -13.97 6.43
N THR B 318 -12.36 -12.81 5.92
CA THR B 318 -12.96 -11.58 6.41
C THR B 318 -14.42 -11.49 5.99
N ILE B 319 -14.75 -11.98 4.80
CA ILE B 319 -16.15 -12.00 4.36
C ILE B 319 -17.00 -12.82 5.33
N LEU B 320 -16.48 -13.97 5.77
CA LEU B 320 -17.19 -14.77 6.77
C LEU B 320 -17.40 -13.95 8.04
N GLU B 321 -16.34 -13.30 8.54
CA GLU B 321 -16.45 -12.56 9.79
C GLU B 321 -17.48 -11.43 9.69
N TYR B 322 -17.45 -10.67 8.59
CA TYR B 322 -18.46 -9.62 8.40
C TYR B 322 -19.86 -10.20 8.40
N SER B 323 -20.00 -11.49 8.06
CA SER B 323 -21.29 -12.16 7.99
C SER B 323 -21.73 -12.72 9.33
N GLY B 324 -20.89 -12.66 10.35
CA GLY B 324 -21.19 -13.30 11.62
C GLY B 324 -20.67 -14.71 11.77
N ILE B 325 -19.74 -15.14 10.94
CA ILE B 325 -19.15 -16.48 10.99
C ILE B 325 -17.69 -16.33 11.37
N GLY B 326 -17.36 -16.70 12.59
CA GLY B 326 -16.04 -16.51 13.14
C GLY B 326 -16.06 -16.57 14.65
N MET B 327 -14.95 -16.12 15.22
CA MET B 327 -14.76 -16.26 16.67
C MET B 327 -15.46 -15.12 17.41
N LYS B 328 -16.29 -15.47 18.39
CA LYS B 328 -16.98 -14.43 19.17
C LYS B 328 -15.99 -13.46 19.83
N SER B 329 -14.87 -13.97 20.34
CA SER B 329 -13.88 -13.06 20.90
C SER B 329 -13.49 -11.96 19.93
N ILE B 330 -13.62 -12.21 18.64
CA ILE B 330 -13.31 -11.19 17.63
C ILE B 330 -14.56 -10.37 17.27
N LEU B 331 -15.70 -11.04 17.07
CA LEU B 331 -16.88 -10.38 16.52
C LEU B 331 -17.59 -9.54 17.58
N GLU B 332 -17.68 -10.05 18.81
CA GLU B 332 -18.42 -9.33 19.84
C GLU B 332 -17.93 -7.91 20.06
N PRO B 333 -16.62 -7.66 20.25
CA PRO B 333 -16.18 -6.27 20.46
C PRO B 333 -16.49 -5.34 19.30
N LEU B 334 -16.71 -5.88 18.09
CA LEU B 334 -17.02 -5.07 16.92
C LEU B 334 -18.52 -4.85 16.74
N GLY B 335 -19.35 -5.45 17.58
CA GLY B 335 -20.79 -5.28 17.44
C GLY B 335 -21.44 -6.21 16.43
N ILE B 336 -20.84 -7.36 16.15
CA ILE B 336 -21.36 -8.31 15.18
C ILE B 336 -21.84 -9.54 15.95
N ASP B 337 -23.10 -9.92 15.72
CA ASP B 337 -23.62 -11.13 16.32
C ASP B 337 -22.94 -12.35 15.69
N THR B 338 -22.47 -13.26 16.54
CA THR B 338 -21.84 -14.50 16.08
C THR B 338 -22.93 -15.51 15.75
N VAL B 339 -23.18 -15.74 14.47
CA VAL B 339 -24.18 -16.72 14.06
C VAL B 339 -23.61 -18.13 14.14
N VAL B 340 -22.36 -18.31 13.72
CA VAL B 340 -21.66 -19.59 13.78
C VAL B 340 -20.26 -19.30 14.30
N ASP B 341 -19.88 -19.95 15.39
CA ASP B 341 -18.56 -19.73 15.99
C ASP B 341 -17.58 -20.74 15.41
N LEU B 342 -16.60 -20.25 14.65
CA LEU B 342 -15.55 -21.03 14.03
C LEU B 342 -14.24 -20.26 14.10
N PRO B 343 -13.09 -20.97 14.09
CA PRO B 343 -11.78 -20.27 14.14
C PRO B 343 -11.38 -19.69 12.79
N VAL B 344 -12.27 -18.84 12.23
CA VAL B 344 -11.99 -18.19 10.94
C VAL B 344 -10.81 -17.24 11.06
N GLY B 345 -9.93 -17.27 10.06
CA GLY B 345 -8.81 -16.36 10.00
C GLY B 345 -7.55 -16.84 10.70
N LEU B 346 -7.60 -17.95 11.41
CA LEU B 346 -6.40 -18.48 12.05
C LEU B 346 -5.66 -19.42 11.09
N ASN B 347 -4.49 -19.89 11.53
CA ASN B 347 -3.70 -20.88 10.79
C ASN B 347 -3.12 -20.32 9.49
N LEU B 348 -2.92 -19.00 9.45
CA LEU B 348 -2.36 -18.35 8.26
C LEU B 348 -0.90 -18.75 8.10
N GLN B 349 -0.54 -19.24 6.92
CA GLN B 349 0.81 -19.71 6.62
C GLN B 349 1.32 -19.08 5.33
N ASP B 350 2.25 -18.12 5.47
CA ASP B 350 2.97 -17.56 4.33
C ASP B 350 4.47 -17.74 4.59
N GLN B 351 5.23 -17.70 3.51
CA GLN B 351 6.66 -17.87 3.54
C GLN B 351 7.37 -16.52 3.44
N THR B 352 8.64 -16.54 3.84
CA THR B 352 9.52 -15.37 3.80
C THR B 352 10.54 -15.53 2.69
N THR B 353 10.84 -14.44 1.99
CA THR B 353 11.72 -14.50 0.83
C THR B 353 12.84 -13.48 0.97
N ALA B 354 14.06 -13.92 0.67
CA ALA B 354 15.22 -13.05 0.67
C ALA B 354 15.98 -13.25 -0.64
N THR B 355 16.84 -12.28 -0.97
CA THR B 355 17.54 -12.24 -2.24
C THR B 355 19.05 -12.29 -2.10
N VAL B 356 19.69 -13.05 -2.98
CA VAL B 356 21.14 -13.01 -3.19
C VAL B 356 21.35 -12.79 -4.68
N ARG B 357 22.11 -11.76 -5.04
CA ARG B 357 22.27 -11.37 -6.43
C ARG B 357 23.74 -11.12 -6.73
N SER B 358 24.19 -11.61 -7.89
CA SER B 358 25.58 -11.45 -8.27
C SER B 358 25.65 -11.03 -9.73
N ARG B 359 26.66 -10.21 -10.04
CA ARG B 359 26.99 -9.89 -11.43
CA ARG B 359 26.94 -9.90 -11.44
C ARG B 359 27.58 -11.13 -12.10
N ILE B 360 27.54 -11.16 -13.42
CA ILE B 360 28.04 -12.30 -14.18
C ILE B 360 28.96 -11.83 -15.29
N THR B 361 29.74 -12.77 -15.80
CA THR B 361 30.58 -12.53 -16.97
C THR B 361 29.74 -12.48 -18.25
N SER B 362 30.31 -11.87 -19.29
CA SER B 362 29.60 -11.79 -20.57
C SER B 362 29.26 -13.19 -21.08
N ALA B 363 30.10 -14.18 -20.79
CA ALA B 363 29.83 -15.54 -21.24
C ALA B 363 28.57 -16.14 -20.62
N GLY B 364 28.07 -15.56 -19.53
CA GLY B 364 26.86 -16.01 -18.89
C GLY B 364 25.58 -15.42 -19.43
N ALA B 365 25.67 -14.56 -20.45
CA ALA B 365 24.49 -13.91 -20.98
C ALA B 365 23.46 -14.93 -21.47
N GLY B 366 22.21 -14.50 -21.51
CA GLY B 366 21.12 -15.31 -22.03
C GLY B 366 19.98 -15.40 -21.05
N GLN B 367 18.87 -15.97 -21.53
CA GLN B 367 17.65 -16.13 -20.76
C GLN B 367 17.68 -17.43 -19.94
N GLY B 368 16.78 -17.50 -18.96
CA GLY B 368 16.57 -18.76 -18.27
C GLY B 368 16.28 -18.65 -16.79
N GLN B 369 15.36 -19.48 -16.31
CA GLN B 369 15.10 -19.62 -14.89
C GLN B 369 15.31 -21.07 -14.49
N ALA B 370 15.57 -21.29 -13.21
CA ALA B 370 15.71 -22.62 -12.63
C ALA B 370 15.48 -22.50 -11.14
N ALA B 371 15.32 -23.65 -10.47
CA ALA B 371 15.10 -23.63 -9.04
C ALA B 371 15.75 -24.85 -8.39
N TRP B 372 16.36 -24.63 -7.24
CA TRP B 372 16.84 -25.70 -6.38
C TRP B 372 15.81 -25.93 -5.29
N PHE B 373 15.13 -27.07 -5.35
CA PHE B 373 14.28 -27.53 -4.25
C PHE B 373 15.17 -28.32 -3.32
N ALA B 374 15.58 -27.69 -2.21
CA ALA B 374 16.63 -28.21 -1.35
C ALA B 374 16.03 -28.86 -0.11
N THR B 375 16.52 -30.05 0.21
CA THR B 375 16.09 -30.78 1.39
C THR B 375 16.54 -30.04 2.66
N PHE B 376 16.01 -30.51 3.80
CA PHE B 376 16.41 -29.97 5.11
C PHE B 376 17.92 -30.01 5.28
N ASN B 377 18.53 -31.16 4.97
CA ASN B 377 19.97 -31.29 5.20
C ASN B 377 20.78 -30.50 4.17
N GLU B 378 20.30 -30.43 2.93
CA GLU B 378 20.92 -29.57 1.93
C GLU B 378 20.86 -28.12 2.37
N THR B 379 19.74 -27.72 2.97
CA THR B 379 19.58 -26.34 3.41
C THR B 379 20.53 -26.00 4.56
N PHE B 380 20.61 -26.86 5.57
CA PHE B 380 21.36 -26.52 6.78
C PHE B 380 22.82 -26.92 6.73
N GLY B 381 23.22 -27.82 5.85
CA GLY B 381 24.63 -28.15 5.74
C GLY B 381 25.17 -28.68 7.06
N ASP B 382 26.27 -28.07 7.52
CA ASP B 382 26.90 -28.52 8.76
C ASP B 382 26.06 -28.23 10.01
N TYR B 383 25.00 -27.43 9.90
CA TYR B 383 24.07 -27.16 10.99
C TYR B 383 22.94 -28.18 11.06
N SER B 384 22.98 -29.21 10.22
CA SER B 384 21.86 -30.15 10.13
C SER B 384 21.59 -30.83 11.46
N GLU B 385 22.65 -31.26 12.16
CA GLU B 385 22.46 -31.95 13.43
C GLU B 385 21.77 -31.07 14.44
N LYS B 386 22.24 -29.82 14.60
CA LYS B 386 21.61 -28.89 15.53
C LYS B 386 20.17 -28.58 15.12
N ALA B 387 19.94 -28.39 13.82
CA ALA B 387 18.58 -28.09 13.37
C ALA B 387 17.66 -29.26 13.63
N HIS B 388 18.15 -30.49 13.40
CA HIS B 388 17.36 -31.68 13.69
C HIS B 388 17.06 -31.80 15.18
N GLU B 389 18.02 -31.42 16.02
CA GLU B 389 17.77 -31.49 17.47
C GLU B 389 16.64 -30.57 17.87
N LEU B 390 16.59 -29.36 17.29
CA LEU B 390 15.45 -28.48 17.53
C LEU B 390 14.15 -29.13 17.06
N LEU B 391 14.16 -29.67 15.83
CA LEU B 391 12.97 -30.31 15.29
C LEU B 391 12.50 -31.48 16.16
N ASN B 392 13.43 -32.17 16.81
CA ASN B 392 13.09 -33.36 17.57
C ASN B 392 12.63 -33.05 18.99
N THR B 393 12.85 -31.84 19.49
CA THR B 393 12.60 -31.55 20.90
C THR B 393 11.67 -30.38 21.17
N LYS B 394 11.43 -29.48 20.22
CA LYS B 394 10.79 -28.21 20.54
C LYS B 394 9.36 -28.07 20.00
N LEU B 395 8.82 -29.10 19.32
CA LEU B 395 7.55 -28.90 18.60
C LEU B 395 6.43 -28.50 19.56
N GLU B 396 6.39 -29.12 20.75
CA GLU B 396 5.34 -28.81 21.71
C GLU B 396 5.44 -27.36 22.17
N GLN B 397 6.65 -26.92 22.55
CA GLN B 397 6.83 -25.53 23.00
C GLN B 397 6.53 -24.55 21.87
N TRP B 398 6.99 -24.83 20.65
CA TRP B 398 6.68 -23.93 19.54
C TRP B 398 5.18 -23.81 19.35
N ALA B 399 4.46 -24.92 19.47
CA ALA B 399 3.01 -24.86 19.26
C ALA B 399 2.32 -24.03 20.35
N GLU B 400 2.73 -24.22 21.61
CA GLU B 400 2.16 -23.41 22.70
C GLU B 400 2.37 -21.92 22.45
N GLU B 401 3.55 -21.55 21.92
CA GLU B 401 3.88 -20.14 21.72
C GLU B 401 3.09 -19.54 20.56
N ALA B 402 2.97 -20.28 19.46
CA ALA B 402 2.16 -19.81 18.35
C ALA B 402 0.71 -19.63 18.77
N VAL B 403 0.18 -20.55 19.56
CA VAL B 403 -1.19 -20.42 20.08
C VAL B 403 -1.30 -19.19 20.97
N ALA B 404 -0.29 -18.96 21.83
CA ALA B 404 -0.30 -17.78 22.69
C ALA B 404 -0.30 -16.49 21.89
N ARG B 405 0.30 -16.49 20.70
CA ARG B 405 0.37 -15.31 19.84
C ARG B 405 -0.90 -15.11 19.01
N GLY B 406 -1.88 -16.00 19.11
CA GLY B 406 -3.10 -15.88 18.36
C GLY B 406 -3.05 -16.46 16.95
N GLY B 407 -2.02 -17.20 16.62
CA GLY B 407 -1.99 -17.85 15.31
C GLY B 407 -2.84 -19.10 15.20
N PHE B 408 -3.27 -19.66 16.32
CA PHE B 408 -4.06 -20.87 16.38
C PHE B 408 -4.65 -20.95 17.77
N HIS B 409 -5.69 -21.78 17.93
CA HIS B 409 -6.45 -21.78 19.18
C HIS B 409 -6.27 -23.02 20.05
N ASN B 410 -5.90 -24.16 19.48
CA ASN B 410 -5.89 -25.44 20.17
C ASN B 410 -4.51 -26.04 19.98
N THR B 411 -3.72 -26.08 21.07
CA THR B 411 -2.31 -26.49 20.94
C THR B 411 -2.18 -27.94 20.50
N THR B 412 -3.02 -28.82 21.06
CA THR B 412 -2.98 -30.22 20.65
C THR B 412 -3.20 -30.36 19.15
N ALA B 413 -4.15 -29.59 18.60
CA ALA B 413 -4.44 -29.67 17.18
C ALA B 413 -3.27 -29.13 16.35
N LEU B 414 -2.66 -28.03 16.80
CA LEU B 414 -1.53 -27.49 16.05
C LEU B 414 -0.36 -28.46 16.06
N LEU B 415 -0.13 -29.14 17.19
CA LEU B 415 0.99 -30.07 17.27
C LEU B 415 0.89 -31.15 16.22
N ILE B 416 -0.35 -31.54 15.85
CA ILE B 416 -0.51 -32.53 14.78
C ILE B 416 0.09 -32.01 13.47
N GLN B 417 -0.08 -30.72 13.19
CA GLN B 417 0.52 -30.14 12.00
C GLN B 417 2.04 -30.19 12.08
N TYR B 418 2.60 -29.84 13.24
CA TYR B 418 4.04 -29.82 13.36
C TYR B 418 4.62 -31.22 13.19
N GLU B 419 3.97 -32.22 13.81
CA GLU B 419 4.46 -33.60 13.68
C GLU B 419 4.38 -34.07 12.23
N ASN B 420 3.37 -33.61 11.50
CA ASN B 420 3.27 -33.91 10.08
C ASN B 420 4.47 -33.37 9.32
N TYR B 421 4.84 -32.11 9.58
CA TYR B 421 6.02 -31.54 8.93
C TYR B 421 7.28 -32.32 9.29
N ARG B 422 7.42 -32.70 10.57
CA ARG B 422 8.58 -33.49 10.96
C ARG B 422 8.62 -34.80 10.16
N ASP B 423 7.46 -35.45 9.99
CA ASP B 423 7.39 -36.68 9.20
C ASP B 423 7.83 -36.42 7.75
N TRP B 424 7.33 -35.34 7.15
CA TRP B 424 7.76 -34.96 5.80
C TRP B 424 9.29 -34.86 5.72
N ILE B 425 9.90 -34.23 6.71
CA ILE B 425 11.33 -33.94 6.66
C ILE B 425 12.16 -35.21 6.95
N VAL B 426 11.79 -35.94 7.98
CA VAL B 426 12.63 -37.03 8.46
C VAL B 426 12.40 -38.30 7.66
N ASN B 427 11.14 -38.59 7.32
CA ASN B 427 10.81 -39.86 6.69
C ASN B 427 10.68 -39.77 5.18
N HIS B 428 10.29 -38.62 4.63
CA HIS B 428 10.20 -38.46 3.19
C HIS B 428 11.28 -37.58 2.60
N ASN B 429 12.04 -36.87 3.42
CA ASN B 429 13.08 -35.95 2.95
C ASN B 429 12.54 -35.01 1.88
N VAL B 430 11.40 -34.37 2.16
CA VAL B 430 10.82 -33.42 1.20
C VAL B 430 11.68 -32.16 1.12
N ALA B 431 11.49 -31.40 0.05
CA ALA B 431 12.19 -30.13 -0.08
C ALA B 431 11.74 -29.18 1.03
N TYR B 432 12.71 -28.55 1.68
CA TYR B 432 12.48 -27.64 2.79
C TYR B 432 12.63 -26.18 2.39
N SER B 433 13.48 -25.87 1.43
CA SER B 433 13.64 -24.50 0.94
C SER B 433 13.70 -24.53 -0.57
N GLU B 434 13.40 -23.38 -1.18
CA GLU B 434 13.49 -23.19 -2.62
C GLU B 434 14.41 -22.02 -2.91
N LEU B 435 15.43 -22.26 -3.74
CA LEU B 435 16.34 -21.24 -4.25
C LEU B 435 16.01 -21.05 -5.72
N PHE B 436 15.36 -19.93 -6.05
CA PHE B 436 14.82 -19.68 -7.38
C PHE B 436 15.76 -18.76 -8.13
N LEU B 437 16.32 -19.27 -9.22
CA LEU B 437 17.32 -18.55 -9.99
C LEU B 437 16.71 -17.85 -11.20
N ASP B 438 16.99 -16.55 -11.33
CA ASP B 438 16.79 -15.78 -12.55
C ASP B 438 18.16 -15.44 -13.14
N THR B 439 18.25 -15.44 -14.47
CA THR B 439 19.50 -15.06 -15.13
C THR B 439 19.25 -13.77 -15.91
N ALA B 440 19.27 -13.84 -17.23
CA ALA B 440 18.99 -12.68 -18.08
C ALA B 440 19.84 -11.48 -17.70
N GLY B 441 21.14 -11.71 -17.54
CA GLY B 441 22.09 -10.63 -17.34
C GLY B 441 22.72 -10.59 -15.97
N VAL B 442 22.18 -11.33 -15.00
CA VAL B 442 22.71 -11.46 -13.65
C VAL B 442 22.52 -12.90 -13.20
N ALA B 443 22.95 -13.18 -11.97
CA ALA B 443 22.66 -14.45 -11.28
C ALA B 443 21.94 -14.06 -10.01
N SER B 444 20.62 -14.16 -10.00
CA SER B 444 19.79 -13.65 -8.91
C SER B 444 18.92 -14.75 -8.34
N PHE B 445 19.05 -14.99 -7.03
CA PHE B 445 18.28 -15.97 -6.31
C PHE B 445 17.26 -15.28 -5.41
N ASP B 446 15.99 -15.64 -5.57
CA ASP B 446 14.97 -15.43 -4.53
C ASP B 446 14.84 -16.74 -3.77
N VAL B 447 14.90 -16.66 -2.44
CA VAL B 447 15.08 -17.82 -1.58
C VAL B 447 14.01 -17.82 -0.49
N TRP B 448 13.31 -18.94 -0.32
CA TRP B 448 12.37 -19.04 0.78
C TRP B 448 12.31 -20.41 1.43
N ASP B 449 12.20 -20.40 2.75
CA ASP B 449 11.81 -21.56 3.55
C ASP B 449 10.41 -21.96 3.18
N LEU B 450 10.23 -23.17 2.66
CA LEU B 450 8.93 -23.57 2.16
C LEU B 450 7.94 -23.96 3.25
N LEU B 451 8.44 -24.41 4.41
CA LEU B 451 7.63 -25.05 5.46
C LEU B 451 7.76 -24.28 6.78
N PRO B 452 7.15 -23.11 6.85
CA PRO B 452 7.20 -22.34 8.09
C PRO B 452 6.37 -23.01 9.18
N PHE B 453 6.90 -22.99 10.40
CA PHE B 453 6.16 -23.42 11.58
C PHE B 453 5.38 -22.29 12.24
N THR B 454 5.71 -21.03 11.96
CA THR B 454 4.91 -19.93 12.49
C THR B 454 3.48 -20.03 11.95
N ARG B 455 2.52 -19.56 12.74
CA ARG B 455 1.13 -19.46 12.33
C ARG B 455 0.62 -18.06 12.64
N GLY B 456 -0.04 -17.43 11.67
CA GLY B 456 -0.56 -16.08 11.87
C GLY B 456 -2.08 -16.01 11.77
N TYR B 457 -2.61 -14.80 11.60
CA TYR B 457 -4.06 -14.64 11.52
C TYR B 457 -4.41 -13.46 10.64
N VAL B 458 -5.66 -13.43 10.21
CA VAL B 458 -6.28 -12.24 9.66
C VAL B 458 -7.63 -12.07 10.34
N HIS B 459 -7.92 -10.87 10.84
CA HIS B 459 -9.20 -10.56 11.46
C HIS B 459 -9.65 -9.16 11.05
N ILE B 460 -10.97 -9.01 10.88
CA ILE B 460 -11.55 -7.70 10.65
C ILE B 460 -11.38 -6.83 11.89
N LEU B 461 -11.34 -5.51 11.68
CA LEU B 461 -11.23 -4.52 12.76
C LEU B 461 -12.42 -3.58 12.81
N ASP B 462 -13.45 -3.83 12.01
CA ASP B 462 -14.60 -2.96 11.93
C ASP B 462 -15.75 -3.80 11.36
N LYS B 463 -16.98 -3.34 11.57
CA LYS B 463 -18.14 -4.08 11.08
C LYS B 463 -18.47 -3.76 9.62
N ASP B 464 -17.98 -2.65 9.08
CA ASP B 464 -18.28 -2.23 7.72
C ASP B 464 -17.34 -2.91 6.73
N PRO B 465 -17.84 -3.81 5.88
CA PRO B 465 -16.93 -4.50 4.94
C PRO B 465 -16.22 -3.55 4.00
N TYR B 466 -16.85 -2.45 3.62
CA TYR B 466 -16.32 -1.58 2.58
C TYR B 466 -15.29 -0.60 3.11
N LEU B 467 -15.07 -0.56 4.44
CA LEU B 467 -13.95 0.19 5.00
C LEU B 467 -12.62 -0.56 4.82
N HIS B 468 -12.67 -1.87 4.61
CA HIS B 468 -11.46 -2.69 4.38
C HIS B 468 -10.42 -2.44 5.48
N HIS B 469 -10.88 -2.50 6.72
CA HIS B 469 -10.08 -2.24 7.92
C HIS B 469 -9.87 -3.59 8.61
N PHE B 470 -8.65 -4.13 8.49
CA PHE B 470 -8.38 -5.48 8.97
C PHE B 470 -6.94 -5.59 9.46
N ALA B 471 -6.68 -6.65 10.21
CA ALA B 471 -5.36 -6.95 10.75
C ALA B 471 -4.88 -8.26 10.16
N TYR B 472 -3.85 -8.19 9.32
CA TYR B 472 -3.26 -9.33 8.63
C TYR B 472 -1.84 -9.50 9.16
N ASP B 473 -1.63 -10.58 9.92
CA ASP B 473 -0.36 -10.78 10.64
C ASP B 473 0.14 -12.20 10.40
N PRO B 474 1.01 -12.40 9.41
CA PRO B 474 1.57 -13.73 9.18
C PRO B 474 2.60 -14.15 10.21
N GLN B 475 3.03 -13.24 11.10
CA GLN B 475 3.97 -13.60 12.20
C GLN B 475 5.28 -14.18 11.66
N TYR B 476 5.80 -13.57 10.60
CA TYR B 476 7.06 -13.99 10.01
C TYR B 476 8.17 -14.01 11.06
N PHE B 477 8.94 -15.10 11.07
CA PHE B 477 10.13 -15.26 11.88
C PHE B 477 9.90 -15.29 13.38
N LEU B 478 8.67 -15.46 13.83
CA LEU B 478 8.40 -15.59 15.27
C LEU B 478 8.57 -17.02 15.76
N ASN B 479 8.87 -17.95 14.86
CA ASN B 479 9.34 -19.28 15.20
C ASN B 479 10.83 -19.36 14.89
N GLU B 480 11.61 -19.88 15.84
CA GLU B 480 13.08 -19.82 15.68
C GLU B 480 13.58 -20.69 14.52
N LEU B 481 12.91 -21.81 14.23
CA LEU B 481 13.39 -22.64 13.12
C LEU B 481 13.13 -21.97 11.78
N ASP B 482 12.04 -21.20 11.66
CA ASP B 482 11.76 -20.46 10.43
C ASP B 482 12.86 -19.45 10.14
N LEU B 483 13.38 -18.79 11.17
CA LEU B 483 14.45 -17.82 11.00
C LEU B 483 15.75 -18.52 10.66
N LEU B 484 16.09 -19.57 11.41
CA LEU B 484 17.31 -20.33 11.12
C LEU B 484 17.26 -20.93 9.72
N GLY B 485 16.13 -21.51 9.34
CA GLY B 485 16.02 -22.13 8.03
C GLY B 485 16.13 -21.12 6.91
N GLN B 486 15.49 -19.97 7.07
CA GLN B 486 15.61 -18.93 6.05
C GLN B 486 17.06 -18.47 5.95
N ALA B 487 17.71 -18.24 7.09
CA ALA B 487 19.09 -17.78 7.07
C ALA B 487 19.99 -18.79 6.39
N ALA B 488 19.82 -20.08 6.71
CA ALA B 488 20.68 -21.10 6.13
C ALA B 488 20.44 -21.22 4.63
N ALA B 489 19.19 -21.14 4.20
CA ALA B 489 18.90 -21.28 2.77
C ALA B 489 19.49 -20.10 1.99
N THR B 490 19.39 -18.89 2.54
CA THR B 490 19.90 -17.73 1.83
C THR B 490 21.42 -17.75 1.80
N GLN B 491 22.03 -18.18 2.91
CA GLN B 491 23.48 -18.39 2.92
C GLN B 491 23.87 -19.42 1.88
N LEU B 492 23.07 -20.49 1.75
CA LEU B 492 23.35 -21.51 0.75
C LEU B 492 23.35 -20.93 -0.65
N ALA B 493 22.44 -19.98 -0.91
CA ALA B 493 22.38 -19.35 -2.23
C ALA B 493 23.64 -18.56 -2.53
N ARG B 494 24.14 -17.83 -1.55
CA ARG B 494 25.45 -17.19 -1.71
C ARG B 494 26.53 -18.23 -1.98
N ASN B 495 26.53 -19.30 -1.18
CA ASN B 495 27.56 -20.34 -1.32
CA ASN B 495 27.58 -20.31 -1.33
C ASN B 495 27.60 -20.90 -2.74
N ILE B 496 26.44 -21.35 -3.23
CA ILE B 496 26.40 -22.05 -4.51
C ILE B 496 26.65 -21.10 -5.65
N SER B 497 26.36 -19.80 -5.46
CA SER B 497 26.60 -18.82 -6.51
C SER B 497 28.08 -18.72 -6.90
N ASN B 498 28.99 -19.14 -6.03
CA ASN B 498 30.42 -19.07 -6.24
C ASN B 498 31.07 -20.42 -5.92
N SER B 499 30.41 -21.50 -6.31
CA SER B 499 30.91 -22.86 -6.11
C SER B 499 30.96 -23.60 -7.42
N GLY B 500 32.01 -24.42 -7.58
CA GLY B 500 32.11 -25.27 -8.75
C GLY B 500 31.98 -24.51 -10.05
N ALA B 501 31.12 -25.05 -10.94
CA ALA B 501 30.98 -24.46 -12.28
C ALA B 501 30.43 -23.04 -12.25
N MET B 502 29.72 -22.65 -11.18
CA MET B 502 29.24 -21.27 -11.08
C MET B 502 30.38 -20.27 -10.95
N GLN B 503 31.54 -20.69 -10.44
CA GLN B 503 32.68 -19.77 -10.33
C GLN B 503 33.06 -19.20 -11.68
N THR B 504 32.92 -19.98 -12.76
CA THR B 504 33.26 -19.48 -14.09
C THR B 504 32.53 -18.18 -14.41
N TYR B 505 31.31 -18.03 -13.94
CA TYR B 505 30.47 -16.90 -14.31
C TYR B 505 30.36 -15.85 -13.23
N PHE B 506 30.85 -16.11 -12.03
CA PHE B 506 30.71 -15.18 -10.93
C PHE B 506 31.55 -13.93 -11.13
N ALA B 507 30.93 -12.75 -10.99
CA ALA B 507 31.62 -11.48 -11.17
C ALA B 507 31.31 -10.51 -10.03
N GLY B 508 31.07 -11.04 -8.84
CA GLY B 508 30.89 -10.21 -7.67
C GLY B 508 29.45 -10.09 -7.20
N GLU B 509 29.25 -10.19 -5.89
CA GLU B 509 27.93 -10.10 -5.30
C GLU B 509 27.49 -8.64 -5.20
N THR B 510 26.23 -8.37 -5.54
CA THR B 510 25.64 -7.05 -5.38
C THR B 510 24.60 -6.99 -4.26
N ILE B 511 23.97 -8.10 -3.93
CA ILE B 511 23.00 -8.20 -2.83
C ILE B 511 23.27 -9.50 -2.11
N PRO B 512 23.50 -9.53 -0.77
CA PRO B 512 23.59 -8.39 0.17
C PRO B 512 24.69 -7.40 -0.17
N GLY B 513 25.79 -7.88 -0.79
CA GLY B 513 26.89 -6.98 -1.10
C GLY B 513 27.44 -6.32 0.16
N ASP B 514 27.58 -4.99 0.10
CA ASP B 514 28.12 -4.24 1.23
C ASP B 514 27.26 -4.37 2.48
N ASN B 515 26.02 -4.84 2.36
CA ASN B 515 25.14 -4.88 3.52
C ASN B 515 25.36 -6.09 4.42
N LEU B 516 26.16 -7.07 3.97
CA LEU B 516 26.49 -8.21 4.82
C LEU B 516 27.82 -8.77 4.36
N ALA B 517 28.79 -8.85 5.28
CA ALA B 517 30.10 -9.37 4.94
C ALA B 517 29.98 -10.71 4.21
N TYR B 518 30.83 -10.90 3.20
CA TYR B 518 30.71 -12.05 2.32
C TYR B 518 30.97 -13.36 3.06
N ASP B 519 31.76 -13.34 4.13
CA ASP B 519 32.05 -14.54 4.91
C ASP B 519 31.14 -14.70 6.11
N ALA B 520 29.99 -14.04 6.12
CA ALA B 520 29.08 -14.08 7.26
C ALA B 520 28.71 -15.52 7.62
N ASP B 521 28.73 -15.82 8.91
CA ASP B 521 28.30 -17.13 9.39
C ASP B 521 26.79 -17.11 9.63
N LEU B 522 26.25 -18.27 10.04
CA LEU B 522 24.79 -18.41 10.11
C LEU B 522 24.18 -17.42 11.09
N SER B 523 24.84 -17.20 12.24
CA SER B 523 24.29 -16.27 13.22
C SER B 523 24.22 -14.85 12.64
N ALA B 524 25.22 -14.45 11.85
CA ALA B 524 25.14 -13.13 11.22
C ALA B 524 23.99 -13.06 10.24
N TRP B 525 23.76 -14.15 9.50
CA TRP B 525 22.62 -14.18 8.59
C TRP B 525 21.29 -14.05 9.35
N THR B 526 21.19 -14.71 10.52
CA THR B 526 19.92 -14.65 11.23
C THR B 526 19.63 -13.23 11.73
N GLU B 527 20.68 -12.44 12.00
CA GLU B 527 20.49 -11.06 12.43
C GLU B 527 20.14 -10.13 11.27
N TYR B 528 20.62 -10.46 10.06
CA TYR B 528 20.39 -9.67 8.85
C TYR B 528 19.01 -9.91 8.26
N ILE B 529 18.56 -11.15 8.27
CA ILE B 529 17.40 -11.54 7.48
C ILE B 529 16.13 -10.78 7.86
N PRO B 530 15.83 -10.56 9.14
CA PRO B 530 14.56 -9.88 9.49
C PRO B 530 14.43 -8.50 8.90
N TYR B 531 15.53 -7.87 8.51
CA TYR B 531 15.51 -6.52 7.94
C TYR B 531 15.72 -6.50 6.44
N HIS B 532 15.74 -7.66 5.80
CA HIS B 532 15.99 -7.79 4.37
C HIS B 532 15.20 -8.96 3.80
N PHE B 533 13.88 -8.95 3.97
CA PHE B 533 13.03 -10.00 3.42
C PHE B 533 11.72 -9.38 2.94
N ARG B 534 10.98 -10.15 2.17
CA ARG B 534 9.63 -9.78 1.76
C ARG B 534 8.70 -10.97 1.98
N PRO B 535 7.40 -10.71 2.12
CA PRO B 535 6.43 -11.81 2.04
C PRO B 535 6.59 -12.53 0.71
N ASN B 536 6.29 -13.83 0.72
CA ASN B 536 6.29 -14.58 -0.53
C ASN B 536 4.94 -14.54 -1.25
N TYR B 537 3.89 -14.04 -0.58
CA TYR B 537 2.55 -13.93 -1.16
C TYR B 537 1.95 -15.30 -1.51
N HIS B 538 2.31 -16.34 -0.75
CA HIS B 538 1.77 -17.69 -0.91
C HIS B 538 0.86 -18.06 0.26
N GLY B 539 0.13 -17.11 0.81
CA GLY B 539 -0.59 -17.34 2.05
C GLY B 539 -1.76 -18.29 1.87
N VAL B 540 -1.84 -19.30 2.76
CA VAL B 540 -2.92 -20.29 2.78
C VAL B 540 -3.37 -20.51 4.23
N GLY B 541 -4.55 -21.14 4.38
CA GLY B 541 -4.93 -21.74 5.64
C GLY B 541 -5.94 -20.99 6.47
N THR B 542 -6.37 -19.80 6.02
CA THR B 542 -7.23 -18.97 6.85
C THR B 542 -8.66 -19.49 6.97
N CYS B 543 -9.07 -20.44 6.13
CA CYS B 543 -10.31 -21.19 6.26
C CYS B 543 -10.02 -22.70 6.06
N SER B 544 -9.16 -23.23 6.92
CA SER B 544 -8.51 -24.51 6.66
C SER B 544 -9.52 -25.64 6.47
N MET B 545 -9.23 -26.48 5.46
CA MET B 545 -10.01 -27.69 5.19
C MET B 545 -9.44 -28.81 6.05
N MET B 546 -10.06 -29.02 7.20
CA MET B 546 -9.74 -30.11 8.10
C MET B 546 -10.88 -30.24 9.10
N PRO B 547 -10.92 -31.31 9.89
CA PRO B 547 -12.08 -31.51 10.78
C PRO B 547 -12.27 -30.35 11.74
N LYS B 548 -13.54 -30.07 12.06
CA LYS B 548 -13.83 -29.03 13.03
C LYS B 548 -13.03 -29.22 14.31
N GLU B 549 -12.88 -30.48 14.75
CA GLU B 549 -12.20 -30.74 16.01
C GLU B 549 -10.71 -30.43 15.93
N MET B 550 -10.16 -30.35 14.72
CA MET B 550 -8.76 -29.98 14.52
C MET B 550 -8.57 -28.48 14.28
N GLY B 551 -9.62 -27.68 14.39
CA GLY B 551 -9.53 -26.27 14.09
C GLY B 551 -9.90 -25.87 12.68
N GLY B 552 -10.54 -26.76 11.92
CA GLY B 552 -10.90 -26.47 10.56
C GLY B 552 -12.17 -25.65 10.44
N VAL B 553 -12.36 -25.12 9.23
CA VAL B 553 -13.49 -24.23 8.92
C VAL B 553 -14.39 -24.85 7.86
N VAL B 554 -13.82 -25.68 6.98
CA VAL B 554 -14.60 -26.34 5.93
C VAL B 554 -14.31 -27.83 5.93
N ASP B 555 -15.27 -28.60 5.41
CA ASP B 555 -15.14 -30.05 5.31
C ASP B 555 -14.50 -30.42 3.97
N ASN B 556 -14.41 -31.73 3.67
CA ASN B 556 -13.69 -32.19 2.49
C ASN B 556 -14.42 -31.89 1.17
N ALA B 557 -15.59 -31.28 1.22
CA ALA B 557 -16.26 -30.73 0.04
C ALA B 557 -16.29 -29.21 0.09
N ALA B 558 -15.44 -28.61 0.94
CA ALA B 558 -15.24 -27.16 1.02
C ALA B 558 -16.42 -26.44 1.67
N ARG B 559 -17.32 -27.15 2.33
CA ARG B 559 -18.51 -26.54 2.93
C ARG B 559 -18.19 -26.05 4.34
N VAL B 560 -18.58 -24.80 4.63
CA VAL B 560 -18.37 -24.23 5.95
C VAL B 560 -19.21 -24.98 6.97
N TYR B 561 -18.58 -25.39 8.08
CA TYR B 561 -19.28 -26.16 9.10
C TYR B 561 -20.42 -25.34 9.71
N GLY B 562 -21.58 -25.99 9.86
CA GLY B 562 -22.71 -25.37 10.50
C GLY B 562 -23.48 -24.40 9.64
N VAL B 563 -23.18 -24.31 8.35
CA VAL B 563 -23.89 -23.43 7.42
C VAL B 563 -24.22 -24.23 6.17
N GLN B 564 -25.44 -24.06 5.67
CA GLN B 564 -25.87 -24.72 4.45
C GLN B 564 -25.65 -23.79 3.26
N GLY B 565 -25.30 -24.37 2.12
CA GLY B 565 -25.20 -23.61 0.89
C GLY B 565 -24.07 -22.60 0.86
N LEU B 566 -22.99 -22.86 1.57
CA LEU B 566 -21.86 -21.92 1.63
C LEU B 566 -20.56 -22.71 1.56
N ARG B 567 -19.69 -22.33 0.63
CA ARG B 567 -18.39 -22.97 0.50
C ARG B 567 -17.31 -21.91 0.36
N VAL B 568 -16.10 -22.28 0.75
CA VAL B 568 -14.89 -21.50 0.47
C VAL B 568 -14.02 -22.38 -0.43
N ILE B 569 -13.62 -21.85 -1.59
CA ILE B 569 -13.04 -22.70 -2.63
C ILE B 569 -11.65 -22.25 -3.04
N ASP B 570 -11.01 -21.35 -2.31
CA ASP B 570 -9.80 -20.71 -2.76
C ASP B 570 -8.61 -21.07 -1.86
N GLY B 571 -7.53 -20.29 -1.97
CA GLY B 571 -6.33 -20.58 -1.19
C GLY B 571 -6.50 -20.44 0.31
N SER B 572 -7.69 -20.04 0.74
CA SER B 572 -7.95 -20.04 2.18
C SER B 572 -7.91 -21.46 2.76
N ILE B 573 -8.19 -22.47 1.95
CA ILE B 573 -8.53 -23.76 2.54
C ILE B 573 -7.40 -24.78 2.66
N PRO B 574 -6.36 -24.75 1.83
CA PRO B 574 -5.25 -25.71 2.06
C PRO B 574 -4.80 -25.64 3.50
N PRO B 575 -4.77 -26.78 4.21
CA PRO B 575 -4.38 -26.77 5.63
C PRO B 575 -2.88 -26.70 5.85
N THR B 576 -2.08 -26.95 4.83
CA THR B 576 -0.64 -26.96 4.94
C THR B 576 -0.04 -26.16 3.77
N GLN B 577 1.22 -25.77 3.94
CA GLN B 577 2.04 -25.37 2.81
C GLN B 577 2.49 -26.62 2.06
N MET B 578 3.20 -26.39 0.96
CA MET B 578 3.63 -27.49 0.10
C MET B 578 4.91 -27.05 -0.59
N SER B 579 5.71 -28.04 -0.99
CA SER B 579 7.01 -27.78 -1.61
C SER B 579 6.82 -27.60 -3.11
N SER B 580 6.15 -26.50 -3.45
CA SER B 580 5.87 -26.23 -4.85
CA SER B 580 5.84 -26.24 -4.85
C SER B 580 5.20 -24.87 -4.98
N HIS B 581 5.04 -24.44 -6.24
CA HIS B 581 4.17 -23.33 -6.60
C HIS B 581 2.75 -23.87 -6.72
N VAL B 582 1.77 -23.05 -6.35
CA VAL B 582 0.47 -23.61 -6.00
C VAL B 582 -0.54 -23.67 -7.13
N MET B 583 -0.29 -23.00 -8.28
CA MET B 583 -1.30 -22.97 -9.33
C MET B 583 -1.73 -24.39 -9.74
N THR B 584 -0.77 -25.30 -9.94
CA THR B 584 -1.12 -26.65 -10.35
C THR B 584 -2.11 -27.30 -9.39
N VAL B 585 -1.98 -27.01 -8.09
CA VAL B 585 -2.86 -27.62 -7.09
C VAL B 585 -4.19 -26.87 -7.04
N PHE B 586 -4.14 -25.53 -7.14
CA PHE B 586 -5.37 -24.74 -7.00
C PHE B 586 -6.32 -24.95 -8.18
N TYR B 587 -5.79 -25.10 -9.39
CA TYR B 587 -6.67 -25.44 -10.51
C TYR B 587 -7.33 -26.79 -10.28
N ALA B 588 -6.54 -27.77 -9.81
CA ALA B 588 -7.09 -29.09 -9.51
C ALA B 588 -8.11 -29.01 -8.40
N MET B 589 -7.79 -28.22 -7.37
CA MET B 589 -8.70 -28.01 -6.24
C MET B 589 -10.06 -27.52 -6.72
N ALA B 590 -10.08 -26.49 -7.57
CA ALA B 590 -11.34 -25.93 -8.04
C ALA B 590 -12.13 -26.95 -8.85
N LEU B 591 -11.46 -27.70 -9.71
CA LEU B 591 -12.16 -28.72 -10.48
C LEU B 591 -12.75 -29.80 -9.58
N LYS B 592 -12.00 -30.21 -8.54
CA LYS B 592 -12.48 -31.25 -7.65
C LYS B 592 -13.70 -30.78 -6.86
N ILE B 593 -13.64 -29.55 -6.33
CA ILE B 593 -14.78 -29.00 -5.61
C ILE B 593 -15.97 -28.82 -6.55
N SER B 594 -15.69 -28.40 -7.79
CA SER B 594 -16.77 -28.25 -8.76
C SER B 594 -17.54 -29.54 -8.96
N ASP B 595 -16.82 -30.68 -9.01
CA ASP B 595 -17.51 -31.96 -9.15
C ASP B 595 -18.43 -32.21 -7.97
N ALA B 596 -17.97 -31.90 -6.76
CA ALA B 596 -18.82 -32.06 -5.58
C ALA B 596 -20.04 -31.14 -5.67
N ILE B 597 -19.85 -29.90 -6.12
CA ILE B 597 -20.97 -28.98 -6.28
C ILE B 597 -21.99 -29.55 -7.27
N LEU B 598 -21.50 -30.06 -8.39
CA LEU B 598 -22.41 -30.59 -9.41
C LEU B 598 -23.12 -31.85 -8.93
N GLU B 599 -22.44 -32.68 -8.12
CA GLU B 599 -23.09 -33.86 -7.57
C GLU B 599 -24.28 -33.48 -6.69
N ASP B 600 -24.11 -32.47 -5.84
CA ASP B 600 -25.21 -32.01 -5.00
C ASP B 600 -26.31 -31.36 -5.83
N TYR B 601 -25.94 -30.58 -6.85
CA TYR B 601 -26.94 -29.99 -7.74
C TYR B 601 -27.88 -31.06 -8.28
N ALA B 602 -27.31 -32.18 -8.75
CA ALA B 602 -28.14 -33.25 -9.29
C ALA B 602 -29.08 -33.80 -8.22
N SER B 603 -28.60 -33.93 -6.99
CA SER B 603 -29.45 -34.41 -5.91
C SER B 603 -30.56 -33.41 -5.58
N MET B 604 -30.26 -32.11 -5.65
CA MET B 604 -31.25 -31.09 -5.31
C MET B 604 -32.11 -30.77 -6.53
N GLN B 605 -32.85 -31.78 -6.98
CA GLN B 605 -33.72 -31.60 -8.13
C GLN B 605 -35.09 -32.24 -7.89
C1 NAG C . 20.41 -0.92 -2.90
C2 NAG C . 21.72 -0.64 -2.16
C3 NAG C . 22.81 -0.38 -3.21
C4 NAG C . 22.88 -1.52 -4.19
C5 NAG C . 21.52 -1.83 -4.80
C6 NAG C . 21.49 -3.10 -5.62
C7 NAG C . 21.47 0.32 0.06
C8 NAG C . 21.36 1.58 0.84
N2 NAG C . 21.60 0.47 -1.27
O3 NAG C . 24.03 -0.21 -2.52
O4 NAG C . 23.78 -1.06 -5.20
O5 NAG C . 20.55 -2.03 -3.77
O6 NAG C . 20.25 -3.19 -6.30
O7 NAG C . 21.49 -0.77 0.65
H2 NAG C . 21.94 -1.41 -1.62
H3 NAG C . 22.56 0.41 -3.69
H4 NAG C . 23.18 -2.31 -3.72
H5 NAG C . 21.30 -1.08 -5.36
H61 NAG C . 21.63 -3.86 -5.02
H62 NAG C . 22.24 -3.09 -6.24
H81 NAG C . 20.53 1.58 1.33
H82 NAG C . 21.38 2.34 0.24
H83 NAG C . 22.11 1.63 1.46
HN2 NAG C . 21.62 1.27 -1.60
HO3 NAG C . 24.19 -0.92 -2.09
HO6 NAG C . 20.24 -3.93 -6.72
C1 NAG C . 24.81 -2.03 -5.45
C2 NAG C . 25.57 -1.65 -6.75
C3 NAG C . 26.65 -2.70 -6.99
C4 NAG C . 27.54 -2.90 -5.79
C5 NAG C . 26.69 -3.11 -4.53
C6 NAG C . 27.51 -3.16 -3.25
C7 NAG C . 23.98 -2.51 -8.43
C8 NAG C . 23.06 -2.10 -9.52
N2 NAG C . 24.65 -1.52 -7.85
O3 NAG C . 27.40 -2.24 -8.10
O4 NAG C . 28.31 -4.09 -6.02
O5 NAG C . 25.73 -2.07 -4.39
O6 NAG C . 26.76 -3.61 -2.13
O7 NAG C . 24.00 -3.68 -8.11
H2 NAG C . 26.00 -0.78 -6.64
H3 NAG C . 26.21 -3.54 -7.16
H4 NAG C . 28.08 -2.10 -5.70
H5 NAG C . 26.22 -3.95 -4.61
H61 NAG C . 27.87 -2.26 -3.09
H62 NAG C . 28.28 -3.72 -3.41
H81 NAG C . 23.31 -2.56 -10.34
H82 NAG C . 23.13 -1.14 -9.65
H83 NAG C . 22.15 -2.33 -9.29
HN2 NAG C . 24.52 -0.72 -8.15
HO3 NAG C . 28.22 -2.16 -7.86
HO6 NAG C . 26.14 -3.04 -1.99
C1 BMA C . 29.74 -3.86 -5.92
C2 BMA C . 30.38 -5.19 -5.56
C3 BMA C . 31.91 -5.10 -5.62
C4 BMA C . 32.45 -4.41 -6.90
C5 BMA C . 31.63 -3.22 -7.35
C6 BMA C . 31.83 -2.88 -8.84
O2 BMA C . 29.90 -6.17 -6.43
O3 BMA C . 32.45 -6.40 -5.54
O4 BMA C . 33.77 -4.03 -6.53
O5 BMA C . 30.22 -3.38 -7.15
O6 BMA C . 31.22 -1.63 -9.07
H2 BMA C . 30.15 -5.35 -4.63
H3 BMA C . 32.13 -4.56 -4.85
H4 BMA C . 32.46 -5.03 -7.64
H5 BMA C . 31.92 -2.46 -6.82
H61 BMA C . 31.45 -3.56 -9.40
H62 BMA C . 32.78 -2.84 -9.05
HO2 BMA C . 29.40 -6.68 -5.98
HO4 BMA C . 34.16 -3.72 -7.23
C1 MAN C . 33.26 -6.57 -4.37
C2 MAN C . 34.23 -7.73 -4.63
C3 MAN C . 33.37 -8.91 -5.05
C4 MAN C . 32.47 -9.25 -3.85
C5 MAN C . 31.61 -8.02 -3.52
C6 MAN C . 30.64 -8.22 -2.35
O2 MAN C . 34.65 -8.11 -3.36
O3 MAN C . 34.25 -9.98 -5.33
O4 MAN C . 31.70 -10.39 -4.16
O5 MAN C . 32.46 -6.90 -3.26
O6 MAN C . 31.32 -8.20 -1.13
C1 MAN C . 35.94 -7.69 -2.84
C2 MAN C . 35.91 -6.23 -2.41
C3 MAN C . 37.01 -6.27 -1.36
C4 MAN C . 38.31 -6.88 -1.91
C5 MAN C . 38.15 -7.93 -3.02
C6 MAN C . 38.02 -9.33 -2.49
O2 MAN C . 34.65 -5.94 -1.86
O3 MAN C . 36.48 -7.01 -0.27
O4 MAN C . 39.11 -5.81 -2.36
O5 MAN C . 36.96 -7.71 -3.79
O6 MAN C . 38.14 -9.30 -1.09
C1 MAN C . 31.91 -0.95 -10.14
C2 MAN C . 31.08 0.30 -10.48
C3 MAN C . 29.73 -0.12 -11.06
C4 MAN C . 29.91 -1.05 -12.25
C5 MAN C . 30.78 -2.24 -11.82
C6 MAN C . 31.10 -3.17 -12.97
O2 MAN C . 31.84 1.04 -11.40
O3 MAN C . 29.02 1.04 -11.40
O4 MAN C . 28.63 -1.47 -12.66
O5 MAN C . 32.01 -1.78 -11.27
O6 MAN C . 32.12 -4.06 -12.58
H2 MAN C . 30.93 0.80 -9.67
H3 MAN C . 29.26 -0.62 -10.37
H4 MAN C . 30.36 -0.57 -12.97
H5 MAN C . 30.30 -2.76 -11.16
H61 MAN C . 31.36 -2.65 -13.74
H62 MAN C . 30.28 -3.65 -13.22
HO2 MAN C . 31.32 1.60 -11.77
HO3 MAN C . 28.52 0.86 -12.07
HO4 MAN C . 28.69 -1.88 -13.40
HO6 MAN C . 32.52 -3.72 -11.91
C1 NAG D . 24.78 29.72 14.89
C2 NAG D . 24.92 31.18 15.31
C3 NAG D . 26.02 31.89 14.52
C4 NAG D . 27.30 31.07 14.48
C5 NAG D . 26.97 29.64 14.05
C6 NAG D . 28.19 28.73 13.98
C7 NAG D . 22.82 32.18 16.12
C8 NAG D . 21.59 32.89 15.72
N2 NAG D . 23.67 31.88 15.13
O3 NAG D . 26.19 33.15 15.12
O4 NAG D . 28.12 31.69 13.52
O5 NAG D . 26.03 29.11 14.98
O6 NAG D . 28.57 28.37 15.28
O7 NAG D . 23.05 31.94 17.28
H2 NAG D . 25.17 31.20 16.26
H3 NAG D . 25.73 31.95 13.60
H4 NAG D . 27.69 31.06 15.37
H5 NAG D . 26.60 29.64 13.16
H61 NAG D . 28.90 29.20 13.52
H62 NAG D . 27.96 27.96 13.44
H81 NAG D . 20.81 32.39 16.02
H82 NAG D . 21.57 32.99 14.77
H83 NAG D . 21.58 33.77 16.15
HN2 NAG D . 23.45 32.10 14.32
HO3 NAG D . 26.78 33.57 14.67
HO6 NAG D . 27.87 28.37 15.77
C1 NAG D . 29.51 31.74 13.94
C2 NAG D . 30.43 32.06 12.76
C3 NAG D . 31.89 32.23 13.23
C4 NAG D . 32.00 33.20 14.38
C5 NAG D . 30.99 32.76 15.47
C6 NAG D . 31.00 33.68 16.68
C7 NAG D . 29.65 31.06 10.65
C8 NAG D . 29.83 29.92 9.73
N2 NAG D . 30.42 31.04 11.74
O3 NAG D . 32.65 32.64 12.11
O4 NAG D . 33.33 33.19 14.83
O5 NAG D . 29.69 32.75 14.92
O6 NAG D . 30.58 34.97 16.28
O7 NAG D . 28.87 31.97 10.37
H2 NAG D . 30.08 32.90 12.40
H3 NAG D . 32.20 31.37 13.56
H4 NAG D . 31.76 34.09 14.08
H5 NAG D . 31.23 31.88 15.79
H61 NAG D . 31.90 33.70 17.05
H62 NAG D . 30.43 33.31 17.36
H81 NAG D . 29.00 29.43 9.65
H82 NAG D . 30.52 29.33 10.09
H83 NAG D . 30.10 30.24 8.86
HN2 NAG D . 30.95 30.38 11.85
HO3 NAG D . 33.45 32.79 12.37
HO4 NAG D . 33.44 33.82 15.40
HO6 NAG D . 30.17 34.89 15.54
C1 NAG E . 20.47 -35.41 7.85
C2 NAG E . 20.52 -36.92 7.59
C3 NAG E . 20.16 -37.67 8.86
C4 NAG E . 20.86 -37.15 10.08
C5 NAG E . 20.91 -35.61 10.09
C6 NAG E . 21.74 -35.04 11.24
C7 NAG E . 19.95 -37.52 5.28
C8 NAG E . 18.84 -37.86 4.36
N2 NAG E . 19.60 -37.25 6.54
O3 NAG E . 20.47 -39.03 8.64
O4 NAG E . 20.06 -37.54 11.21
O5 NAG E . 21.40 -35.12 8.86
O6 NAG E . 23.11 -35.20 10.98
O7 NAG E . 21.10 -37.55 4.89
H2 NAG E . 21.42 -37.17 7.32
H3 NAG E . 19.21 -37.50 9.01
H4 NAG E . 21.75 -37.52 10.06
H5 NAG E . 20.01 -35.28 10.21
H61 NAG E . 21.47 -35.48 12.06
H62 NAG E . 21.50 -34.11 11.35
H81 NAG E . 18.84 -37.24 3.63
H82 NAG E . 18.00 -37.81 4.84
H83 NAG E . 18.96 -38.77 4.02
HN2 NAG E . 18.76 -37.27 6.74
HO3 NAG E . 20.08 -39.49 9.24
HO6 NAG E . 23.26 -35.00 10.18
C1 NAG E . 20.50 -38.74 11.88
C2 NAG E . 19.73 -38.78 13.19
C3 NAG E . 19.97 -40.07 13.97
C4 NAG E . 19.65 -41.26 13.07
C5 NAG E . 20.50 -41.12 11.79
C6 NAG E . 20.26 -42.27 10.84
C7 NAG E . 19.17 -36.67 14.34
C8 NAG E . 19.66 -35.60 15.25
N2 NAG E . 20.03 -37.64 14.04
O3 NAG E . 19.20 -40.04 15.13
O4 NAG E . 19.91 -42.44 13.79
O5 NAG E . 20.22 -39.90 11.13
O6 NAG E . 18.87 -42.38 10.59
O7 NAG E . 18.00 -36.62 13.95
H2 NAG E . 18.80 -38.73 12.93
H3 NAG E . 20.91 -40.13 14.21
H4 NAG E . 18.71 -41.24 12.83
H5 NAG E . 21.44 -41.11 12.05
H61 NAG E . 20.62 -43.09 11.22
H62 NAG E . 20.76 -42.11 10.02
H81 NAG E . 19.80 -34.79 14.74
H82 NAG E . 20.50 -35.89 15.64
H83 NAG E . 19.01 -35.45 15.95
HN2 NAG E . 20.83 -37.60 14.37
HO3 NAG E . 19.24 -40.81 15.50
HO4 NAG E . 19.45 -43.07 13.46
HO6 NAG E . 18.73 -43.06 10.10
C1 NAG F . 22.26 17.13 26.07
C2 NAG F . 23.51 16.37 26.51
C3 NAG F . 24.41 17.26 27.35
C4 NAG F . 24.73 18.56 26.63
C5 NAG F . 23.43 19.23 26.15
C6 NAG F . 23.63 20.49 25.34
C7 NAG F . 23.66 13.95 26.92
C8 NAG F . 23.21 12.83 27.82
N2 NAG F . 23.18 15.17 27.25
O3 NAG F . 25.59 16.57 27.65
O4 NAG F . 25.43 19.35 27.55
O5 NAG F . 22.67 18.30 25.38
O6 NAG F . 24.02 20.17 24.02
O7 NAG F . 24.42 13.74 25.96
C1 NAG F . 26.56 19.92 26.84
C2 NAG F . 26.92 21.28 27.46
C3 NAG F . 27.88 21.91 26.46
C4 NAG F . 29.09 21.01 26.23
C5 NAG F . 28.65 19.56 25.96
C6 NAG F . 29.78 18.55 25.87
C7 NAG F . 25.33 22.50 28.88
C8 NAG F . 24.04 23.30 28.86
N2 NAG F . 25.74 22.06 27.67
O3 NAG F . 28.23 23.18 26.96
O4 NAG F . 29.78 21.54 25.11
O5 NAG F . 27.72 19.14 26.94
O6 NAG F . 30.61 18.65 27.02
O7 NAG F . 25.94 22.27 29.91
C1 NAG G . 9.32 -2.74 18.37
C2 NAG G . 10.58 -3.34 18.98
C3 NAG G . 10.31 -3.71 20.43
C4 NAG G . 9.81 -2.49 21.19
C5 NAG G . 8.63 -1.86 20.45
C6 NAG G . 8.17 -0.53 21.04
C7 NAG G . 12.03 -4.41 17.31
C8 NAG G . 12.37 -5.70 16.63
N2 NAG G . 11.03 -4.47 18.21
O3 NAG G . 11.51 -4.19 20.97
O4 NAG G . 9.38 -2.94 22.49
O5 NAG G . 8.94 -1.59 19.09
O6 NAG G . 6.98 -0.13 20.42
O7 NAG G . 12.71 -3.43 17.05
H2 NAG G . 11.31 -2.68 18.95
H3 NAG G . 9.61 -4.39 20.45
H4 NAG G . 10.55 -1.86 21.23
H5 NAG G . 7.92 -2.52 20.51
H61 NAG G . 8.88 0.11 20.92
H62 NAG G . 8.06 -0.65 22.00
H81 NAG G . 12.32 -5.58 15.67
H82 NAG G . 11.73 -6.38 16.91
H83 NAG G . 13.27 -5.97 16.88
HN2 NAG G . 10.63 -5.22 18.33
HO3 NAG G . 12.08 -3.57 20.95
HO6 NAG G . 6.64 0.52 20.88
C1 NAG G . 9.98 -2.16 23.51
C2 NAG G . 9.33 -2.54 24.86
C3 NAG G . 9.91 -1.66 25.96
C4 NAG G . 11.40 -1.71 26.00
C5 NAG G . 11.98 -1.54 24.57
C6 NAG G . 13.47 -1.84 24.53
C7 NAG G . 7.21 -1.30 24.65
C8 NAG G . 5.75 -1.45 24.53
N2 NAG G . 7.90 -2.44 24.78
O3 NAG G . 9.30 -2.13 27.13
O4 NAG G . 11.86 -0.62 26.79
O5 NAG G . 11.35 -2.39 23.65
O6 NAG G . 14.09 -1.18 23.45
O7 NAG G . 7.71 -0.18 24.56
H2 NAG G . 9.53 -3.47 25.06
H3 NAG G . 9.72 -0.73 25.78
H4 NAG G . 11.64 -2.58 26.36
H5 NAG G . 11.81 -0.62 24.31
H61 NAG G . 13.58 -2.79 24.47
H62 NAG G . 13.86 -1.56 25.37
H81 NAG G . 5.32 -0.97 25.24
H82 NAG G . 5.52 -2.39 24.58
H83 NAG G . 5.46 -1.08 23.67
HN2 NAG G . 7.45 -3.17 24.80
HO3 NAG G . 9.92 -2.48 27.61
HO6 NAG G . 13.88 -1.59 22.74
C1 BMA G . 12.48 -1.04 28.02
C2 BMA G . 13.48 0.03 28.44
C3 BMA G . 14.12 -0.33 29.81
C4 BMA G . 13.08 -0.69 30.87
C5 BMA G . 11.98 -1.62 30.31
C6 BMA G . 10.81 -1.72 31.29
O2 BMA G . 12.87 1.31 28.54
O3 BMA G . 14.89 0.76 30.24
O4 BMA G . 13.74 -1.29 31.97
O5 BMA G . 11.51 -1.22 29.03
O6 BMA G . 10.37 -3.04 31.32
H2 BMA G . 14.14 0.01 27.73
H3 BMA G . 14.69 -1.10 29.63
H4 BMA G . 12.67 0.13 31.18
H5 BMA G . 12.35 -2.50 30.20
H61 BMA G . 10.10 -1.13 30.99
H62 BMA G . 11.08 -1.42 32.16
HO2 BMA G . 13.20 1.80 27.92
HO4 BMA G . 13.37 -1.02 32.68
C1 MAN G . 16.30 0.53 30.08
C2 MAN G . 17.01 1.48 31.05
C3 MAN G . 16.65 2.89 30.63
C4 MAN G . 16.99 3.14 29.15
C5 MAN G . 16.32 2.06 28.28
C6 MAN G . 16.67 2.16 26.82
O2 MAN G . 18.39 1.30 30.97
O3 MAN G . 17.36 3.79 31.44
O4 MAN G . 16.57 4.45 28.83
O5 MAN G . 16.70 0.78 28.76
O6 MAN G . 18.07 2.11 26.65
H2 MAN G . 16.71 1.24 31.95
H3 MAN G . 15.69 2.98 30.74
H4 MAN G . 17.96 3.07 29.04
H5 MAN G . 15.36 2.20 28.33
H61 MAN G . 16.30 2.97 26.46
H62 MAN G . 16.25 1.42 26.36
HO3 MAN G . 18.11 3.43 31.63
HO4 MAN G . 16.63 4.95 29.52
HO6 MAN G . 18.39 1.58 27.24
C1 MAN G . 18.83 0.18 31.78
C2 MAN G . 20.17 0.57 32.37
C3 MAN G . 21.13 0.85 31.21
C4 MAN G . 21.19 -0.31 30.23
C5 MAN G . 19.77 -0.75 29.84
C6 MAN G . 19.78 -2.04 29.03
O2 MAN G . 20.60 -0.50 33.16
O3 MAN G . 22.41 1.10 31.76
O4 MAN G . 21.91 0.13 29.09
O5 MAN G . 18.98 -0.97 31.00
O6 MAN G . 18.69 -2.03 28.15
H2 MAN G . 20.07 1.35 32.92
H3 MAN G . 20.78 1.62 30.75
H4 MAN G . 21.65 -1.04 30.67
H5 MAN G . 19.38 -0.06 29.30
H61 MAN G . 19.74 -2.79 29.65
H62 MAN G . 20.62 -2.10 28.56
HO2 MAN G . 21.45 -0.48 33.19
HO3 MAN G . 22.96 1.24 31.12
HO4 MAN G . 22.29 -0.53 28.71
HO6 MAN G . 18.75 -2.69 27.64
C1 BMA G . 8.94 -2.90 31.18
C2 BMA G . 8.26 -4.27 31.11
C3 BMA G . 6.89 -3.83 30.57
C4 BMA G . 6.19 -2.78 31.47
C5 BMA G . 7.13 -1.66 31.90
C6 BMA G . 6.60 -0.69 32.93
O2 BMA G . 8.19 -4.87 32.36
O3 BMA G . 6.15 -4.98 30.27
O4 BMA G . 5.13 -2.28 30.69
O5 BMA G . 8.36 -2.22 32.31
O6 BMA G . 6.23 -1.43 34.06
C1 MAN G . 5.95 -4.91 28.84
C2 MAN G . 4.51 -5.38 28.56
C3 MAN G . 4.29 -6.87 28.69
C4 MAN G . 5.34 -7.63 27.92
C5 MAN G . 6.73 -7.16 28.35
C6 MAN G . 7.81 -7.80 27.50
O2 MAN G . 4.25 -4.97 27.23
O3 MAN G . 2.99 -7.14 28.23
O4 MAN G . 5.13 -8.99 28.21
O5 MAN G . 6.86 -5.76 28.17
O6 MAN G . 8.62 -8.63 28.30
H2 MAN G . 3.96 -4.96 29.25
H3 MAN G . 4.39 -7.12 29.63
H4 MAN G . 5.24 -7.45 26.97
H5 MAN G . 6.86 -7.39 29.29
H61 MAN G . 8.32 -7.10 27.08
H62 MAN G . 7.37 -8.30 26.78
HO2 MAN G . 3.68 -5.48 26.90
HO3 MAN G . 3.06 -7.58 27.51
HO4 MAN G . 5.44 -9.46 27.56
HO6 MAN G . 9.09 -9.11 27.77
C1 MAN G . 5.44 -0.59 34.94
C2 MAN G . 4.96 -1.49 36.10
C3 MAN G . 4.05 -2.57 35.51
C4 MAN G . 2.89 -1.93 34.75
C5 MAN G . 3.44 -0.97 33.67
C6 MAN G . 2.34 -0.21 32.98
O2 MAN G . 4.33 -0.66 37.05
O3 MAN G . 3.60 -3.37 36.58
O4 MAN G . 2.13 -2.97 34.17
O5 MAN G . 4.34 -0.03 34.26
O6 MAN G . 2.02 0.94 33.72
H2 MAN G . 5.73 -1.91 36.52
H3 MAN G . 4.57 -3.10 34.88
H4 MAN G . 2.35 -1.42 35.38
H5 MAN G . 3.91 -1.49 33.00
H61 MAN G . 1.57 -0.80 32.88
H62 MAN G . 2.64 0.02 32.07
HO2 MAN G . 3.92 -0.05 36.63
HO3 MAN G . 3.47 -2.87 37.26
HO4 MAN G . 2.56 -3.29 33.50
HO6 MAN G . 2.35 0.85 34.50
C1 NAG H . 17.09 28.43 -15.53
C2 NAG H . 16.41 29.12 -16.70
C3 NAG H . 17.09 30.48 -16.86
C4 NAG H . 17.03 31.28 -15.59
C5 NAG H . 17.33 30.46 -14.33
C6 NAG H . 16.83 31.14 -13.05
C7 NAG H . 15.36 28.08 -18.61
C8 NAG H . 15.58 27.29 -19.84
N2 NAG H . 16.47 28.35 -17.88
O3 NAG H . 16.39 31.11 -17.91
O4 NAG H . 18.04 32.25 -15.65
O5 NAG H . 16.73 29.19 -14.41
O6 NAG H . 15.47 31.51 -13.23
O7 NAG H . 14.24 28.47 -18.33
H2 NAG H . 15.47 29.22 -16.51
H3 NAG H . 18.03 30.36 -17.03
H4 NAG H . 16.11 31.60 -15.57
H5 NAG H . 18.29 30.35 -14.27
H61 NAG H . 17.40 31.89 -12.87
H62 NAG H . 16.94 30.51 -12.31
H81 NAG H . 15.04 26.49 -19.81
H82 NAG H . 16.52 27.04 -19.92
H83 NAG H . 15.33 27.82 -20.62
HN2 NAG H . 17.23 28.05 -18.14
HO3 NAG H . 16.61 31.93 -17.91
HO6 NAG H . 15.10 30.93 -13.73
C1 NAG H . 17.52 33.54 -15.99
C2 NAG H . 18.35 34.66 -15.42
C3 NAG H . 17.72 36.01 -15.89
C4 NAG H . 17.49 36.05 -17.39
C5 NAG H . 16.78 34.77 -17.86
C6 NAG H . 16.62 34.71 -19.37
C7 NAG H . 19.47 34.43 -13.25
C8 NAG H . 19.28 34.65 -11.80
N2 NAG H . 18.40 34.75 -14.00
O3 NAG H . 18.53 37.06 -15.45
O4 NAG H . 16.68 37.19 -17.65
O5 NAG H . 17.54 33.67 -17.41
O6 NAG H . 17.84 34.38 -19.98
O7 NAG H . 20.54 34.02 -13.67
H2 NAG H . 19.25 34.48 -15.74
H3 NAG H . 16.84 36.05 -15.49
H4 NAG H . 18.35 36.11 -17.82
H5 NAG H . 15.89 34.73 -17.49
H61 NAG H . 16.30 35.56 -19.67
H62 NAG H . 15.93 34.06 -19.57
H81 NAG H . 19.53 33.83 -11.32
H82 NAG H . 18.35 34.84 -11.62
H83 NAG H . 19.83 35.39 -11.50
HN2 NAG H . 17.69 35.03 -13.60
HO3 NAG H . 18.10 37.79 -15.52
HO4 NAG H . 16.98 37.57 -18.34
HO6 NAG H . 18.27 33.84 -19.46
C1 NAG I . -8.23 -29.82 20.46
C2 NAG I . -9.67 -30.24 20.65
C3 NAG I . -9.75 -31.75 20.94
C4 NAG I . -9.02 -32.59 19.92
C5 NAG I . -7.64 -31.98 19.60
C6 NAG I . -6.98 -32.63 18.38
C7 NAG I . -10.86 -28.34 21.63
C8 NAG I . -11.44 -27.82 22.90
N2 NAG I . -10.29 -29.53 21.74
O3 NAG I . -11.13 -32.07 20.95
O4 NAG I . -8.80 -33.87 20.50
O5 NAG I . -7.74 -30.60 19.37
O6 NAG I . -7.77 -32.42 17.23
O7 NAG I . -10.92 -27.69 20.60
H2 NAG I . -10.13 -30.04 19.82
H3 NAG I . -9.30 -31.91 21.77
H4 NAG I . -9.57 -32.59 19.13
H5 NAG I . -7.07 -32.12 20.36
H61 NAG I . -6.85 -33.58 18.57
H62 NAG I . -6.09 -32.26 18.28
H81 NAG I . -11.00 -27.00 23.14
H82 NAG I . -11.32 -28.48 23.60
H83 NAG I . -12.39 -27.65 22.76
HN2 NAG I . -10.29 -29.93 22.50
HO3 NAG I . -11.21 -32.90 21.13
HO6 NAG I . -8.27 -31.75 17.37
C1 NAG I . -9.75 -34.84 20.05
C2 NAG I . -9.15 -36.23 20.29
C3 NAG I . -10.15 -37.34 20.01
C4 NAG I . -11.46 -37.09 20.75
C5 NAG I . -11.95 -35.67 20.42
C6 NAG I . -13.23 -35.29 21.14
C7 NAG I . -6.71 -36.29 19.92
C8 NAG I . -5.65 -36.57 18.92
N2 NAG I . -7.96 -36.42 19.48
O3 NAG I . -9.55 -38.57 20.40
O4 NAG I . -12.37 -38.08 20.33
O5 NAG I . -10.95 -34.72 20.77
O6 NAG I . -12.94 -35.04 22.49
O7 NAG I . -6.40 -36.02 21.06
H2 NAG I . -8.90 -36.25 21.23
H3 NAG I . -10.35 -37.35 19.06
H4 NAG I . -11.30 -37.14 21.70
H5 NAG I . -12.13 -35.63 19.46
H61 NAG I . -13.87 -36.00 21.03
H62 NAG I . -13.61 -34.51 20.70
H81 NAG I . -5.08 -35.79 18.82
H82 NAG I . -6.06 -36.79 18.07
H83 NAG I . -5.11 -37.33 19.22
HN2 NAG I . -8.09 -36.63 18.66
HO3 NAG I . -10.13 -39.18 20.31
HO4 NAG I . -13.02 -38.10 20.88
HO6 NAG I . -12.12 -34.82 22.56
C1 EDO J . 23.62 31.91 11.46
O1 EDO J . 23.17 32.50 12.65
C2 EDO J . 24.88 32.55 10.96
O2 EDO J . 25.82 31.58 10.57
H11 EDO J . 22.95 31.97 10.77
H12 EDO J . 23.79 30.96 11.60
HO1 EDO J . 22.42 32.16 12.84
H21 EDO J . 25.22 33.13 11.67
H22 EDO J . 24.63 33.14 10.23
HO2 EDO J . 25.92 31.04 11.22
C1 EDO K . 5.80 1.69 5.32
O1 EDO K . 4.99 1.46 6.43
C2 EDO K . 5.83 3.15 4.95
O2 EDO K . 6.54 4.00 5.86
H11 EDO K . 5.50 1.18 4.55
H12 EDO K . 6.71 1.39 5.49
HO1 EDO K . 5.02 0.62 6.60
H21 EDO K . 4.91 3.43 4.86
H22 EDO K . 6.23 3.19 4.06
HO2 EDO K . 6.75 3.50 6.55
C1 EDO L . -27.08 19.67 -18.85
O1 EDO L . -27.55 19.84 -17.55
C2 EDO L . -25.95 20.64 -19.10
O2 EDO L . -25.43 20.50 -20.39
H11 EDO L . -27.78 19.84 -19.51
H12 EDO L . -26.76 18.77 -19.01
HO1 EDO L . -28.21 19.31 -17.44
H21 EDO L . -25.28 20.47 -18.42
H22 EDO L . -26.30 21.53 -18.94
HO2 EDO L . -25.85 19.85 -20.78
C1 MAN M . 21.65 40.93 -13.24
C2 MAN M . 21.07 40.50 -14.59
C3 MAN M . 19.69 41.10 -14.82
C4 MAN M . 18.79 40.89 -13.59
C5 MAN M . 19.50 41.54 -12.38
C6 MAN M . 18.67 41.43 -11.12
O1 MAN M . 22.18 42.23 -13.40
O2 MAN M . 21.07 39.08 -14.58
O3 MAN M . 19.13 40.51 -15.98
O4 MAN M . 17.54 41.45 -13.86
O5 MAN M . 20.74 40.87 -12.17
O6 MAN M . 19.50 41.66 -10.00
H1 MAN M . 22.33 40.28 -12.99
H2 MAN M . 21.65 40.85 -15.28
H3 MAN M . 19.81 42.05 -14.95
H4 MAN M . 18.69 39.93 -13.44
H5 MAN M . 19.63 42.49 -12.54
H61 MAN M . 18.25 40.56 -11.09
H62 MAN M . 17.95 42.09 -11.16
HO1 MAN M . 21.83 42.59 -14.09
HO2 MAN M . 20.37 38.84 -15.00
HO3 MAN M . 18.47 40.04 -15.73
HO4 MAN M . 17.63 42.30 -13.94
HO6 MAN M . 20.27 41.86 -10.28
C1 NAG N . -0.02 39.45 19.57
C2 NAG N . 0.79 40.29 20.55
C3 NAG N . 1.20 41.60 19.89
C4 NAG N . 1.81 41.41 18.50
C5 NAG N . 0.89 40.52 17.66
C6 NAG N . 1.39 40.22 16.27
C7 NAG N . 0.24 39.99 22.91
C8 NAG N . -0.65 40.44 24.01
N2 NAG N . 0.03 40.58 21.73
O3 NAG N . 2.13 42.26 20.73
O4 NAG N . 1.98 42.70 17.93
O5 NAG N . 0.72 39.30 18.38
O6 NAG N . 2.72 39.75 16.33
O7 NAG N . 1.12 39.17 23.13
H2 NAG N . 1.59 39.78 20.78
H3 NAG N . 0.38 42.09 19.78
H4 NAG N . 2.67 40.97 18.60
H5 NAG N . 0.04 40.98 17.53
H61 NAG N . 1.30 41.02 15.73
H62 NAG N . 0.79 39.55 15.87
H81 NAG N . -1.17 39.69 24.33
H82 NAG N . -1.24 41.14 23.67
H83 NAG N . -0.11 40.80 24.74
HN2 NAG N . -0.60 41.16 21.67
HO3 NAG N . 2.34 42.99 20.37
HO4 NAG N . 2.45 42.62 17.23
HO6 NAG N . 2.98 39.62 15.53
PA FAD O . -6.37 16.66 -0.11
O1A FAD O . -6.99 17.28 1.10
O2A FAD O . -5.57 15.36 0.00
O5B FAD O . -7.56 16.42 -1.19
C5B FAD O . -7.33 15.65 -2.36
C4B FAD O . -8.65 14.91 -2.68
O4B FAD O . -8.61 14.44 -4.02
C3B FAD O . -8.88 13.71 -1.75
O3B FAD O . -10.19 13.82 -1.24
C2B FAD O . -8.67 12.55 -2.73
O2B FAD O . -9.40 11.43 -2.40
C1B FAD O . -9.11 13.12 -4.06
N9A FAD O . -8.59 12.55 -5.27
C8A FAD O . -7.40 11.91 -5.47
N7A FAD O . -7.21 11.54 -6.69
C5A FAD O . -8.35 11.93 -7.36
C6A FAD O . -8.77 11.83 -8.70
N6A FAD O . -8.03 11.28 -9.66
N1A FAD O . -9.96 12.33 -9.01
C2A FAD O . -10.70 12.90 -8.06
N3A FAD O . -10.41 13.04 -6.76
C4A FAD O . -9.21 12.55 -6.49
N1 FAD O . -2.09 19.55 8.13
C2 FAD O . -2.12 20.38 9.22
O2 FAD O . -2.27 21.58 9.12
N3 FAD O . -1.94 19.82 10.50
C4 FAD O . -1.73 18.47 10.77
O4 FAD O . -1.61 18.03 11.89
C4X FAD O . -1.70 17.59 9.56
N5 FAD O . -1.51 16.29 9.71
C5X FAD O . -1.48 15.52 8.58
C6 FAD O . -1.34 14.13 8.75
C7 FAD O . -1.34 13.26 7.68
C7M FAD O . -1.18 11.79 7.92
C8 FAD O . -1.56 13.81 6.40
C8M FAD O . -1.57 12.95 5.16
C9 FAD O . -1.72 15.18 6.23
C9A FAD O . -1.71 16.07 7.31
N10 FAD O . -1.93 17.44 7.19
C10 FAD O . -1.90 18.25 8.29
C1' FAD O . -2.06 18.08 5.88
C2' FAD O . -3.43 18.27 5.25
O2' FAD O . -4.22 17.22 5.67
C3' FAD O . -3.19 18.31 3.76
O3' FAD O . -2.03 19.07 3.44
C4' FAD O . -4.42 18.92 2.98
O4' FAD O . -5.49 18.09 3.37
C5' FAD O . -4.09 19.02 1.50
O5' FAD O . -5.16 19.54 0.81
P FAD O . -5.30 19.34 -0.75
O1P FAD O . -6.61 19.97 -1.23
O2P FAD O . -4.01 19.67 -1.46
O3P FAD O . -5.45 17.72 -0.88
H51A FAD O . -7.05 16.22 -3.10
H52A FAD O . -6.60 15.01 -2.21
H4B FAD O . -9.39 15.52 -2.65
H3B FAD O . -8.25 13.64 -1.03
HO3A FAD O . -10.40 13.07 -0.89
H2B FAD O . -7.71 12.42 -2.74
HO2A FAD O . -9.93 11.24 -3.05
H1B FAD O . -10.07 12.99 -4.13
H8A FAD O . -6.80 11.77 -4.78
H61A FAD O . -7.20 11.13 -9.54
H62A FAD O . -8.39 11.02 -10.41
H2A FAD O . -11.52 13.25 -8.33
HN3 FAD O . -1.96 20.36 11.17
H6 FAD O . -1.23 13.80 9.62
HM71 FAD O . -0.81 11.35 7.15
HM72 FAD O . -0.60 11.62 8.67
HM73 FAD O . -2.04 11.37 8.10
HM81 FAD O . -0.82 12.32 5.16
HM82 FAD O . -1.48 13.48 4.35
HM83 FAD O . -2.38 12.43 5.09
H9 FAD O . -1.82 15.49 5.36
H1'1 FAD O . -1.64 18.95 5.99
H1'2 FAD O . -1.51 17.56 5.28
H2' FAD O . -3.85 19.11 5.51
HO2' FAD O . -5.02 17.35 5.38
H3' FAD O . -3.05 17.39 3.50
HO3' FAD O . -1.52 18.61 2.95
H4' FAD O . -4.64 19.83 3.21
HO4' FAD O . -5.65 17.47 2.80
H5'1 FAD O . -3.87 18.14 1.13
H5'2 FAD O . -3.31 19.57 1.36
CL CL P . -3.94 33.30 26.58
CL CL Q . -29.47 26.46 -0.59
CL CL R . -15.63 4.50 14.21
CL CL S . -15.01 32.78 3.36
CL CL T . -21.37 3.95 -15.81
CL CL U . 20.20 0.65 12.26
CL CL V . -19.88 13.09 -23.91
NA NA W . 17.69 20.14 5.58
NA NA X . 3.92 31.97 -10.49
NA NA Y . 1.29 13.38 12.00
NA NA Z . -11.17 37.93 10.05
BA BA AA . 1.04 19.71 8.04
BA BA BA . -3.70 14.31 23.96
BA BA CA . -4.75 28.09 22.09
BA BA DA . 27.41 27.86 -1.91
BA BA EA . 12.78 24.01 -15.81
BA BA FA . -5.44 3.80 -22.40
BR BR GA . 2.50 35.77 20.69
BR BR HA . -17.89 24.97 18.27
C1 EDO IA . 8.02 -32.27 21.67
O1 EDO IA . 8.27 -30.97 22.11
C2 EDO IA . 8.25 -32.36 20.19
O2 EDO IA . 9.60 -32.58 19.86
H11 EDO IA . 7.10 -32.53 21.86
H12 EDO IA . 8.59 -32.91 22.11
HO1 EDO IA . 8.13 -30.96 22.95
H21 EDO IA . 7.92 -31.54 19.80
H22 EDO IA . 7.68 -33.07 19.86
HO2 EDO IA . 10.10 -32.19 20.42
C1 EDO JA . 6.94 -5.44 1.67
O1 EDO JA . 8.12 -5.94 2.26
C2 EDO JA . 6.70 -4.00 2.05
O2 EDO JA . 7.11 -3.08 1.04
H11 EDO JA . 6.16 -5.96 1.94
H12 EDO JA . 6.99 -5.50 0.70
HO1 EDO JA . 8.22 -6.74 1.99
H21 EDO JA . 7.18 -3.85 2.88
H22 EDO JA . 5.75 -3.91 2.25
HO2 EDO JA . 7.75 -3.45 0.60
C1 NAG KA . 28.03 -21.89 3.37
C2 NAG KA . 27.63 -23.16 4.12
C3 NAG KA . 28.16 -23.15 5.58
C4 NAG KA . 29.68 -22.96 5.56
C5 NAG KA . 29.98 -21.66 4.78
C6 NAG KA . 31.47 -21.38 4.68
C7 NAG KA . 25.61 -24.50 3.66
C8 NAG KA . 24.13 -24.59 3.82
N2 NAG KA . 26.20 -23.39 4.15
O3 NAG KA . 27.78 -24.35 6.21
O4 NAG KA . 30.10 -22.91 6.90
O5 NAG KA . 29.44 -21.72 3.46
O6 NAG KA . 32.10 -22.42 3.96
O7 NAG KA . 26.20 -25.45 3.15
H2 NAG KA . 28.04 -23.88 3.62
H3 NAG KA . 27.76 -22.40 6.04
H4 NAG KA . 30.10 -23.69 5.11
H5 NAG KA . 29.55 -20.93 5.26
H61 NAG KA . 31.82 -21.28 5.57
H62 NAG KA . 31.58 -20.52 4.25
H81 NAG KA . 23.72 -24.68 2.94
H82 NAG KA . 23.81 -23.78 4.24
H83 NAG KA . 23.91 -25.36 4.36
HN2 NAG KA . 25.71 -22.78 4.50
HO3 NAG KA . 28.26 -24.44 6.91
HO4 NAG KA . 30.95 -22.85 6.92
HO6 NAG KA . 32.93 -22.23 3.91
C1 EDO LA . -5.07 -39.57 21.12
O1 EDO LA . -3.89 -39.72 20.39
C2 EDO LA . -5.48 -40.87 21.77
O2 EDO LA . -4.39 -41.45 22.47
H11 EDO LA . -5.80 -39.26 20.56
H12 EDO LA . -4.97 -38.91 21.82
HO1 EDO LA . -3.67 -38.96 20.09
H21 EDO LA . -5.81 -41.45 21.06
H22 EDO LA . -6.24 -40.69 22.35
HO2 EDO LA . -3.71 -40.96 22.33
C1 NAG MA . 7.99 -40.65 -15.97
C2 NAG MA . 9.12 -41.54 -15.46
C3 NAG MA . 8.56 -42.95 -15.21
C4 NAG MA . 7.44 -42.86 -14.16
C5 NAG MA . 6.36 -41.91 -14.70
C6 NAG MA . 5.22 -41.65 -13.71
C7 NAG MA . 11.44 -41.14 -16.03
C8 NAG MA . 12.49 -41.32 -17.07
N2 NAG MA . 10.22 -41.60 -16.35
O3 NAG MA . 9.60 -43.79 -14.82
O4 NAG MA . 6.95 -44.17 -13.96
O5 NAG MA . 6.91 -40.65 -15.05
O6 NAG MA . 5.69 -40.90 -12.61
O7 NAG MA . 11.72 -40.65 -14.94
H2 NAG MA . 9.42 -41.14 -14.63
H3 NAG MA . 8.17 -43.28 -16.03
H4 NAG MA . 7.81 -42.51 -13.34
H5 NAG MA . 6.01 -42.34 -15.49
H61 NAG MA . 4.87 -42.50 -13.45
H62 NAG MA . 4.52 -41.19 -14.19
H81 NAG MA . 12.90 -40.47 -17.27
H82 NAG MA . 12.07 -41.67 -17.88
H83 NAG MA . 13.15 -41.95 -16.75
HN2 NAG MA . 10.10 -41.94 -17.12
HO3 NAG MA . 9.29 -44.38 -14.31
HO4 NAG MA . 6.36 -44.15 -13.35
HO6 NAG MA . 6.37 -40.46 -12.86
PA FAD NA . -6.87 -14.99 -6.44
O1A FAD NA . -6.41 -15.60 -7.71
O2A FAD NA . -6.09 -13.93 -5.72
O5B FAD NA . -8.37 -14.45 -6.73
C5B FAD NA . -9.13 -13.71 -5.75
C4B FAD NA . -9.95 -12.68 -6.53
O4B FAD NA . -10.93 -12.11 -5.66
C3B FAD NA . -9.13 -11.54 -7.16
O3B FAD NA . -9.54 -11.41 -8.51
C2B FAD NA . -9.51 -10.35 -6.29
O2B FAD NA . -9.48 -9.10 -6.94
C1B FAD NA . -10.94 -10.69 -5.90
N9A FAD NA . -11.49 -10.10 -4.73
C8A FAD NA . -10.84 -9.72 -3.60
N7A FAD NA . -11.64 -9.25 -2.67
C5A FAD NA . -12.89 -9.34 -3.23
C6A FAD NA . -14.19 -9.03 -2.78
N6A FAD NA . -14.42 -8.51 -1.56
N1A FAD NA . -15.23 -9.25 -3.60
C2A FAD NA . -14.98 -9.76 -4.81
N3A FAD NA . -13.82 -10.09 -5.35
C4A FAD NA . -12.83 -9.87 -4.50
N1 FAD NA . 1.63 -19.36 -8.18
C2 FAD NA . 2.37 -20.23 -8.96
O2 FAD NA . 2.00 -21.36 -9.18
N3 FAD NA . 3.58 -19.79 -9.49
C4 FAD NA . 4.15 -18.56 -9.36
O4 FAD NA . 5.22 -18.26 -9.87
C4X FAD NA . 3.33 -17.65 -8.49
N5 FAD NA . 3.78 -16.47 -8.27
C5X FAD NA . 3.03 -15.63 -7.49
C6 FAD NA . 3.49 -14.31 -7.32
C7 FAD NA . 2.76 -13.37 -6.63
C7M FAD NA . 3.31 -12.00 -6.43
C8 FAD NA . 1.52 -13.78 -6.07
C8M FAD NA . 0.71 -12.82 -5.26
C9 FAD NA . 1.03 -15.06 -6.25
C9A FAD NA . 1.76 -16.01 -6.97
N10 FAD NA . 1.31 -17.30 -7.22
C10 FAD NA . 2.08 -18.15 -7.98
C1' FAD NA . 0.08 -17.86 -6.68
C2' FAD NA . -1.25 -17.74 -7.42
O2' FAD NA . -1.15 -16.60 -8.18
C3' FAD NA . -2.33 -17.70 -6.35
O3' FAD NA . -2.09 -18.64 -5.30
C4' FAD NA . -3.75 -17.97 -6.91
O4' FAD NA . -3.93 -17.00 -7.88
C5' FAD NA . -4.75 -17.91 -5.76
O5' FAD NA . -6.01 -18.14 -6.31
P FAD NA . -7.31 -17.81 -5.48
O1P FAD NA . -8.50 -18.15 -6.34
O2P FAD NA . -7.20 -18.30 -4.07
O3P FAD NA . -7.17 -16.17 -5.34
H51A FAD NA . -8.54 -13.28 -5.11
H52A FAD NA . -9.71 -14.30 -5.24
H4B FAD NA . -10.43 -13.14 -7.25
H3B FAD NA . -8.18 -11.69 -7.09
HO3A FAD NA . -9.00 -10.88 -8.90
H2B FAD NA . -8.90 -10.41 -5.54
HO2A FAD NA . -9.05 -9.21 -7.66
H1B FAD NA . -11.50 -10.37 -6.63
H8A FAD NA . -9.93 -9.81 -3.52
H61A FAD NA . -13.93 -8.73 -0.90
H62A FAD NA . -15.06 -7.94 -1.43
H2A FAD NA . -15.73 -9.90 -5.33
HN3 FAD NA . 4.02 -20.37 -9.96
H6 FAD NA . 4.31 -14.09 -7.71
HM71 FAD NA . 4.28 -12.01 -6.35
HM72 FAD NA . 2.95 -11.58 -5.64
HM73 FAD NA . 3.09 -11.43 -7.19
HM81 FAD NA . -0.04 -13.26 -4.83
HM82 FAD NA . 1.23 -12.41 -4.56
HM83 FAD NA . 0.34 -12.10 -5.80
H9 FAD NA . 0.22 -15.27 -5.87
H1'1 FAD NA . -0.02 -17.46 -5.80
H1'2 FAD NA . 0.28 -18.80 -6.55
H2' FAD NA . -1.42 -18.51 -7.98
HO2' FAD NA . -1.87 -16.51 -8.62
H3' FAD NA . -2.25 -16.80 -5.99
HO3' FAD NA . -2.28 -19.41 -5.61
H4' FAD NA . -3.82 -18.86 -7.30
HO4' FAD NA . -4.30 -16.30 -7.59
H5'1 FAD NA . -4.56 -18.59 -5.09
H5'2 FAD NA . -4.74 -17.05 -5.33
CL CL OA . 1.77 -2.71 -21.03
CL CL PA . -6.06 -10.34 -26.35
CL CL QA . 13.54 -8.16 0.01
NA NA RA . 24.55 -27.38 2.48
NA NA SA . -3.36 -0.16 2.38
BA BA TA . 3.26 -20.20 -5.59
BA BA UA . -0.08 -22.49 -27.42
BA BA VA . 9.67 -28.36 -19.70
BA BA WA . -21.85 -0.86 8.72
BA BA XA . 19.58 -34.78 1.91
BA BA YA . 21.43 -11.46 -21.08
BR BR ZA . 14.36 -15.40 -18.33
#